data_6HOB
# 
_entry.id   6HOB 
# 
_audit_conform.dict_name       mmcif_pdbx.dic 
_audit_conform.dict_version    5.383 
_audit_conform.dict_location   http://mmcif.pdb.org/dictionaries/ascii/mmcif_pdbx.dic 
# 
loop_
_database_2.database_id 
_database_2.database_code 
_database_2.pdbx_database_accession 
_database_2.pdbx_DOI 
PDB   6HOB         pdb_00006hob 10.2210/pdb6hob/pdb 
WWPDB D_1200011942 ?            ?                   
# 
loop_
_pdbx_audit_revision_history.ordinal 
_pdbx_audit_revision_history.data_content_type 
_pdbx_audit_revision_history.major_revision 
_pdbx_audit_revision_history.minor_revision 
_pdbx_audit_revision_history.revision_date 
1 'Structure model' 1 0 2018-12-26 
2 'Structure model' 1 1 2019-01-23 
3 'Structure model' 1 2 2024-01-24 
# 
_pdbx_audit_revision_details.ordinal             1 
_pdbx_audit_revision_details.revision_ordinal    1 
_pdbx_audit_revision_details.data_content_type   'Structure model' 
_pdbx_audit_revision_details.provider            repository 
_pdbx_audit_revision_details.type                'Initial release' 
_pdbx_audit_revision_details.description         ? 
_pdbx_audit_revision_details.details             ? 
# 
loop_
_pdbx_audit_revision_group.ordinal 
_pdbx_audit_revision_group.revision_ordinal 
_pdbx_audit_revision_group.data_content_type 
_pdbx_audit_revision_group.group 
1 2 'Structure model' 'Data collection'        
2 2 'Structure model' 'Database references'    
3 3 'Structure model' 'Data collection'        
4 3 'Structure model' 'Database references'    
5 3 'Structure model' 'Refinement description' 
# 
loop_
_pdbx_audit_revision_category.ordinal 
_pdbx_audit_revision_category.revision_ordinal 
_pdbx_audit_revision_category.data_content_type 
_pdbx_audit_revision_category.category 
1 2 'Structure model' citation                      
2 3 'Structure model' chem_comp_atom                
3 3 'Structure model' chem_comp_bond                
4 3 'Structure model' database_2                    
5 3 'Structure model' pdbx_initial_refinement_model 
# 
loop_
_pdbx_audit_revision_item.ordinal 
_pdbx_audit_revision_item.revision_ordinal 
_pdbx_audit_revision_item.data_content_type 
_pdbx_audit_revision_item.item 
1 2 'Structure model' '_citation.journal_volume'            
2 2 'Structure model' '_citation.page_first'                
3 2 'Structure model' '_citation.page_last'                 
4 3 'Structure model' '_database_2.pdbx_DOI'                
5 3 'Structure model' '_database_2.pdbx_database_accession' 
# 
_pdbx_database_status.status_code                     REL 
_pdbx_database_status.status_code_sf                  REL 
_pdbx_database_status.status_code_mr                  ? 
_pdbx_database_status.entry_id                        6HOB 
_pdbx_database_status.recvd_initial_deposition_date   2018-09-17 
_pdbx_database_status.SG_entry                        N 
_pdbx_database_status.deposit_site                    PDBE 
_pdbx_database_status.process_site                    PDBE 
_pdbx_database_status.status_code_cs                  ? 
_pdbx_database_status.methods_development_category    ? 
_pdbx_database_status.pdb_format_compatible           Y 
_pdbx_database_status.status_code_nmr_data            ? 
# 
loop_
_audit_author.name 
_audit_author.pdbx_ordinal 
_audit_author.identifier_ORCID 
'Wintjens, R.'  1 0000-0002-0234-7847 
'Wohlkonig, A.' 2 0000-0003-3103-5022 
# 
_citation.abstract                  ? 
_citation.abstract_id_CAS           ? 
_citation.book_id_ISBN              ? 
_citation.book_publisher            ? 
_citation.book_publisher_city       ? 
_citation.book_title                ? 
_citation.coordinate_linkage        ? 
_citation.country                   ? 
_citation.database_id_Medline       ? 
_citation.details                   ? 
_citation.id                        primary 
_citation.journal_abbrev            'Biochim Biophys Acta Proteins Proteom' 
_citation.journal_id_ASTM           ? 
_citation.journal_id_CSD            ? 
_citation.journal_id_ISSN           1878-1454 
_citation.journal_full              ? 
_citation.journal_issue             ? 
_citation.journal_volume            1867 
_citation.language                  ? 
_citation.page_first                248 
_citation.page_last                 258 
_citation.title                     
'A comprehensive analysis of the protein-ligand interactions in crystal structures of Mycobacterium tuberculosis EthR.' 
_citation.year                      2018 
_citation.database_id_CSD           ? 
_citation.pdbx_database_id_DOI      10.1016/j.bbapap.2018.12.003 
_citation.pdbx_database_id_PubMed   30553830 
_citation.unpublished_flag          ? 
# 
loop_
_citation_author.citation_id 
_citation_author.name 
_citation_author.ordinal 
_citation_author.identifier_ORCID 
primary 'Tanina, A.'     1  ? 
primary 'Wohlkonig, A.'  2  ? 
primary 'Soror, S.H.'    3  ? 
primary 'Flipo, M.'      4  ? 
primary 'Villemagne, B.' 5  ? 
primary 'Prevet, H.'     6  ? 
primary 'Deprez, B.'     7  ? 
primary 'Moune, M.'      8  ? 
primary 'Peree, H.'      9  ? 
primary 'Meyer, F.'      10 ? 
primary 'Baulard, A.R.'  11 ? 
primary 'Willand, N.'    12 ? 
primary 'Wintjens, R.'   13 ? 
# 
loop_
_entity.id 
_entity.type 
_entity.src_method 
_entity.pdbx_description 
_entity.formula_weight 
_entity.pdbx_number_of_molecules 
_entity.pdbx_ec 
_entity.pdbx_mutation 
_entity.pdbx_fragment 
_entity.details 
1 polymer     man 'HTH-type transcriptional regulator EthR'                                             24927.980 1  ? ? ? ? 
2 non-polymer syn '4-[2-(2-methylpropyl)-1,3-thiazol-4-yl]-~{N}-[3,3,3-tris(fluoranyl)propyl]benzamide' 356.406   1  ? ? ? ? 
3 water       nat water                                                                                 18.015    53 ? ? ? ? 
# 
_entity_poly.entity_id                      1 
_entity_poly.type                           'polypeptide(L)' 
_entity_poly.nstd_linkage                   no 
_entity_poly.nstd_monomer                   no 
_entity_poly.pdbx_seq_one_letter_code       
;MTTSAASQASLPMTTSAASQASLPRGRRTARPSGDDRELAILATAENLLEDRPLADISVDDLAKGAGISRPTFYFYFPSK
EAVLLTLLDRVVNQADMALQTLAENPADTDRENMWRTGINVFFETFGSHKAVTRAGQAARATSVEVAELWSTFMQKWIAY
TAAVIDAERDRGAAPRTLPAHELATALNLMNERTLFASFAGEQPSVPEARVLDTLVHIWVTSIYGENR
;
_entity_poly.pdbx_seq_one_letter_code_can   
;MTTSAASQASLPMTTSAASQASLPRGRRTARPSGDDRELAILATAENLLEDRPLADISVDDLAKGAGISRPTFYFYFPSK
EAVLLTLLDRVVNQADMALQTLAENPADTDRENMWRTGINVFFETFGSHKAVTRAGQAARATSVEVAELWSTFMQKWIAY
TAAVIDAERDRGAAPRTLPAHELATALNLMNERTLFASFAGEQPSVPEARVLDTLVHIWVTSIYGENR
;
_entity_poly.pdbx_strand_id                 A 
_entity_poly.pdbx_target_identifier         ? 
# 
loop_
_pdbx_entity_nonpoly.entity_id 
_pdbx_entity_nonpoly.name 
_pdbx_entity_nonpoly.comp_id 
2 '4-[2-(2-methylpropyl)-1,3-thiazol-4-yl]-~{N}-[3,3,3-tris(fluoranyl)propyl]benzamide' GJ5 
3 water                                                                                 HOH 
# 
loop_
_entity_poly_seq.entity_id 
_entity_poly_seq.num 
_entity_poly_seq.mon_id 
_entity_poly_seq.hetero 
1 1   MET n 
1 2   THR n 
1 3   THR n 
1 4   SER n 
1 5   ALA n 
1 6   ALA n 
1 7   SER n 
1 8   GLN n 
1 9   ALA n 
1 10  SER n 
1 11  LEU n 
1 12  PRO n 
1 13  MET n 
1 14  THR n 
1 15  THR n 
1 16  SER n 
1 17  ALA n 
1 18  ALA n 
1 19  SER n 
1 20  GLN n 
1 21  ALA n 
1 22  SER n 
1 23  LEU n 
1 24  PRO n 
1 25  ARG n 
1 26  GLY n 
1 27  ARG n 
1 28  ARG n 
1 29  THR n 
1 30  ALA n 
1 31  ARG n 
1 32  PRO n 
1 33  SER n 
1 34  GLY n 
1 35  ASP n 
1 36  ASP n 
1 37  ARG n 
1 38  GLU n 
1 39  LEU n 
1 40  ALA n 
1 41  ILE n 
1 42  LEU n 
1 43  ALA n 
1 44  THR n 
1 45  ALA n 
1 46  GLU n 
1 47  ASN n 
1 48  LEU n 
1 49  LEU n 
1 50  GLU n 
1 51  ASP n 
1 52  ARG n 
1 53  PRO n 
1 54  LEU n 
1 55  ALA n 
1 56  ASP n 
1 57  ILE n 
1 58  SER n 
1 59  VAL n 
1 60  ASP n 
1 61  ASP n 
1 62  LEU n 
1 63  ALA n 
1 64  LYS n 
1 65  GLY n 
1 66  ALA n 
1 67  GLY n 
1 68  ILE n 
1 69  SER n 
1 70  ARG n 
1 71  PRO n 
1 72  THR n 
1 73  PHE n 
1 74  TYR n 
1 75  PHE n 
1 76  TYR n 
1 77  PHE n 
1 78  PRO n 
1 79  SER n 
1 80  LYS n 
1 81  GLU n 
1 82  ALA n 
1 83  VAL n 
1 84  LEU n 
1 85  LEU n 
1 86  THR n 
1 87  LEU n 
1 88  LEU n 
1 89  ASP n 
1 90  ARG n 
1 91  VAL n 
1 92  VAL n 
1 93  ASN n 
1 94  GLN n 
1 95  ALA n 
1 96  ASP n 
1 97  MET n 
1 98  ALA n 
1 99  LEU n 
1 100 GLN n 
1 101 THR n 
1 102 LEU n 
1 103 ALA n 
1 104 GLU n 
1 105 ASN n 
1 106 PRO n 
1 107 ALA n 
1 108 ASP n 
1 109 THR n 
1 110 ASP n 
1 111 ARG n 
1 112 GLU n 
1 113 ASN n 
1 114 MET n 
1 115 TRP n 
1 116 ARG n 
1 117 THR n 
1 118 GLY n 
1 119 ILE n 
1 120 ASN n 
1 121 VAL n 
1 122 PHE n 
1 123 PHE n 
1 124 GLU n 
1 125 THR n 
1 126 PHE n 
1 127 GLY n 
1 128 SER n 
1 129 HIS n 
1 130 LYS n 
1 131 ALA n 
1 132 VAL n 
1 133 THR n 
1 134 ARG n 
1 135 ALA n 
1 136 GLY n 
1 137 GLN n 
1 138 ALA n 
1 139 ALA n 
1 140 ARG n 
1 141 ALA n 
1 142 THR n 
1 143 SER n 
1 144 VAL n 
1 145 GLU n 
1 146 VAL n 
1 147 ALA n 
1 148 GLU n 
1 149 LEU n 
1 150 TRP n 
1 151 SER n 
1 152 THR n 
1 153 PHE n 
1 154 MET n 
1 155 GLN n 
1 156 LYS n 
1 157 TRP n 
1 158 ILE n 
1 159 ALA n 
1 160 TYR n 
1 161 THR n 
1 162 ALA n 
1 163 ALA n 
1 164 VAL n 
1 165 ILE n 
1 166 ASP n 
1 167 ALA n 
1 168 GLU n 
1 169 ARG n 
1 170 ASP n 
1 171 ARG n 
1 172 GLY n 
1 173 ALA n 
1 174 ALA n 
1 175 PRO n 
1 176 ARG n 
1 177 THR n 
1 178 LEU n 
1 179 PRO n 
1 180 ALA n 
1 181 HIS n 
1 182 GLU n 
1 183 LEU n 
1 184 ALA n 
1 185 THR n 
1 186 ALA n 
1 187 LEU n 
1 188 ASN n 
1 189 LEU n 
1 190 MET n 
1 191 ASN n 
1 192 GLU n 
1 193 ARG n 
1 194 THR n 
1 195 LEU n 
1 196 PHE n 
1 197 ALA n 
1 198 SER n 
1 199 PHE n 
1 200 ALA n 
1 201 GLY n 
1 202 GLU n 
1 203 GLN n 
1 204 PRO n 
1 205 SER n 
1 206 VAL n 
1 207 PRO n 
1 208 GLU n 
1 209 ALA n 
1 210 ARG n 
1 211 VAL n 
1 212 LEU n 
1 213 ASP n 
1 214 THR n 
1 215 LEU n 
1 216 VAL n 
1 217 HIS n 
1 218 ILE n 
1 219 TRP n 
1 220 VAL n 
1 221 THR n 
1 222 SER n 
1 223 ILE n 
1 224 TYR n 
1 225 GLY n 
1 226 GLU n 
1 227 ASN n 
1 228 ARG n 
# 
_entity_src_gen.entity_id                          1 
_entity_src_gen.pdbx_src_id                        1 
_entity_src_gen.pdbx_alt_source_flag               sample 
_entity_src_gen.pdbx_seq_type                      'Biological sequence' 
_entity_src_gen.pdbx_beg_seq_num                   1 
_entity_src_gen.pdbx_end_seq_num                   228 
_entity_src_gen.gene_src_common_name               ? 
_entity_src_gen.gene_src_genus                     ? 
_entity_src_gen.pdbx_gene_src_gene                 'ethR, etaR, MT3970' 
_entity_src_gen.gene_src_species                   ? 
_entity_src_gen.gene_src_strain                    ? 
_entity_src_gen.gene_src_tissue                    ? 
_entity_src_gen.gene_src_tissue_fraction           ? 
_entity_src_gen.gene_src_details                   ? 
_entity_src_gen.pdbx_gene_src_fragment             ? 
_entity_src_gen.pdbx_gene_src_scientific_name      'Mycobacterium tuberculosis CDC1551' 
_entity_src_gen.pdbx_gene_src_ncbi_taxonomy_id     83331 
_entity_src_gen.pdbx_gene_src_variant              'CDC 1551 / Oshkosh' 
_entity_src_gen.pdbx_gene_src_cell_line            ? 
_entity_src_gen.pdbx_gene_src_atcc                 ? 
_entity_src_gen.pdbx_gene_src_organ                ? 
_entity_src_gen.pdbx_gene_src_organelle            ? 
_entity_src_gen.pdbx_gene_src_cell                 ? 
_entity_src_gen.pdbx_gene_src_cellular_location    ? 
_entity_src_gen.host_org_common_name               ? 
_entity_src_gen.pdbx_host_org_scientific_name      'Escherichia coli BL21' 
_entity_src_gen.pdbx_host_org_ncbi_taxonomy_id     511693 
_entity_src_gen.host_org_genus                     ? 
_entity_src_gen.pdbx_host_org_gene                 ? 
_entity_src_gen.pdbx_host_org_organ                ? 
_entity_src_gen.host_org_species                   ? 
_entity_src_gen.pdbx_host_org_tissue               ? 
_entity_src_gen.pdbx_host_org_tissue_fraction      ? 
_entity_src_gen.pdbx_host_org_strain               ? 
_entity_src_gen.pdbx_host_org_variant              ? 
_entity_src_gen.pdbx_host_org_cell_line            ? 
_entity_src_gen.pdbx_host_org_atcc                 ? 
_entity_src_gen.pdbx_host_org_culture_collection   ? 
_entity_src_gen.pdbx_host_org_cell                 ? 
_entity_src_gen.pdbx_host_org_organelle            ? 
_entity_src_gen.pdbx_host_org_cellular_location    ? 
_entity_src_gen.pdbx_host_org_vector_type          ? 
_entity_src_gen.pdbx_host_org_vector               ? 
_entity_src_gen.host_org_details                   ? 
_entity_src_gen.expression_system_id               ? 
_entity_src_gen.plasmid_name                       ? 
_entity_src_gen.plasmid_details                    ? 
_entity_src_gen.pdbx_description                   ? 
# 
loop_
_chem_comp.id 
_chem_comp.type 
_chem_comp.mon_nstd_flag 
_chem_comp.name 
_chem_comp.pdbx_synonyms 
_chem_comp.formula 
_chem_comp.formula_weight 
ALA 'L-peptide linking' y ALANINE                                                                               ? 'C3 H7 N O2' 
89.093  
ARG 'L-peptide linking' y ARGININE                                                                              ? 'C6 H15 N4 O2 1' 
175.209 
ASN 'L-peptide linking' y ASPARAGINE                                                                            ? 'C4 H8 N2 O3' 
132.118 
ASP 'L-peptide linking' y 'ASPARTIC ACID'                                                                       ? 'C4 H7 N O4' 
133.103 
GJ5 non-polymer         . '4-[2-(2-methylpropyl)-1,3-thiazol-4-yl]-~{N}-[3,3,3-tris(fluoranyl)propyl]benzamide' ? 
'C17 H19 F3 N2 O S' 356.406 
GLN 'L-peptide linking' y GLUTAMINE                                                                             ? 'C5 H10 N2 O3' 
146.144 
GLU 'L-peptide linking' y 'GLUTAMIC ACID'                                                                       ? 'C5 H9 N O4' 
147.129 
GLY 'peptide linking'   y GLYCINE                                                                               ? 'C2 H5 N O2' 
75.067  
HIS 'L-peptide linking' y HISTIDINE                                                                             ? 'C6 H10 N3 O2 1' 
156.162 
HOH non-polymer         . WATER                                                                                 ? 'H2 O' 18.015  
ILE 'L-peptide linking' y ISOLEUCINE                                                                            ? 'C6 H13 N O2' 
131.173 
LEU 'L-peptide linking' y LEUCINE                                                                               ? 'C6 H13 N O2' 
131.173 
LYS 'L-peptide linking' y LYSINE                                                                                ? 'C6 H15 N2 O2 1' 
147.195 
MET 'L-peptide linking' y METHIONINE                                                                            ? 'C5 H11 N O2 S' 
149.211 
PHE 'L-peptide linking' y PHENYLALANINE                                                                         ? 'C9 H11 N O2' 
165.189 
PRO 'L-peptide linking' y PROLINE                                                                               ? 'C5 H9 N O2' 
115.130 
SER 'L-peptide linking' y SERINE                                                                                ? 'C3 H7 N O3' 
105.093 
THR 'L-peptide linking' y THREONINE                                                                             ? 'C4 H9 N O3' 
119.119 
TRP 'L-peptide linking' y TRYPTOPHAN                                                                            ? 'C11 H12 N2 O2' 
204.225 
TYR 'L-peptide linking' y TYROSINE                                                                              ? 'C9 H11 N O3' 
181.189 
VAL 'L-peptide linking' y VALINE                                                                                ? 'C5 H11 N O2' 
117.146 
# 
loop_
_pdbx_poly_seq_scheme.asym_id 
_pdbx_poly_seq_scheme.entity_id 
_pdbx_poly_seq_scheme.seq_id 
_pdbx_poly_seq_scheme.mon_id 
_pdbx_poly_seq_scheme.ndb_seq_num 
_pdbx_poly_seq_scheme.pdb_seq_num 
_pdbx_poly_seq_scheme.auth_seq_num 
_pdbx_poly_seq_scheme.pdb_mon_id 
_pdbx_poly_seq_scheme.auth_mon_id 
_pdbx_poly_seq_scheme.pdb_strand_id 
_pdbx_poly_seq_scheme.pdb_ins_code 
_pdbx_poly_seq_scheme.hetero 
A 1 1   MET 1   -11 ?   ?   ?   A . n 
A 1 2   THR 2   -10 ?   ?   ?   A . n 
A 1 3   THR 3   -9  ?   ?   ?   A . n 
A 1 4   SER 4   -8  ?   ?   ?   A . n 
A 1 5   ALA 5   -7  ?   ?   ?   A . n 
A 1 6   ALA 6   -6  ?   ?   ?   A . n 
A 1 7   SER 7   -5  ?   ?   ?   A . n 
A 1 8   GLN 8   -4  ?   ?   ?   A . n 
A 1 9   ALA 9   -3  ?   ?   ?   A . n 
A 1 10  SER 10  -2  ?   ?   ?   A . n 
A 1 11  LEU 11  -1  ?   ?   ?   A . n 
A 1 12  PRO 12  0   ?   ?   ?   A . n 
A 1 13  MET 13  1   ?   ?   ?   A . n 
A 1 14  THR 14  2   ?   ?   ?   A . n 
A 1 15  THR 15  3   ?   ?   ?   A . n 
A 1 16  SER 16  4   ?   ?   ?   A . n 
A 1 17  ALA 17  5   ?   ?   ?   A . n 
A 1 18  ALA 18  6   ?   ?   ?   A . n 
A 1 19  SER 19  7   ?   ?   ?   A . n 
A 1 20  GLN 20  8   ?   ?   ?   A . n 
A 1 21  ALA 21  9   ?   ?   ?   A . n 
A 1 22  SER 22  10  ?   ?   ?   A . n 
A 1 23  LEU 23  11  ?   ?   ?   A . n 
A 1 24  PRO 24  12  ?   ?   ?   A . n 
A 1 25  ARG 25  13  ?   ?   ?   A . n 
A 1 26  GLY 26  14  ?   ?   ?   A . n 
A 1 27  ARG 27  15  ?   ?   ?   A . n 
A 1 28  ARG 28  16  ?   ?   ?   A . n 
A 1 29  THR 29  17  ?   ?   ?   A . n 
A 1 30  ALA 30  18  ?   ?   ?   A . n 
A 1 31  ARG 31  19  ?   ?   ?   A . n 
A 1 32  PRO 32  20  ?   ?   ?   A . n 
A 1 33  SER 33  21  ?   ?   ?   A . n 
A 1 34  GLY 34  22  ?   ?   ?   A . n 
A 1 35  ASP 35  23  ?   ?   ?   A . n 
A 1 36  ASP 36  24  24  ASP ASP A . n 
A 1 37  ARG 37  25  25  ARG ARG A . n 
A 1 38  GLU 38  26  26  GLU GLU A . n 
A 1 39  LEU 39  27  27  LEU LEU A . n 
A 1 40  ALA 40  28  28  ALA ALA A . n 
A 1 41  ILE 41  29  29  ILE ILE A . n 
A 1 42  LEU 42  30  30  LEU LEU A . n 
A 1 43  ALA 43  31  31  ALA ALA A . n 
A 1 44  THR 44  32  32  THR THR A . n 
A 1 45  ALA 45  33  33  ALA ALA A . n 
A 1 46  GLU 46  34  34  GLU GLU A . n 
A 1 47  ASN 47  35  35  ASN ASN A . n 
A 1 48  LEU 48  36  36  LEU LEU A . n 
A 1 49  LEU 49  37  37  LEU LEU A . n 
A 1 50  GLU 50  38  38  GLU GLU A . n 
A 1 51  ASP 51  39  39  ASP ASP A . n 
A 1 52  ARG 52  40  40  ARG ARG A . n 
A 1 53  PRO 53  41  41  PRO PRO A . n 
A 1 54  LEU 54  42  42  LEU LEU A . n 
A 1 55  ALA 55  43  43  ALA ALA A . n 
A 1 56  ASP 56  44  44  ASP ASP A . n 
A 1 57  ILE 57  45  45  ILE ILE A . n 
A 1 58  SER 58  46  46  SER SER A . n 
A 1 59  VAL 59  47  47  VAL VAL A . n 
A 1 60  ASP 60  48  48  ASP ASP A . n 
A 1 61  ASP 61  49  49  ASP ASP A . n 
A 1 62  LEU 62  50  50  LEU LEU A . n 
A 1 63  ALA 63  51  51  ALA ALA A . n 
A 1 64  LYS 64  52  52  LYS LYS A . n 
A 1 65  GLY 65  53  53  GLY GLY A . n 
A 1 66  ALA 66  54  54  ALA ALA A . n 
A 1 67  GLY 67  55  55  GLY GLY A . n 
A 1 68  ILE 68  56  56  ILE ILE A . n 
A 1 69  SER 69  57  57  SER SER A . n 
A 1 70  ARG 70  58  58  ARG ARG A . n 
A 1 71  PRO 71  59  59  PRO PRO A . n 
A 1 72  THR 72  60  60  THR THR A . n 
A 1 73  PHE 73  61  61  PHE PHE A . n 
A 1 74  TYR 74  62  62  TYR TYR A . n 
A 1 75  PHE 75  63  63  PHE PHE A . n 
A 1 76  TYR 76  64  64  TYR TYR A . n 
A 1 77  PHE 77  65  65  PHE PHE A . n 
A 1 78  PRO 78  66  66  PRO PRO A . n 
A 1 79  SER 79  67  67  SER SER A . n 
A 1 80  LYS 80  68  68  LYS LYS A . n 
A 1 81  GLU 81  69  69  GLU GLU A . n 
A 1 82  ALA 82  70  70  ALA ALA A . n 
A 1 83  VAL 83  71  71  VAL VAL A . n 
A 1 84  LEU 84  72  72  LEU LEU A . n 
A 1 85  LEU 85  73  73  LEU LEU A . n 
A 1 86  THR 86  74  74  THR THR A . n 
A 1 87  LEU 87  75  75  LEU LEU A . n 
A 1 88  LEU 88  76  76  LEU LEU A . n 
A 1 89  ASP 89  77  77  ASP ASP A . n 
A 1 90  ARG 90  78  78  ARG ARG A . n 
A 1 91  VAL 91  79  79  VAL VAL A . n 
A 1 92  VAL 92  80  80  VAL VAL A . n 
A 1 93  ASN 93  81  81  ASN ASN A . n 
A 1 94  GLN 94  82  82  GLN GLN A . n 
A 1 95  ALA 95  83  83  ALA ALA A . n 
A 1 96  ASP 96  84  84  ASP ASP A . n 
A 1 97  MET 97  85  85  MET MET A . n 
A 1 98  ALA 98  86  86  ALA ALA A . n 
A 1 99  LEU 99  87  87  LEU LEU A . n 
A 1 100 GLN 100 88  88  GLN GLN A . n 
A 1 101 THR 101 89  89  THR THR A . n 
A 1 102 LEU 102 90  90  LEU LEU A . n 
A 1 103 ALA 103 91  91  ALA ALA A . n 
A 1 104 GLU 104 92  92  GLU GLU A . n 
A 1 105 ASN 105 93  93  ASN ASN A . n 
A 1 106 PRO 106 94  94  PRO PRO A . n 
A 1 107 ALA 107 95  95  ALA ALA A . n 
A 1 108 ASP 108 96  96  ASP ASP A . n 
A 1 109 THR 109 97  97  THR THR A . n 
A 1 110 ASP 110 98  98  ASP ASP A . n 
A 1 111 ARG 111 99  99  ARG ARG A . n 
A 1 112 GLU 112 100 100 GLU GLU A . n 
A 1 113 ASN 113 101 101 ASN ASN A . n 
A 1 114 MET 114 102 102 MET MET A . n 
A 1 115 TRP 115 103 103 TRP TRP A . n 
A 1 116 ARG 116 104 104 ARG ARG A . n 
A 1 117 THR 117 105 105 THR THR A . n 
A 1 118 GLY 118 106 106 GLY GLY A . n 
A 1 119 ILE 119 107 107 ILE ILE A . n 
A 1 120 ASN 120 108 108 ASN ASN A . n 
A 1 121 VAL 121 109 109 VAL VAL A . n 
A 1 122 PHE 122 110 110 PHE PHE A . n 
A 1 123 PHE 123 111 111 PHE PHE A . n 
A 1 124 GLU 124 112 112 GLU GLU A . n 
A 1 125 THR 125 113 113 THR THR A . n 
A 1 126 PHE 126 114 114 PHE PHE A . n 
A 1 127 GLY 127 115 115 GLY GLY A . n 
A 1 128 SER 128 116 116 SER SER A . n 
A 1 129 HIS 129 117 117 HIS HIS A . n 
A 1 130 LYS 130 118 118 LYS LYS A . n 
A 1 131 ALA 131 119 119 ALA ALA A . n 
A 1 132 VAL 132 120 120 VAL VAL A . n 
A 1 133 THR 133 121 121 THR THR A . n 
A 1 134 ARG 134 122 122 ARG ARG A . n 
A 1 135 ALA 135 123 123 ALA ALA A . n 
A 1 136 GLY 136 124 124 GLY GLY A . n 
A 1 137 GLN 137 125 125 GLN GLN A . n 
A 1 138 ALA 138 126 126 ALA ALA A . n 
A 1 139 ALA 139 127 127 ALA ALA A . n 
A 1 140 ARG 140 128 128 ARG ARG A . n 
A 1 141 ALA 141 129 129 ALA ALA A . n 
A 1 142 THR 142 130 130 THR THR A . n 
A 1 143 SER 143 131 131 SER SER A . n 
A 1 144 VAL 144 132 132 VAL VAL A . n 
A 1 145 GLU 145 133 133 GLU GLU A . n 
A 1 146 VAL 146 134 134 VAL VAL A . n 
A 1 147 ALA 147 135 135 ALA ALA A . n 
A 1 148 GLU 148 136 136 GLU GLU A . n 
A 1 149 LEU 149 137 137 LEU LEU A . n 
A 1 150 TRP 150 138 138 TRP TRP A . n 
A 1 151 SER 151 139 139 SER SER A . n 
A 1 152 THR 152 140 140 THR THR A . n 
A 1 153 PHE 153 141 141 PHE PHE A . n 
A 1 154 MET 154 142 142 MET MET A . n 
A 1 155 GLN 155 143 143 GLN GLN A . n 
A 1 156 LYS 156 144 144 LYS LYS A . n 
A 1 157 TRP 157 145 145 TRP TRP A . n 
A 1 158 ILE 158 146 146 ILE ILE A . n 
A 1 159 ALA 159 147 147 ALA ALA A . n 
A 1 160 TYR 160 148 148 TYR TYR A . n 
A 1 161 THR 161 149 149 THR THR A . n 
A 1 162 ALA 162 150 150 ALA ALA A . n 
A 1 163 ALA 163 151 151 ALA ALA A . n 
A 1 164 VAL 164 152 152 VAL VAL A . n 
A 1 165 ILE 165 153 153 ILE ILE A . n 
A 1 166 ASP 166 154 154 ASP ASP A . n 
A 1 167 ALA 167 155 155 ALA ALA A . n 
A 1 168 GLU 168 156 156 GLU GLU A . n 
A 1 169 ARG 169 157 157 ARG ARG A . n 
A 1 170 ASP 170 158 158 ASP ASP A . n 
A 1 171 ARG 171 159 159 ARG ARG A . n 
A 1 172 GLY 172 160 160 GLY GLY A . n 
A 1 173 ALA 173 161 161 ALA ALA A . n 
A 1 174 ALA 174 162 162 ALA ALA A . n 
A 1 175 PRO 175 163 163 PRO PRO A . n 
A 1 176 ARG 176 164 164 ARG ARG A . n 
A 1 177 THR 177 165 165 THR THR A . n 
A 1 178 LEU 178 166 166 LEU LEU A . n 
A 1 179 PRO 179 167 167 PRO PRO A . n 
A 1 180 ALA 180 168 168 ALA ALA A . n 
A 1 181 HIS 181 169 169 HIS HIS A . n 
A 1 182 GLU 182 170 170 GLU GLU A . n 
A 1 183 LEU 183 171 171 LEU LEU A . n 
A 1 184 ALA 184 172 172 ALA ALA A . n 
A 1 185 THR 185 173 173 THR THR A . n 
A 1 186 ALA 186 174 174 ALA ALA A . n 
A 1 187 LEU 187 175 175 LEU LEU A . n 
A 1 188 ASN 188 176 176 ASN ASN A . n 
A 1 189 LEU 189 177 177 LEU LEU A . n 
A 1 190 MET 190 178 178 MET MET A . n 
A 1 191 ASN 191 179 179 ASN ASN A . n 
A 1 192 GLU 192 180 180 GLU GLU A . n 
A 1 193 ARG 193 181 181 ARG ARG A . n 
A 1 194 THR 194 182 182 THR THR A . n 
A 1 195 LEU 195 183 183 LEU LEU A . n 
A 1 196 PHE 196 184 184 PHE PHE A . n 
A 1 197 ALA 197 185 185 ALA ALA A . n 
A 1 198 SER 198 186 186 SER SER A . n 
A 1 199 PHE 199 187 187 PHE PHE A . n 
A 1 200 ALA 200 188 188 ALA ALA A . n 
A 1 201 GLY 201 189 189 GLY GLY A . n 
A 1 202 GLU 202 190 190 GLU GLU A . n 
A 1 203 GLN 203 191 191 GLN GLN A . n 
A 1 204 PRO 204 192 192 PRO PRO A . n 
A 1 205 SER 205 193 193 SER SER A . n 
A 1 206 VAL 206 194 194 VAL VAL A . n 
A 1 207 PRO 207 195 195 PRO PRO A . n 
A 1 208 GLU 208 196 196 GLU GLU A . n 
A 1 209 ALA 209 197 197 ALA ALA A . n 
A 1 210 ARG 210 198 198 ARG ARG A . n 
A 1 211 VAL 211 199 199 VAL VAL A . n 
A 1 212 LEU 212 200 200 LEU LEU A . n 
A 1 213 ASP 213 201 201 ASP ASP A . n 
A 1 214 THR 214 202 202 THR THR A . n 
A 1 215 LEU 215 203 203 LEU LEU A . n 
A 1 216 VAL 216 204 204 VAL VAL A . n 
A 1 217 HIS 217 205 205 HIS HIS A . n 
A 1 218 ILE 218 206 206 ILE ILE A . n 
A 1 219 TRP 219 207 207 TRP TRP A . n 
A 1 220 VAL 220 208 208 VAL VAL A . n 
A 1 221 THR 221 209 209 THR THR A . n 
A 1 222 SER 222 210 210 SER SER A . n 
A 1 223 ILE 223 211 211 ILE ILE A . n 
A 1 224 TYR 224 212 212 TYR TYR A . n 
A 1 225 GLY 225 213 213 GLY GLY A . n 
A 1 226 GLU 226 214 214 GLU GLU A . n 
A 1 227 ASN 227 215 ?   ?   ?   A . n 
A 1 228 ARG 228 216 ?   ?   ?   A . n 
# 
loop_
_pdbx_nonpoly_scheme.asym_id 
_pdbx_nonpoly_scheme.entity_id 
_pdbx_nonpoly_scheme.mon_id 
_pdbx_nonpoly_scheme.ndb_seq_num 
_pdbx_nonpoly_scheme.pdb_seq_num 
_pdbx_nonpoly_scheme.auth_seq_num 
_pdbx_nonpoly_scheme.pdb_mon_id 
_pdbx_nonpoly_scheme.auth_mon_id 
_pdbx_nonpoly_scheme.pdb_strand_id 
_pdbx_nonpoly_scheme.pdb_ins_code 
B 2 GJ5 1  301 1  GJ5 DRG A . 
C 3 HOH 1  401 46 HOH HOH A . 
C 3 HOH 2  402 14 HOH HOH A . 
C 3 HOH 3  403 52 HOH HOH A . 
C 3 HOH 4  404 41 HOH HOH A . 
C 3 HOH 5  405 18 HOH HOH A . 
C 3 HOH 6  406 35 HOH HOH A . 
C 3 HOH 7  407 37 HOH HOH A . 
C 3 HOH 8  408 38 HOH HOH A . 
C 3 HOH 9  409 23 HOH HOH A . 
C 3 HOH 10 410 48 HOH HOH A . 
C 3 HOH 11 411 3  HOH HOH A . 
C 3 HOH 12 412 9  HOH HOH A . 
C 3 HOH 13 413 28 HOH HOH A . 
C 3 HOH 14 414 29 HOH HOH A . 
C 3 HOH 15 415 5  HOH HOH A . 
C 3 HOH 16 416 34 HOH HOH A . 
C 3 HOH 17 417 53 HOH HOH A . 
C 3 HOH 18 418 50 HOH HOH A . 
C 3 HOH 19 419 10 HOH HOH A . 
C 3 HOH 20 420 39 HOH HOH A . 
C 3 HOH 21 421 7  HOH HOH A . 
C 3 HOH 22 422 12 HOH HOH A . 
C 3 HOH 23 423 26 HOH HOH A . 
C 3 HOH 24 424 16 HOH HOH A . 
C 3 HOH 25 425 2  HOH HOH A . 
C 3 HOH 26 426 32 HOH HOH A . 
C 3 HOH 27 427 19 HOH HOH A . 
C 3 HOH 28 428 20 HOH HOH A . 
C 3 HOH 29 429 30 HOH HOH A . 
C 3 HOH 30 430 40 HOH HOH A . 
C 3 HOH 31 431 1  HOH HOH A . 
C 3 HOH 32 432 6  HOH HOH A . 
C 3 HOH 33 433 24 HOH HOH A . 
C 3 HOH 34 434 33 HOH HOH A . 
C 3 HOH 35 435 43 HOH HOH A . 
C 3 HOH 36 436 27 HOH HOH A . 
C 3 HOH 37 437 4  HOH HOH A . 
C 3 HOH 38 438 15 HOH HOH A . 
C 3 HOH 39 439 49 HOH HOH A . 
C 3 HOH 40 440 45 HOH HOH A . 
C 3 HOH 41 441 13 HOH HOH A . 
C 3 HOH 42 442 8  HOH HOH A . 
C 3 HOH 43 443 22 HOH HOH A . 
C 3 HOH 44 444 31 HOH HOH A . 
C 3 HOH 45 445 25 HOH HOH A . 
C 3 HOH 46 446 44 HOH HOH A . 
C 3 HOH 47 447 51 HOH HOH A . 
C 3 HOH 48 448 36 HOH HOH A . 
C 3 HOH 49 449 17 HOH HOH A . 
C 3 HOH 50 450 11 HOH HOH A . 
C 3 HOH 51 451 47 HOH HOH A . 
C 3 HOH 52 452 21 HOH HOH A . 
C 3 HOH 53 453 42 HOH HOH A . 
# 
loop_
_software.citation_id 
_software.classification 
_software.compiler_name 
_software.compiler_version 
_software.contact_author 
_software.contact_author_email 
_software.date 
_software.description 
_software.dependencies 
_software.hardware 
_software.language 
_software.location 
_software.mods 
_software.name 
_software.os 
_software.os_version 
_software.type 
_software.version 
_software.pdbx_ordinal 
? refinement       ? ? ? ? ? ? ? ? ? ? ? REFMAC  ? ? ? 5.8.0232 1 
? 'data reduction' ? ? ? ? ? ? ? ? ? ? ? iMOSFLM ? ? ? .        2 
? phasing          ? ? ? ? ? ? ? ? ? ? ? MOLREP  ? ? ? .        3 
# 
_cell.angle_alpha                  90.00 
_cell.angle_alpha_esd              ? 
_cell.angle_beta                   90.00 
_cell.angle_beta_esd               ? 
_cell.angle_gamma                  90.00 
_cell.angle_gamma_esd              ? 
_cell.entry_id                     6HOB 
_cell.details                      ? 
_cell.formula_units_Z              ? 
_cell.length_a                     121.978 
_cell.length_a_esd                 ? 
_cell.length_b                     121.978 
_cell.length_b_esd                 ? 
_cell.length_c                     33.629 
_cell.length_c_esd                 ? 
_cell.volume                       ? 
_cell.volume_esd                   ? 
_cell.Z_PDB                        8 
_cell.reciprocal_angle_alpha       ? 
_cell.reciprocal_angle_beta        ? 
_cell.reciprocal_angle_gamma       ? 
_cell.reciprocal_angle_alpha_esd   ? 
_cell.reciprocal_angle_beta_esd    ? 
_cell.reciprocal_angle_gamma_esd   ? 
_cell.reciprocal_length_a          ? 
_cell.reciprocal_length_b          ? 
_cell.reciprocal_length_c          ? 
_cell.reciprocal_length_a_esd      ? 
_cell.reciprocal_length_b_esd      ? 
_cell.reciprocal_length_c_esd      ? 
_cell.pdbx_unique_axis             ? 
# 
_symmetry.entry_id                         6HOB 
_symmetry.cell_setting                     ? 
_symmetry.Int_Tables_number                92 
_symmetry.space_group_name_Hall            ? 
_symmetry.space_group_name_H-M             'P 41 21 2' 
_symmetry.pdbx_full_space_group_name_H-M   ? 
# 
_exptl.absorpt_coefficient_mu     ? 
_exptl.absorpt_correction_T_max   ? 
_exptl.absorpt_correction_T_min   ? 
_exptl.absorpt_correction_type    ? 
_exptl.absorpt_process_details    ? 
_exptl.entry_id                   6HOB 
_exptl.crystals_number            1 
_exptl.details                    ? 
_exptl.method                     'X-RAY DIFFRACTION' 
_exptl.method_details             ? 
# 
_exptl_crystal.colour                      ? 
_exptl_crystal.density_diffrn              ? 
_exptl_crystal.density_Matthews            2.41 
_exptl_crystal.density_method              ? 
_exptl_crystal.density_percent_sol         49.06 
_exptl_crystal.description                 ? 
_exptl_crystal.F_000                       ? 
_exptl_crystal.id                          1 
_exptl_crystal.preparation                 ? 
_exptl_crystal.size_max                    ? 
_exptl_crystal.size_mid                    ? 
_exptl_crystal.size_min                    ? 
_exptl_crystal.size_rad                    ? 
_exptl_crystal.colour_lustre               ? 
_exptl_crystal.colour_modifier             ? 
_exptl_crystal.colour_primary              ? 
_exptl_crystal.density_meas                ? 
_exptl_crystal.density_meas_esd            ? 
_exptl_crystal.density_meas_gt             ? 
_exptl_crystal.density_meas_lt             ? 
_exptl_crystal.density_meas_temp           ? 
_exptl_crystal.density_meas_temp_esd       ? 
_exptl_crystal.density_meas_temp_gt        ? 
_exptl_crystal.density_meas_temp_lt        ? 
_exptl_crystal.pdbx_crystal_image_url      ? 
_exptl_crystal.pdbx_crystal_image_format   ? 
_exptl_crystal.pdbx_mosaicity              ? 
_exptl_crystal.pdbx_mosaicity_esd          ? 
# 
_exptl_crystal_grow.apparatus       ? 
_exptl_crystal_grow.atmosphere      ? 
_exptl_crystal_grow.crystal_id      1 
_exptl_crystal_grow.details         ? 
_exptl_crystal_grow.method          'VAPOR DIFFUSION' 
_exptl_crystal_grow.method_ref      ? 
_exptl_crystal_grow.pH              6.7 
_exptl_crystal_grow.pressure        ? 
_exptl_crystal_grow.pressure_esd    ? 
_exptl_crystal_grow.seeding         ? 
_exptl_crystal_grow.seeding_ref     ? 
_exptl_crystal_grow.temp            293 
_exptl_crystal_grow.temp_details    ? 
_exptl_crystal_grow.temp_esd        ? 
_exptl_crystal_grow.time            ? 
_exptl_crystal_grow.pdbx_details    '1.4-1.6 ammonium sulfate, 15% glycerol, 100 mM MES' 
_exptl_crystal_grow.pdbx_pH_range   ? 
# 
_diffrn.ambient_environment              ? 
_diffrn.ambient_temp                     100 
_diffrn.ambient_temp_details             ? 
_diffrn.ambient_temp_esd                 ? 
_diffrn.crystal_id                       1 
_diffrn.crystal_support                  ? 
_diffrn.crystal_treatment                ? 
_diffrn.details                          ? 
_diffrn.id                               1 
_diffrn.ambient_pressure                 ? 
_diffrn.ambient_pressure_esd             ? 
_diffrn.ambient_pressure_gt              ? 
_diffrn.ambient_pressure_lt              ? 
_diffrn.ambient_temp_gt                  ? 
_diffrn.ambient_temp_lt                  ? 
_diffrn.pdbx_serial_crystal_experiment   ? 
# 
_diffrn_detector.details                      ? 
_diffrn_detector.detector                     PIXEL 
_diffrn_detector.diffrn_id                    1 
_diffrn_detector.type                         'DECTRIS PILATUS 6M' 
_diffrn_detector.area_resol_mean              ? 
_diffrn_detector.dtime                        ? 
_diffrn_detector.pdbx_frames_total            ? 
_diffrn_detector.pdbx_collection_time_total   ? 
_diffrn_detector.pdbx_collection_date         2010-12-06 
_diffrn_detector.pdbx_frequency               ? 
# 
_diffrn_radiation.collimation                      ? 
_diffrn_radiation.diffrn_id                        1 
_diffrn_radiation.filter_edge                      ? 
_diffrn_radiation.inhomogeneity                    ? 
_diffrn_radiation.monochromator                    ? 
_diffrn_radiation.polarisn_norm                    ? 
_diffrn_radiation.polarisn_ratio                   ? 
_diffrn_radiation.probe                            ? 
_diffrn_radiation.type                             ? 
_diffrn_radiation.xray_symbol                      ? 
_diffrn_radiation.wavelength_id                    1 
_diffrn_radiation.pdbx_monochromatic_or_laue_m_l   M 
_diffrn_radiation.pdbx_wavelength_list             ? 
_diffrn_radiation.pdbx_wavelength                  ? 
_diffrn_radiation.pdbx_diffrn_protocol             'SINGLE WAVELENGTH' 
_diffrn_radiation.pdbx_analyzer                    ? 
_diffrn_radiation.pdbx_scattering_type             x-ray 
# 
_diffrn_radiation_wavelength.id           1 
_diffrn_radiation_wavelength.wavelength   1.00 
_diffrn_radiation_wavelength.wt           1.0 
# 
_diffrn_source.current                     ? 
_diffrn_source.details                     ? 
_diffrn_source.diffrn_id                   1 
_diffrn_source.power                       ? 
_diffrn_source.size                        ? 
_diffrn_source.source                      SYNCHROTRON 
_diffrn_source.target                      ? 
_diffrn_source.type                        'SLS BEAMLINE X06SA' 
_diffrn_source.voltage                     ? 
_diffrn_source.take-off_angle              ? 
_diffrn_source.pdbx_wavelength_list        1.00 
_diffrn_source.pdbx_wavelength             ? 
_diffrn_source.pdbx_synchrotron_beamline   X06SA 
_diffrn_source.pdbx_synchrotron_site       SLS 
# 
_reflns.B_iso_Wilson_estimate            ? 
_reflns.entry_id                         6HOB 
_reflns.data_reduction_details           ? 
_reflns.data_reduction_method            ? 
_reflns.d_resolution_high                1.80 
_reflns.d_resolution_low                 38.57 
_reflns.details                          ? 
_reflns.limit_h_max                      ? 
_reflns.limit_h_min                      ? 
_reflns.limit_k_max                      ? 
_reflns.limit_k_min                      ? 
_reflns.limit_l_max                      ? 
_reflns.limit_l_min                      ? 
_reflns.number_all                       ? 
_reflns.number_obs                       23495 
_reflns.observed_criterion               ? 
_reflns.observed_criterion_F_max         ? 
_reflns.observed_criterion_F_min         ? 
_reflns.observed_criterion_I_max         ? 
_reflns.observed_criterion_I_min         ? 
_reflns.observed_criterion_sigma_F       ? 
_reflns.observed_criterion_sigma_I       ? 
_reflns.percent_possible_obs             97.4 
_reflns.R_free_details                   ? 
_reflns.Rmerge_F_all                     ? 
_reflns.Rmerge_F_obs                     ? 
_reflns.Friedel_coverage                 ? 
_reflns.number_gt                        ? 
_reflns.threshold_expression             ? 
_reflns.pdbx_redundancy                  12.2 
_reflns.pdbx_Rmerge_I_obs                0.062 
_reflns.pdbx_Rmerge_I_all                ? 
_reflns.pdbx_Rsym_value                  ? 
_reflns.pdbx_netI_over_av_sigmaI         ? 
_reflns.pdbx_netI_over_sigmaI            27.8 
_reflns.pdbx_res_netI_over_av_sigmaI_2   ? 
_reflns.pdbx_res_netI_over_sigmaI_2      ? 
_reflns.pdbx_chi_squared                 ? 
_reflns.pdbx_scaling_rejects             ? 
_reflns.pdbx_d_res_high_opt              ? 
_reflns.pdbx_d_res_low_opt               ? 
_reflns.pdbx_d_res_opt_method            ? 
_reflns.phase_calculation_details        ? 
_reflns.pdbx_Rrim_I_all                  ? 
_reflns.pdbx_Rpim_I_all                  ? 
_reflns.pdbx_d_opt                       ? 
_reflns.pdbx_number_measured_all         ? 
_reflns.pdbx_diffrn_id                   1 
_reflns.pdbx_ordinal                     1 
_reflns.pdbx_CC_half                     ? 
_reflns.pdbx_R_split                     ? 
# 
_reflns_shell.d_res_high                  1.80 
_reflns_shell.d_res_low                   1.90 
_reflns_shell.meanI_over_sigI_all         ? 
_reflns_shell.meanI_over_sigI_obs         4.9 
_reflns_shell.number_measured_all         ? 
_reflns_shell.number_measured_obs         ? 
_reflns_shell.number_possible             ? 
_reflns_shell.number_unique_all           ? 
_reflns_shell.number_unique_obs           2791 
_reflns_shell.percent_possible_all        83.5 
_reflns_shell.percent_possible_obs        ? 
_reflns_shell.Rmerge_F_all                ? 
_reflns_shell.Rmerge_F_obs                ? 
_reflns_shell.Rmerge_I_all                ? 
_reflns_shell.Rmerge_I_obs                0.462 
_reflns_shell.meanI_over_sigI_gt          ? 
_reflns_shell.meanI_over_uI_all           ? 
_reflns_shell.meanI_over_uI_gt            ? 
_reflns_shell.number_measured_gt          ? 
_reflns_shell.number_unique_gt            ? 
_reflns_shell.percent_possible_gt         ? 
_reflns_shell.Rmerge_F_gt                 ? 
_reflns_shell.Rmerge_I_gt                 ? 
_reflns_shell.pdbx_redundancy             8.9 
_reflns_shell.pdbx_Rsym_value             ? 
_reflns_shell.pdbx_chi_squared            ? 
_reflns_shell.pdbx_netI_over_sigmaI_all   ? 
_reflns_shell.pdbx_netI_over_sigmaI_obs   ? 
_reflns_shell.pdbx_Rrim_I_all             ? 
_reflns_shell.pdbx_Rpim_I_all             ? 
_reflns_shell.pdbx_rejects                ? 
_reflns_shell.pdbx_ordinal                1 
_reflns_shell.pdbx_diffrn_id              1 
_reflns_shell.pdbx_CC_half                ? 
_reflns_shell.pdbx_R_split                ? 
# 
_refine.aniso_B[1][1]                            0.00 
_refine.aniso_B[1][2]                            -0.00 
_refine.aniso_B[1][3]                            -0.00 
_refine.aniso_B[2][2]                            0.00 
_refine.aniso_B[2][3]                            -0.00 
_refine.aniso_B[3][3]                            -0.01 
_refine.B_iso_max                                ? 
_refine.B_iso_mean                               24.150 
_refine.B_iso_min                                ? 
_refine.correlation_coeff_Fo_to_Fc               0.955 
_refine.correlation_coeff_Fo_to_Fc_free          0.940 
_refine.details                                  'HYDROGENS HAVE BEEN ADDED IN THE RIDING POSITIONS' 
_refine.diff_density_max                         ? 
_refine.diff_density_max_esd                     ? 
_refine.diff_density_min                         ? 
_refine.diff_density_min_esd                     ? 
_refine.diff_density_rms                         ? 
_refine.diff_density_rms_esd                     ? 
_refine.entry_id                                 6HOB 
_refine.pdbx_refine_id                           'X-RAY DIFFRACTION' 
_refine.ls_abs_structure_details                 ? 
_refine.ls_abs_structure_Flack                   ? 
_refine.ls_abs_structure_Flack_esd               ? 
_refine.ls_abs_structure_Rogers                  ? 
_refine.ls_abs_structure_Rogers_esd              ? 
_refine.ls_d_res_high                            1.80 
_refine.ls_d_res_low                             38.57 
_refine.ls_extinction_coef                       ? 
_refine.ls_extinction_coef_esd                   ? 
_refine.ls_extinction_expression                 ? 
_refine.ls_extinction_method                     ? 
_refine.ls_goodness_of_fit_all                   ? 
_refine.ls_goodness_of_fit_all_esd               ? 
_refine.ls_goodness_of_fit_obs                   ? 
_refine.ls_goodness_of_fit_obs_esd               ? 
_refine.ls_hydrogen_treatment                    ? 
_refine.ls_matrix_type                           ? 
_refine.ls_number_constraints                    ? 
_refine.ls_number_parameters                     ? 
_refine.ls_number_reflns_all                     ? 
_refine.ls_number_reflns_obs                     22285 
_refine.ls_number_reflns_R_free                  1173 
_refine.ls_number_reflns_R_work                  ? 
_refine.ls_number_restraints                     ? 
_refine.ls_percent_reflns_obs                    97.10 
_refine.ls_percent_reflns_R_free                 5.0 
_refine.ls_R_factor_all                          ? 
_refine.ls_R_factor_obs                          0.18415 
_refine.ls_R_factor_R_free                       0.21258 
_refine.ls_R_factor_R_free_error                 ? 
_refine.ls_R_factor_R_free_error_details         ? 
_refine.ls_R_factor_R_work                       0.18264 
_refine.ls_R_Fsqd_factor_obs                     ? 
_refine.ls_R_I_factor_obs                        ? 
_refine.ls_redundancy_reflns_all                 ? 
_refine.ls_redundancy_reflns_obs                 ? 
_refine.ls_restrained_S_all                      ? 
_refine.ls_restrained_S_obs                      ? 
_refine.ls_shift_over_esd_max                    ? 
_refine.ls_shift_over_esd_mean                   ? 
_refine.ls_structure_factor_coef                 ? 
_refine.ls_weighting_details                     ? 
_refine.ls_weighting_scheme                      ? 
_refine.ls_wR_factor_all                         ? 
_refine.ls_wR_factor_obs                         ? 
_refine.ls_wR_factor_R_free                      ? 
_refine.ls_wR_factor_R_work                      ? 
_refine.occupancy_max                            ? 
_refine.occupancy_min                            ? 
_refine.solvent_model_details                    ? 
_refine.solvent_model_param_bsol                 ? 
_refine.solvent_model_param_ksol                 ? 
_refine.ls_R_factor_gt                           ? 
_refine.ls_goodness_of_fit_gt                    ? 
_refine.ls_goodness_of_fit_ref                   ? 
_refine.ls_shift_over_su_max                     ? 
_refine.ls_shift_over_su_max_lt                  ? 
_refine.ls_shift_over_su_mean                    ? 
_refine.ls_shift_over_su_mean_lt                 ? 
_refine.pdbx_ls_sigma_I                          ? 
_refine.pdbx_ls_sigma_F                          ? 
_refine.pdbx_ls_sigma_Fsqd                       ? 
_refine.pdbx_data_cutoff_high_absF               ? 
_refine.pdbx_data_cutoff_high_rms_absF           ? 
_refine.pdbx_data_cutoff_low_absF                ? 
_refine.pdbx_isotropic_thermal_model             ? 
_refine.pdbx_ls_cross_valid_method               THROUGHOUT 
_refine.pdbx_method_to_determine_struct          'MOLECULAR REPLACEMENT' 
_refine.pdbx_starting_model                      1U9N 
_refine.pdbx_stereochemistry_target_values       ? 
_refine.pdbx_R_Free_selection_details            RANDOM 
_refine.pdbx_stereochem_target_val_spec_case     ? 
_refine.pdbx_overall_ESU_R                       0.106 
_refine.pdbx_overall_ESU_R_Free                  0.104 
_refine.pdbx_solvent_vdw_probe_radii             1.20 
_refine.pdbx_solvent_ion_probe_radii             0.80 
_refine.pdbx_solvent_shrinkage_radii             0.80 
_refine.pdbx_real_space_R                        ? 
_refine.pdbx_density_correlation                 ? 
_refine.pdbx_pd_number_of_powder_patterns        ? 
_refine.pdbx_pd_number_of_points                 ? 
_refine.pdbx_pd_meas_number_of_points            ? 
_refine.pdbx_pd_proc_ls_prof_R_factor            ? 
_refine.pdbx_pd_proc_ls_prof_wR_factor           ? 
_refine.pdbx_pd_Marquardt_correlation_coeff      ? 
_refine.pdbx_pd_Fsqrd_R_factor                   ? 
_refine.pdbx_pd_ls_matrix_band_width             ? 
_refine.pdbx_overall_phase_error                 ? 
_refine.pdbx_overall_SU_R_free_Cruickshank_DPI   ? 
_refine.pdbx_overall_SU_R_free_Blow_DPI          ? 
_refine.pdbx_overall_SU_R_Blow_DPI               ? 
_refine.pdbx_TLS_residual_ADP_flag               ? 
_refine.pdbx_diffrn_id                           1 
_refine.overall_SU_B                             2.188 
_refine.overall_SU_ML                            0.068 
_refine.overall_SU_R_Cruickshank_DPI             ? 
_refine.overall_SU_R_free                        ? 
_refine.overall_FOM_free_R_set                   ? 
_refine.overall_FOM_work_R_set                   ? 
_refine.pdbx_average_fsc_overall                 ? 
_refine.pdbx_average_fsc_work                    ? 
_refine.pdbx_average_fsc_free                    ? 
# 
_refine_hist.pdbx_refine_id                   'X-RAY DIFFRACTION' 
_refine_hist.cycle_id                         1 
_refine_hist.pdbx_number_atoms_protein        1490 
_refine_hist.pdbx_number_atoms_nucleic_acid   0 
_refine_hist.pdbx_number_atoms_ligand         24 
_refine_hist.number_atoms_solvent             53 
_refine_hist.number_atoms_total               1567 
_refine_hist.d_res_high                       1.80 
_refine_hist.d_res_low                        38.57 
# 
loop_
_refine_ls_restr.pdbx_refine_id 
_refine_ls_restr.criterion 
_refine_ls_restr.dev_ideal 
_refine_ls_restr.dev_ideal_target 
_refine_ls_restr.number 
_refine_ls_restr.rejects 
_refine_ls_restr.type 
_refine_ls_restr.weight 
_refine_ls_restr.pdbx_restraint_function 
'X-RAY DIFFRACTION' ? 0.012  0.013  1546 ? r_bond_refined_d             ? ? 
'X-RAY DIFFRACTION' ? 0.001  0.017  1427 ? r_bond_other_d               ? ? 
'X-RAY DIFFRACTION' ? 1.834  1.664  2109 ? r_angle_refined_deg          ? ? 
'X-RAY DIFFRACTION' ? 1.594  1.587  3283 ? r_angle_other_deg            ? ? 
'X-RAY DIFFRACTION' ? 5.002  5.000  190  ? r_dihedral_angle_1_deg       ? ? 
'X-RAY DIFFRACTION' ? 36.292 21.395 86   ? r_dihedral_angle_2_deg       ? ? 
'X-RAY DIFFRACTION' ? 11.925 15.000 240  ? r_dihedral_angle_3_deg       ? ? 
'X-RAY DIFFRACTION' ? 15.904 15.000 13   ? r_dihedral_angle_4_deg       ? ? 
'X-RAY DIFFRACTION' ? 0.090  0.200  207  ? r_chiral_restr               ? ? 
'X-RAY DIFFRACTION' ? 0.009  0.020  1751 ? r_gen_planes_refined         ? ? 
'X-RAY DIFFRACTION' ? 0.001  0.020  344  ? r_gen_planes_other           ? ? 
'X-RAY DIFFRACTION' ? ?      ?      ?    ? r_nbd_refined                ? ? 
'X-RAY DIFFRACTION' ? ?      ?      ?    ? r_nbd_other                  ? ? 
'X-RAY DIFFRACTION' ? ?      ?      ?    ? r_nbtor_refined              ? ? 
'X-RAY DIFFRACTION' ? ?      ?      ?    ? r_nbtor_other                ? ? 
'X-RAY DIFFRACTION' ? ?      ?      ?    ? r_xyhbond_nbd_refined        ? ? 
'X-RAY DIFFRACTION' ? ?      ?      ?    ? r_xyhbond_nbd_other          ? ? 
'X-RAY DIFFRACTION' ? ?      ?      ?    ? r_metal_ion_refined          ? ? 
'X-RAY DIFFRACTION' ? ?      ?      ?    ? r_metal_ion_other            ? ? 
'X-RAY DIFFRACTION' ? ?      ?      ?    ? r_symmetry_vdw_refined       ? ? 
'X-RAY DIFFRACTION' ? ?      ?      ?    ? r_symmetry_vdw_other         ? ? 
'X-RAY DIFFRACTION' ? ?      ?      ?    ? r_symmetry_hbond_refined     ? ? 
'X-RAY DIFFRACTION' ? ?      ?      ?    ? r_symmetry_hbond_other       ? ? 
'X-RAY DIFFRACTION' ? ?      ?      ?    ? r_symmetry_metal_ion_refined ? ? 
'X-RAY DIFFRACTION' ? ?      ?      ?    ? r_symmetry_metal_ion_other   ? ? 
'X-RAY DIFFRACTION' ? 2.325  2.364  763  ? r_mcbond_it                  ? ? 
'X-RAY DIFFRACTION' ? 2.325  2.362  762  ? r_mcbond_other               ? ? 
'X-RAY DIFFRACTION' ? 3.133  3.535  952  ? r_mcangle_it                 ? ? 
'X-RAY DIFFRACTION' ? 3.131  3.537  953  ? r_mcangle_other              ? ? 
'X-RAY DIFFRACTION' ? 3.574  2.742  783  ? r_scbond_it                  ? ? 
'X-RAY DIFFRACTION' ? 3.574  2.743  781  ? r_scbond_other               ? ? 
'X-RAY DIFFRACTION' ? ?      ?      ?    ? r_scangle_it                 ? ? 
'X-RAY DIFFRACTION' ? 5.410  3.950  1158 ? r_scangle_other              ? ? 
'X-RAY DIFFRACTION' ? 6.460  28.015 1780 ? r_long_range_B_refined       ? ? 
'X-RAY DIFFRACTION' ? 6.440  27.939 1771 ? r_long_range_B_other         ? ? 
'X-RAY DIFFRACTION' ? ?      ?      ?    ? r_rigid_bond_restr           ? ? 
'X-RAY DIFFRACTION' ? ?      ?      ?    ? r_sphericity_free            ? ? 
'X-RAY DIFFRACTION' ? ?      ?      ?    ? r_sphericity_bonded          ? ? 
# 
_refine_ls_shell.pdbx_refine_id                   'X-RAY DIFFRACTION' 
_refine_ls_shell.d_res_high                       1.801 
_refine_ls_shell.d_res_low                        1.848 
_refine_ls_shell.number_reflns_all                ? 
_refine_ls_shell.number_reflns_obs                ? 
_refine_ls_shell.number_reflns_R_free             65 
_refine_ls_shell.number_reflns_R_work             1240 
_refine_ls_shell.percent_reflns_obs               74.83 
_refine_ls_shell.percent_reflns_R_free            ? 
_refine_ls_shell.R_factor_all                     ? 
_refine_ls_shell.R_factor_obs                     ? 
_refine_ls_shell.R_factor_R_free                  0.301 
_refine_ls_shell.R_factor_R_free_error            ? 
_refine_ls_shell.R_factor_R_work                  0.229 
_refine_ls_shell.redundancy_reflns_all            ? 
_refine_ls_shell.redundancy_reflns_obs            ? 
_refine_ls_shell.wR_factor_all                    ? 
_refine_ls_shell.wR_factor_obs                    ? 
_refine_ls_shell.wR_factor_R_free                 ? 
_refine_ls_shell.wR_factor_R_work                 ? 
_refine_ls_shell.pdbx_total_number_of_bins_used   20 
_refine_ls_shell.pdbx_phase_error                 ? 
_refine_ls_shell.pdbx_fsc_work                    ? 
_refine_ls_shell.pdbx_fsc_free                    ? 
# 
_struct.entry_id                     6HOB 
_struct.title                        'TRANSCRIPTIONAL REPRESSOR ETHR FROM MYCOBACTERIUM TUBERCULOSIS IN COMPLEX WITH BDM44831' 
_struct.pdbx_model_details           ? 
_struct.pdbx_formula_weight          ? 
_struct.pdbx_formula_weight_method   ? 
_struct.pdbx_model_type_details      ? 
_struct.pdbx_CASP_flag               N 
# 
_struct_keywords.entry_id        6HOB 
_struct_keywords.text            
'HELIX-TURN-HELIX, DNA BINDING PROTEIN, TETR-FAMILY, COMPLEX, INHIBITOR, DRUG DESIGN, TUBERCULOSIS, ETHIONAMIDE' 
_struct_keywords.pdbx_keywords   'DNA BINDING PROTEIN' 
# 
loop_
_struct_asym.id 
_struct_asym.pdbx_blank_PDB_chainid_flag 
_struct_asym.pdbx_modified 
_struct_asym.entity_id 
_struct_asym.details 
A N N 1 ? 
B N N 2 ? 
C N N 3 ? 
# 
_struct_ref.id                         1 
_struct_ref.db_name                    UNP 
_struct_ref.db_code                    ETHR_MYCTO 
_struct_ref.pdbx_db_accession          P9WMC0 
_struct_ref.pdbx_db_isoform            ? 
_struct_ref.entity_id                  1 
_struct_ref.pdbx_seq_one_letter_code   
;MTTSAASQASLPRGRRTARPSGDDRELAILATAENLLEDRPLADISVDDLAKGAGISRPTFYFYFPSKEAVLLTLLDRVV
NQADMALQTLAENPADTDRENMWRTGINVFFETFGSHKAVTRAGQAARATSVEVAELWSTFMQKWIAYTAAVIDAERDRG
AAPRTLPAHELATALNLMNERTLFASFAGEQPSVPEARVLDTLVHIWVTSIYGENR
;
_struct_ref.pdbx_align_begin           1 
# 
_struct_ref_seq.align_id                      1 
_struct_ref_seq.ref_id                        1 
_struct_ref_seq.pdbx_PDB_id_code              6HOB 
_struct_ref_seq.pdbx_strand_id                A 
_struct_ref_seq.seq_align_beg                 13 
_struct_ref_seq.pdbx_seq_align_beg_ins_code   ? 
_struct_ref_seq.seq_align_end                 228 
_struct_ref_seq.pdbx_seq_align_end_ins_code   ? 
_struct_ref_seq.pdbx_db_accession             P9WMC0 
_struct_ref_seq.db_align_beg                  1 
_struct_ref_seq.pdbx_db_align_beg_ins_code    ? 
_struct_ref_seq.db_align_end                  216 
_struct_ref_seq.pdbx_db_align_end_ins_code    ? 
_struct_ref_seq.pdbx_auth_seq_align_beg       1 
_struct_ref_seq.pdbx_auth_seq_align_end       216 
# 
loop_
_struct_ref_seq_dif.align_id 
_struct_ref_seq_dif.pdbx_pdb_id_code 
_struct_ref_seq_dif.mon_id 
_struct_ref_seq_dif.pdbx_pdb_strand_id 
_struct_ref_seq_dif.seq_num 
_struct_ref_seq_dif.pdbx_pdb_ins_code 
_struct_ref_seq_dif.pdbx_seq_db_name 
_struct_ref_seq_dif.pdbx_seq_db_accession_code 
_struct_ref_seq_dif.db_mon_id 
_struct_ref_seq_dif.pdbx_seq_db_seq_num 
_struct_ref_seq_dif.details 
_struct_ref_seq_dif.pdbx_auth_seq_num 
_struct_ref_seq_dif.pdbx_ordinal 
1 6HOB MET A 1  ? UNP P9WMC0 ? ? 'initiating methionine' -11 1  
1 6HOB THR A 2  ? UNP P9WMC0 ? ? 'expression tag'        -10 2  
1 6HOB THR A 3  ? UNP P9WMC0 ? ? 'expression tag'        -9  3  
1 6HOB SER A 4  ? UNP P9WMC0 ? ? 'expression tag'        -8  4  
1 6HOB ALA A 5  ? UNP P9WMC0 ? ? 'expression tag'        -7  5  
1 6HOB ALA A 6  ? UNP P9WMC0 ? ? 'expression tag'        -6  6  
1 6HOB SER A 7  ? UNP P9WMC0 ? ? 'expression tag'        -5  7  
1 6HOB GLN A 8  ? UNP P9WMC0 ? ? 'expression tag'        -4  8  
1 6HOB ALA A 9  ? UNP P9WMC0 ? ? 'expression tag'        -3  9  
1 6HOB SER A 10 ? UNP P9WMC0 ? ? 'expression tag'        -2  10 
1 6HOB LEU A 11 ? UNP P9WMC0 ? ? 'expression tag'        -1  11 
1 6HOB PRO A 12 ? UNP P9WMC0 ? ? 'expression tag'        0   12 
# 
_pdbx_struct_assembly.id                   1 
_pdbx_struct_assembly.details              author_and_software_defined_assembly 
_pdbx_struct_assembly.method_details       PISA 
_pdbx_struct_assembly.oligomeric_details   dimeric 
_pdbx_struct_assembly.oligomeric_count     2 
# 
loop_
_pdbx_struct_assembly_prop.biol_id 
_pdbx_struct_assembly_prop.type 
_pdbx_struct_assembly_prop.value 
_pdbx_struct_assembly_prop.details 
1 'ABSA (A^2)' 2680  ? 
1 MORE         -21   ? 
1 'SSA (A^2)'  16950 ? 
# 
_pdbx_struct_assembly_gen.assembly_id       1 
_pdbx_struct_assembly_gen.oper_expression   1,2 
_pdbx_struct_assembly_gen.asym_id_list      A,B,C 
# 
_pdbx_struct_assembly_auth_evidence.id                     1 
_pdbx_struct_assembly_auth_evidence.assembly_id            1 
_pdbx_struct_assembly_auth_evidence.experimental_support   none 
_pdbx_struct_assembly_auth_evidence.details                ? 
# 
loop_
_pdbx_struct_oper_list.id 
_pdbx_struct_oper_list.type 
_pdbx_struct_oper_list.name 
_pdbx_struct_oper_list.symmetry_operation 
_pdbx_struct_oper_list.matrix[1][1] 
_pdbx_struct_oper_list.matrix[1][2] 
_pdbx_struct_oper_list.matrix[1][3] 
_pdbx_struct_oper_list.vector[1] 
_pdbx_struct_oper_list.matrix[2][1] 
_pdbx_struct_oper_list.matrix[2][2] 
_pdbx_struct_oper_list.matrix[2][3] 
_pdbx_struct_oper_list.vector[2] 
_pdbx_struct_oper_list.matrix[3][1] 
_pdbx_struct_oper_list.matrix[3][2] 
_pdbx_struct_oper_list.matrix[3][3] 
_pdbx_struct_oper_list.vector[3] 
1 'identity operation'         1_555 x,y,z  1.0000000000  0.0000000000 0.0000000000 0.0000000000  0.0000000000 1.0000000000  0.0000000000 0.0000000000   0.0000000000 0.0000000000 1.0000000000 0.0000000000 
2 'crystal symmetry operation' 7_555 y,x,-z -0.6547424448 0.3505676842 0.6696376855 13.0116347480 0.3505676842 -0.6440405161 0.6799368445 -21.0725506219 0.6696376855 0.6799368445 0.2987829609 4.3232185575 
# 
loop_
_struct_conf.conf_type_id 
_struct_conf.id 
_struct_conf.pdbx_PDB_helix_id 
_struct_conf.beg_label_comp_id 
_struct_conf.beg_label_asym_id 
_struct_conf.beg_label_seq_id 
_struct_conf.pdbx_beg_PDB_ins_code 
_struct_conf.end_label_comp_id 
_struct_conf.end_label_asym_id 
_struct_conf.end_label_seq_id 
_struct_conf.pdbx_end_PDB_ins_code 
_struct_conf.beg_auth_comp_id 
_struct_conf.beg_auth_asym_id 
_struct_conf.beg_auth_seq_id 
_struct_conf.end_auth_comp_id 
_struct_conf.end_auth_asym_id 
_struct_conf.end_auth_seq_id 
_struct_conf.pdbx_PDB_helix_class 
_struct_conf.details 
_struct_conf.pdbx_PDB_helix_length 
HELX_P HELX_P1  AA1 ASP A 36  ? GLU A 50  ? ASP A 24  GLU A 38  1 ? 15 
HELX_P HELX_P2  AA2 PRO A 53  ? ILE A 57  ? PRO A 41  ILE A 45  5 ? 5  
HELX_P HELX_P3  AA3 SER A 58  ? ALA A 66  ? SER A 46  ALA A 54  1 ? 9  
HELX_P HELX_P4  AA4 SER A 69  ? PHE A 77  ? SER A 57  PHE A 65  1 ? 9  
HELX_P HELX_P5  AA5 SER A 79  ? ASN A 105 ? SER A 67  ASN A 93  1 ? 27 
HELX_P HELX_P6  AA6 ASP A 110 ? SER A 128 ? ASP A 98  SER A 116 1 ? 19 
HELX_P HELX_P7  AA7 HIS A 129 ? ARG A 140 ? HIS A 117 ARG A 128 1 ? 12 
HELX_P HELX_P8  AA8 SER A 143 ? ARG A 171 ? SER A 131 ARG A 159 1 ? 29 
HELX_P HELX_P9  AA9 PRO A 179 ? GLY A 201 ? PRO A 167 GLY A 189 1 ? 23 
HELX_P HELX_P10 AB1 PRO A 207 ? GLY A 225 ? PRO A 195 GLY A 213 1 ? 19 
# 
_struct_conf_type.id          HELX_P 
_struct_conf_type.criteria    ? 
_struct_conf_type.reference   ? 
# 
_struct_mon_prot_cis.pdbx_id                1 
_struct_mon_prot_cis.label_comp_id          GLN 
_struct_mon_prot_cis.label_seq_id           203 
_struct_mon_prot_cis.label_asym_id          A 
_struct_mon_prot_cis.label_alt_id           . 
_struct_mon_prot_cis.pdbx_PDB_ins_code      ? 
_struct_mon_prot_cis.auth_comp_id           GLN 
_struct_mon_prot_cis.auth_seq_id            191 
_struct_mon_prot_cis.auth_asym_id           A 
_struct_mon_prot_cis.pdbx_label_comp_id_2   PRO 
_struct_mon_prot_cis.pdbx_label_seq_id_2    204 
_struct_mon_prot_cis.pdbx_label_asym_id_2   A 
_struct_mon_prot_cis.pdbx_PDB_ins_code_2    ? 
_struct_mon_prot_cis.pdbx_auth_comp_id_2    PRO 
_struct_mon_prot_cis.pdbx_auth_seq_id_2     192 
_struct_mon_prot_cis.pdbx_auth_asym_id_2    A 
_struct_mon_prot_cis.pdbx_PDB_model_num     1 
_struct_mon_prot_cis.pdbx_omega_angle       6.21 
# 
_struct_site.id                   AC1 
_struct_site.pdbx_evidence_code   Software 
_struct_site.pdbx_auth_asym_id    A 
_struct_site.pdbx_auth_comp_id    GJ5 
_struct_site.pdbx_auth_seq_id     301 
_struct_site.pdbx_auth_ins_code   ? 
_struct_site.pdbx_num_residues    16 
_struct_site.details              'binding site for residue GJ5 A 301' 
# 
loop_
_struct_site_gen.id 
_struct_site_gen.site_id 
_struct_site_gen.pdbx_num_res 
_struct_site_gen.label_comp_id 
_struct_site_gen.label_asym_id 
_struct_site_gen.label_seq_id 
_struct_site_gen.pdbx_auth_ins_code 
_struct_site_gen.auth_comp_id 
_struct_site_gen.auth_asym_id 
_struct_site_gen.auth_seq_id 
_struct_site_gen.label_atom_id 
_struct_site_gen.label_alt_id 
_struct_site_gen.symmetry 
_struct_site_gen.details 
1  AC1 16 MET A 114 ? MET A 102 . ? 1_555 ? 
2  AC1 16 TRP A 115 ? TRP A 103 . ? 1_555 ? 
3  AC1 16 GLY A 118 ? GLY A 106 . ? 1_555 ? 
4  AC1 16 PHE A 122 ? PHE A 110 . ? 1_555 ? 
5  AC1 16 PHE A 126 ? PHE A 114 . ? 1_555 ? 
6  AC1 16 TRP A 150 ? TRP A 138 . ? 1_555 ? 
7  AC1 16 MET A 154 ? MET A 142 . ? 1_555 ? 
8  AC1 16 TYR A 160 ? TYR A 148 . ? 1_555 ? 
9  AC1 16 THR A 161 ? THR A 149 . ? 1_555 ? 
10 AC1 16 VAL A 164 ? VAL A 152 . ? 1_555 ? 
11 AC1 16 ASN A 188 ? ASN A 176 . ? 1_555 ? 
12 AC1 16 ASN A 191 ? ASN A 179 . ? 1_555 ? 
13 AC1 16 GLU A 192 ? GLU A 180 . ? 1_555 ? 
14 AC1 16 LEU A 195 ? LEU A 183 . ? 1_555 ? 
15 AC1 16 PHE A 196 ? PHE A 184 . ? 1_555 ? 
16 AC1 16 TRP A 219 ? TRP A 207 . ? 1_555 ? 
# 
_pdbx_validate_rmsd_angle.id                         1 
_pdbx_validate_rmsd_angle.PDB_model_num              1 
_pdbx_validate_rmsd_angle.auth_atom_id_1             CA 
_pdbx_validate_rmsd_angle.auth_asym_id_1             A 
_pdbx_validate_rmsd_angle.auth_comp_id_1             GLU 
_pdbx_validate_rmsd_angle.auth_seq_id_1              214 
_pdbx_validate_rmsd_angle.PDB_ins_code_1             ? 
_pdbx_validate_rmsd_angle.label_alt_id_1             ? 
_pdbx_validate_rmsd_angle.auth_atom_id_2             C 
_pdbx_validate_rmsd_angle.auth_asym_id_2             A 
_pdbx_validate_rmsd_angle.auth_comp_id_2             GLU 
_pdbx_validate_rmsd_angle.auth_seq_id_2              214 
_pdbx_validate_rmsd_angle.PDB_ins_code_2             ? 
_pdbx_validate_rmsd_angle.label_alt_id_2             ? 
_pdbx_validate_rmsd_angle.auth_atom_id_3             O 
_pdbx_validate_rmsd_angle.auth_asym_id_3             A 
_pdbx_validate_rmsd_angle.auth_comp_id_3             GLU 
_pdbx_validate_rmsd_angle.auth_seq_id_3              214 
_pdbx_validate_rmsd_angle.PDB_ins_code_3             ? 
_pdbx_validate_rmsd_angle.label_alt_id_3             ? 
_pdbx_validate_rmsd_angle.angle_value                104.65 
_pdbx_validate_rmsd_angle.angle_target_value         120.10 
_pdbx_validate_rmsd_angle.angle_deviation            -15.45 
_pdbx_validate_rmsd_angle.angle_standard_deviation   2.10 
_pdbx_validate_rmsd_angle.linker_flag                N 
# 
_pdbx_validate_torsion.id              1 
_pdbx_validate_torsion.PDB_model_num   1 
_pdbx_validate_torsion.auth_comp_id    THR 
_pdbx_validate_torsion.auth_asym_id    A 
_pdbx_validate_torsion.auth_seq_id     165 
_pdbx_validate_torsion.PDB_ins_code    ? 
_pdbx_validate_torsion.label_alt_id    ? 
_pdbx_validate_torsion.phi             -107.10 
_pdbx_validate_torsion.psi             -108.51 
# 
loop_
_pdbx_struct_special_symmetry.id 
_pdbx_struct_special_symmetry.PDB_model_num 
_pdbx_struct_special_symmetry.auth_asym_id 
_pdbx_struct_special_symmetry.auth_comp_id 
_pdbx_struct_special_symmetry.auth_seq_id 
_pdbx_struct_special_symmetry.PDB_ins_code 
_pdbx_struct_special_symmetry.label_asym_id 
_pdbx_struct_special_symmetry.label_comp_id 
_pdbx_struct_special_symmetry.label_seq_id 
1 1 A HOH 417 ? C HOH . 
2 1 A HOH 449 ? C HOH . 
# 
loop_
_pdbx_unobs_or_zero_occ_residues.id 
_pdbx_unobs_or_zero_occ_residues.PDB_model_num 
_pdbx_unobs_or_zero_occ_residues.polymer_flag 
_pdbx_unobs_or_zero_occ_residues.occupancy_flag 
_pdbx_unobs_or_zero_occ_residues.auth_asym_id 
_pdbx_unobs_or_zero_occ_residues.auth_comp_id 
_pdbx_unobs_or_zero_occ_residues.auth_seq_id 
_pdbx_unobs_or_zero_occ_residues.PDB_ins_code 
_pdbx_unobs_or_zero_occ_residues.label_asym_id 
_pdbx_unobs_or_zero_occ_residues.label_comp_id 
_pdbx_unobs_or_zero_occ_residues.label_seq_id 
1  1 Y 1 A MET -11 ? A MET 1   
2  1 Y 1 A THR -10 ? A THR 2   
3  1 Y 1 A THR -9  ? A THR 3   
4  1 Y 1 A SER -8  ? A SER 4   
5  1 Y 1 A ALA -7  ? A ALA 5   
6  1 Y 1 A ALA -6  ? A ALA 6   
7  1 Y 1 A SER -5  ? A SER 7   
8  1 Y 1 A GLN -4  ? A GLN 8   
9  1 Y 1 A ALA -3  ? A ALA 9   
10 1 Y 1 A SER -2  ? A SER 10  
11 1 Y 1 A LEU -1  ? A LEU 11  
12 1 Y 1 A PRO 0   ? A PRO 12  
13 1 Y 1 A MET 1   ? A MET 13  
14 1 Y 1 A THR 2   ? A THR 14  
15 1 Y 1 A THR 3   ? A THR 15  
16 1 Y 1 A SER 4   ? A SER 16  
17 1 Y 1 A ALA 5   ? A ALA 17  
18 1 Y 1 A ALA 6   ? A ALA 18  
19 1 Y 1 A SER 7   ? A SER 19  
20 1 Y 1 A GLN 8   ? A GLN 20  
21 1 Y 1 A ALA 9   ? A ALA 21  
22 1 Y 1 A SER 10  ? A SER 22  
23 1 Y 1 A LEU 11  ? A LEU 23  
24 1 Y 1 A PRO 12  ? A PRO 24  
25 1 Y 1 A ARG 13  ? A ARG 25  
26 1 Y 1 A GLY 14  ? A GLY 26  
27 1 Y 1 A ARG 15  ? A ARG 27  
28 1 Y 1 A ARG 16  ? A ARG 28  
29 1 Y 1 A THR 17  ? A THR 29  
30 1 Y 1 A ALA 18  ? A ALA 30  
31 1 Y 1 A ARG 19  ? A ARG 31  
32 1 Y 1 A PRO 20  ? A PRO 32  
33 1 Y 1 A SER 21  ? A SER 33  
34 1 Y 1 A GLY 22  ? A GLY 34  
35 1 Y 1 A ASP 23  ? A ASP 35  
36 1 Y 1 A ASN 215 ? A ASN 227 
37 1 Y 1 A ARG 216 ? A ARG 228 
# 
loop_
_chem_comp_atom.comp_id 
_chem_comp_atom.atom_id 
_chem_comp_atom.type_symbol 
_chem_comp_atom.pdbx_aromatic_flag 
_chem_comp_atom.pdbx_stereo_config 
_chem_comp_atom.pdbx_ordinal 
ALA N    N N N 1   
ALA CA   C N S 2   
ALA C    C N N 3   
ALA O    O N N 4   
ALA CB   C N N 5   
ALA OXT  O N N 6   
ALA H    H N N 7   
ALA H2   H N N 8   
ALA HA   H N N 9   
ALA HB1  H N N 10  
ALA HB2  H N N 11  
ALA HB3  H N N 12  
ALA HXT  H N N 13  
ARG N    N N N 14  
ARG CA   C N S 15  
ARG C    C N N 16  
ARG O    O N N 17  
ARG CB   C N N 18  
ARG CG   C N N 19  
ARG CD   C N N 20  
ARG NE   N N N 21  
ARG CZ   C N N 22  
ARG NH1  N N N 23  
ARG NH2  N N N 24  
ARG OXT  O N N 25  
ARG H    H N N 26  
ARG H2   H N N 27  
ARG HA   H N N 28  
ARG HB2  H N N 29  
ARG HB3  H N N 30  
ARG HG2  H N N 31  
ARG HG3  H N N 32  
ARG HD2  H N N 33  
ARG HD3  H N N 34  
ARG HE   H N N 35  
ARG HH11 H N N 36  
ARG HH12 H N N 37  
ARG HH21 H N N 38  
ARG HH22 H N N 39  
ARG HXT  H N N 40  
ASN N    N N N 41  
ASN CA   C N S 42  
ASN C    C N N 43  
ASN O    O N N 44  
ASN CB   C N N 45  
ASN CG   C N N 46  
ASN OD1  O N N 47  
ASN ND2  N N N 48  
ASN OXT  O N N 49  
ASN H    H N N 50  
ASN H2   H N N 51  
ASN HA   H N N 52  
ASN HB2  H N N 53  
ASN HB3  H N N 54  
ASN HD21 H N N 55  
ASN HD22 H N N 56  
ASN HXT  H N N 57  
ASP N    N N N 58  
ASP CA   C N S 59  
ASP C    C N N 60  
ASP O    O N N 61  
ASP CB   C N N 62  
ASP CG   C N N 63  
ASP OD1  O N N 64  
ASP OD2  O N N 65  
ASP OXT  O N N 66  
ASP H    H N N 67  
ASP H2   H N N 68  
ASP HA   H N N 69  
ASP HB2  H N N 70  
ASP HB3  H N N 71  
ASP HD2  H N N 72  
ASP HXT  H N N 73  
GJ5 C4   C N N 74  
GJ5 C14  C N N 75  
GJ5 C5   C Y N 76  
GJ5 C6   C Y N 77  
GJ5 C11  C Y N 78  
GJ5 C7   C Y N 79  
GJ5 C8   C Y N 80  
GJ5 C9   C Y N 81  
GJ5 C10  C Y N 82  
GJ5 C12  C Y N 83  
GJ5 C13  C Y N 84  
GJ5 N1   N Y N 85  
GJ5 N2   N N N 86  
GJ5 C3   C N N 87  
GJ5 C1   C N N 88  
GJ5 C2   C N N 89  
GJ5 S1   S Y N 90  
GJ5 O1   O N N 91  
GJ5 C15  C N N 92  
GJ5 C16  C N N 93  
GJ5 C17  C N N 94  
GJ5 F1   F N N 95  
GJ5 F2   F N N 96  
GJ5 F3   F N N 97  
GJ5 H1   H N N 98  
GJ5 H2   H N N 99  
GJ5 H3   H N N 100 
GJ5 H4   H N N 101 
GJ5 H5   H N N 102 
GJ5 H6   H N N 103 
GJ5 H7   H N N 104 
GJ5 H8   H N N 105 
GJ5 H9   H N N 106 
GJ5 H10  H N N 107 
GJ5 H11  H N N 108 
GJ5 H12  H N N 109 
GJ5 H13  H N N 110 
GJ5 H14  H N N 111 
GJ5 H15  H N N 112 
GJ5 H16  H N N 113 
GJ5 H17  H N N 114 
GJ5 H18  H N N 115 
GJ5 H19  H N N 116 
GLN N    N N N 117 
GLN CA   C N S 118 
GLN C    C N N 119 
GLN O    O N N 120 
GLN CB   C N N 121 
GLN CG   C N N 122 
GLN CD   C N N 123 
GLN OE1  O N N 124 
GLN NE2  N N N 125 
GLN OXT  O N N 126 
GLN H    H N N 127 
GLN H2   H N N 128 
GLN HA   H N N 129 
GLN HB2  H N N 130 
GLN HB3  H N N 131 
GLN HG2  H N N 132 
GLN HG3  H N N 133 
GLN HE21 H N N 134 
GLN HE22 H N N 135 
GLN HXT  H N N 136 
GLU N    N N N 137 
GLU CA   C N S 138 
GLU C    C N N 139 
GLU O    O N N 140 
GLU CB   C N N 141 
GLU CG   C N N 142 
GLU CD   C N N 143 
GLU OE1  O N N 144 
GLU OE2  O N N 145 
GLU OXT  O N N 146 
GLU H    H N N 147 
GLU H2   H N N 148 
GLU HA   H N N 149 
GLU HB2  H N N 150 
GLU HB3  H N N 151 
GLU HG2  H N N 152 
GLU HG3  H N N 153 
GLU HE2  H N N 154 
GLU HXT  H N N 155 
GLY N    N N N 156 
GLY CA   C N N 157 
GLY C    C N N 158 
GLY O    O N N 159 
GLY OXT  O N N 160 
GLY H    H N N 161 
GLY H2   H N N 162 
GLY HA2  H N N 163 
GLY HA3  H N N 164 
GLY HXT  H N N 165 
HIS N    N N N 166 
HIS CA   C N S 167 
HIS C    C N N 168 
HIS O    O N N 169 
HIS CB   C N N 170 
HIS CG   C Y N 171 
HIS ND1  N Y N 172 
HIS CD2  C Y N 173 
HIS CE1  C Y N 174 
HIS NE2  N Y N 175 
HIS OXT  O N N 176 
HIS H    H N N 177 
HIS H2   H N N 178 
HIS HA   H N N 179 
HIS HB2  H N N 180 
HIS HB3  H N N 181 
HIS HD1  H N N 182 
HIS HD2  H N N 183 
HIS HE1  H N N 184 
HIS HE2  H N N 185 
HIS HXT  H N N 186 
HOH O    O N N 187 
HOH H1   H N N 188 
HOH H2   H N N 189 
ILE N    N N N 190 
ILE CA   C N S 191 
ILE C    C N N 192 
ILE O    O N N 193 
ILE CB   C N S 194 
ILE CG1  C N N 195 
ILE CG2  C N N 196 
ILE CD1  C N N 197 
ILE OXT  O N N 198 
ILE H    H N N 199 
ILE H2   H N N 200 
ILE HA   H N N 201 
ILE HB   H N N 202 
ILE HG12 H N N 203 
ILE HG13 H N N 204 
ILE HG21 H N N 205 
ILE HG22 H N N 206 
ILE HG23 H N N 207 
ILE HD11 H N N 208 
ILE HD12 H N N 209 
ILE HD13 H N N 210 
ILE HXT  H N N 211 
LEU N    N N N 212 
LEU CA   C N S 213 
LEU C    C N N 214 
LEU O    O N N 215 
LEU CB   C N N 216 
LEU CG   C N N 217 
LEU CD1  C N N 218 
LEU CD2  C N N 219 
LEU OXT  O N N 220 
LEU H    H N N 221 
LEU H2   H N N 222 
LEU HA   H N N 223 
LEU HB2  H N N 224 
LEU HB3  H N N 225 
LEU HG   H N N 226 
LEU HD11 H N N 227 
LEU HD12 H N N 228 
LEU HD13 H N N 229 
LEU HD21 H N N 230 
LEU HD22 H N N 231 
LEU HD23 H N N 232 
LEU HXT  H N N 233 
LYS N    N N N 234 
LYS CA   C N S 235 
LYS C    C N N 236 
LYS O    O N N 237 
LYS CB   C N N 238 
LYS CG   C N N 239 
LYS CD   C N N 240 
LYS CE   C N N 241 
LYS NZ   N N N 242 
LYS OXT  O N N 243 
LYS H    H N N 244 
LYS H2   H N N 245 
LYS HA   H N N 246 
LYS HB2  H N N 247 
LYS HB3  H N N 248 
LYS HG2  H N N 249 
LYS HG3  H N N 250 
LYS HD2  H N N 251 
LYS HD3  H N N 252 
LYS HE2  H N N 253 
LYS HE3  H N N 254 
LYS HZ1  H N N 255 
LYS HZ2  H N N 256 
LYS HZ3  H N N 257 
LYS HXT  H N N 258 
MET N    N N N 259 
MET CA   C N S 260 
MET C    C N N 261 
MET O    O N N 262 
MET CB   C N N 263 
MET CG   C N N 264 
MET SD   S N N 265 
MET CE   C N N 266 
MET OXT  O N N 267 
MET H    H N N 268 
MET H2   H N N 269 
MET HA   H N N 270 
MET HB2  H N N 271 
MET HB3  H N N 272 
MET HG2  H N N 273 
MET HG3  H N N 274 
MET HE1  H N N 275 
MET HE2  H N N 276 
MET HE3  H N N 277 
MET HXT  H N N 278 
PHE N    N N N 279 
PHE CA   C N S 280 
PHE C    C N N 281 
PHE O    O N N 282 
PHE CB   C N N 283 
PHE CG   C Y N 284 
PHE CD1  C Y N 285 
PHE CD2  C Y N 286 
PHE CE1  C Y N 287 
PHE CE2  C Y N 288 
PHE CZ   C Y N 289 
PHE OXT  O N N 290 
PHE H    H N N 291 
PHE H2   H N N 292 
PHE HA   H N N 293 
PHE HB2  H N N 294 
PHE HB3  H N N 295 
PHE HD1  H N N 296 
PHE HD2  H N N 297 
PHE HE1  H N N 298 
PHE HE2  H N N 299 
PHE HZ   H N N 300 
PHE HXT  H N N 301 
PRO N    N N N 302 
PRO CA   C N S 303 
PRO C    C N N 304 
PRO O    O N N 305 
PRO CB   C N N 306 
PRO CG   C N N 307 
PRO CD   C N N 308 
PRO OXT  O N N 309 
PRO H    H N N 310 
PRO HA   H N N 311 
PRO HB2  H N N 312 
PRO HB3  H N N 313 
PRO HG2  H N N 314 
PRO HG3  H N N 315 
PRO HD2  H N N 316 
PRO HD3  H N N 317 
PRO HXT  H N N 318 
SER N    N N N 319 
SER CA   C N S 320 
SER C    C N N 321 
SER O    O N N 322 
SER CB   C N N 323 
SER OG   O N N 324 
SER OXT  O N N 325 
SER H    H N N 326 
SER H2   H N N 327 
SER HA   H N N 328 
SER HB2  H N N 329 
SER HB3  H N N 330 
SER HG   H N N 331 
SER HXT  H N N 332 
THR N    N N N 333 
THR CA   C N S 334 
THR C    C N N 335 
THR O    O N N 336 
THR CB   C N R 337 
THR OG1  O N N 338 
THR CG2  C N N 339 
THR OXT  O N N 340 
THR H    H N N 341 
THR H2   H N N 342 
THR HA   H N N 343 
THR HB   H N N 344 
THR HG1  H N N 345 
THR HG21 H N N 346 
THR HG22 H N N 347 
THR HG23 H N N 348 
THR HXT  H N N 349 
TRP N    N N N 350 
TRP CA   C N S 351 
TRP C    C N N 352 
TRP O    O N N 353 
TRP CB   C N N 354 
TRP CG   C Y N 355 
TRP CD1  C Y N 356 
TRP CD2  C Y N 357 
TRP NE1  N Y N 358 
TRP CE2  C Y N 359 
TRP CE3  C Y N 360 
TRP CZ2  C Y N 361 
TRP CZ3  C Y N 362 
TRP CH2  C Y N 363 
TRP OXT  O N N 364 
TRP H    H N N 365 
TRP H2   H N N 366 
TRP HA   H N N 367 
TRP HB2  H N N 368 
TRP HB3  H N N 369 
TRP HD1  H N N 370 
TRP HE1  H N N 371 
TRP HE3  H N N 372 
TRP HZ2  H N N 373 
TRP HZ3  H N N 374 
TRP HH2  H N N 375 
TRP HXT  H N N 376 
TYR N    N N N 377 
TYR CA   C N S 378 
TYR C    C N N 379 
TYR O    O N N 380 
TYR CB   C N N 381 
TYR CG   C Y N 382 
TYR CD1  C Y N 383 
TYR CD2  C Y N 384 
TYR CE1  C Y N 385 
TYR CE2  C Y N 386 
TYR CZ   C Y N 387 
TYR OH   O N N 388 
TYR OXT  O N N 389 
TYR H    H N N 390 
TYR H2   H N N 391 
TYR HA   H N N 392 
TYR HB2  H N N 393 
TYR HB3  H N N 394 
TYR HD1  H N N 395 
TYR HD2  H N N 396 
TYR HE1  H N N 397 
TYR HE2  H N N 398 
TYR HH   H N N 399 
TYR HXT  H N N 400 
VAL N    N N N 401 
VAL CA   C N S 402 
VAL C    C N N 403 
VAL O    O N N 404 
VAL CB   C N N 405 
VAL CG1  C N N 406 
VAL CG2  C N N 407 
VAL OXT  O N N 408 
VAL H    H N N 409 
VAL H2   H N N 410 
VAL HA   H N N 411 
VAL HB   H N N 412 
VAL HG11 H N N 413 
VAL HG12 H N N 414 
VAL HG13 H N N 415 
VAL HG21 H N N 416 
VAL HG22 H N N 417 
VAL HG23 H N N 418 
VAL HXT  H N N 419 
# 
loop_
_chem_comp_bond.comp_id 
_chem_comp_bond.atom_id_1 
_chem_comp_bond.atom_id_2 
_chem_comp_bond.value_order 
_chem_comp_bond.pdbx_aromatic_flag 
_chem_comp_bond.pdbx_stereo_config 
_chem_comp_bond.pdbx_ordinal 
ALA N   CA   sing N N 1   
ALA N   H    sing N N 2   
ALA N   H2   sing N N 3   
ALA CA  C    sing N N 4   
ALA CA  CB   sing N N 5   
ALA CA  HA   sing N N 6   
ALA C   O    doub N N 7   
ALA C   OXT  sing N N 8   
ALA CB  HB1  sing N N 9   
ALA CB  HB2  sing N N 10  
ALA CB  HB3  sing N N 11  
ALA OXT HXT  sing N N 12  
ARG N   CA   sing N N 13  
ARG N   H    sing N N 14  
ARG N   H2   sing N N 15  
ARG CA  C    sing N N 16  
ARG CA  CB   sing N N 17  
ARG CA  HA   sing N N 18  
ARG C   O    doub N N 19  
ARG C   OXT  sing N N 20  
ARG CB  CG   sing N N 21  
ARG CB  HB2  sing N N 22  
ARG CB  HB3  sing N N 23  
ARG CG  CD   sing N N 24  
ARG CG  HG2  sing N N 25  
ARG CG  HG3  sing N N 26  
ARG CD  NE   sing N N 27  
ARG CD  HD2  sing N N 28  
ARG CD  HD3  sing N N 29  
ARG NE  CZ   sing N N 30  
ARG NE  HE   sing N N 31  
ARG CZ  NH1  sing N N 32  
ARG CZ  NH2  doub N N 33  
ARG NH1 HH11 sing N N 34  
ARG NH1 HH12 sing N N 35  
ARG NH2 HH21 sing N N 36  
ARG NH2 HH22 sing N N 37  
ARG OXT HXT  sing N N 38  
ASN N   CA   sing N N 39  
ASN N   H    sing N N 40  
ASN N   H2   sing N N 41  
ASN CA  C    sing N N 42  
ASN CA  CB   sing N N 43  
ASN CA  HA   sing N N 44  
ASN C   O    doub N N 45  
ASN C   OXT  sing N N 46  
ASN CB  CG   sing N N 47  
ASN CB  HB2  sing N N 48  
ASN CB  HB3  sing N N 49  
ASN CG  OD1  doub N N 50  
ASN CG  ND2  sing N N 51  
ASN ND2 HD21 sing N N 52  
ASN ND2 HD22 sing N N 53  
ASN OXT HXT  sing N N 54  
ASP N   CA   sing N N 55  
ASP N   H    sing N N 56  
ASP N   H2   sing N N 57  
ASP CA  C    sing N N 58  
ASP CA  CB   sing N N 59  
ASP CA  HA   sing N N 60  
ASP C   O    doub N N 61  
ASP C   OXT  sing N N 62  
ASP CB  CG   sing N N 63  
ASP CB  HB2  sing N N 64  
ASP CB  HB3  sing N N 65  
ASP CG  OD1  doub N N 66  
ASP CG  OD2  sing N N 67  
ASP OD2 HD2  sing N N 68  
ASP OXT HXT  sing N N 69  
GJ5 F1  C17  sing N N 70  
GJ5 O1  C14  doub N N 71  
GJ5 F2  C17  sing N N 72  
GJ5 C17 F3   sing N N 73  
GJ5 C17 C16  sing N N 74  
GJ5 C12 C13  doub Y N 75  
GJ5 C12 C11  sing Y N 76  
GJ5 C16 C15  sing N N 77  
GJ5 C14 C11  sing N N 78  
GJ5 C14 N2   sing N N 79  
GJ5 C15 N2   sing N N 80  
GJ5 C13 C8   sing Y N 81  
GJ5 C11 C10  doub Y N 82  
GJ5 C1  C2   sing N N 83  
GJ5 C4  C2   sing N N 84  
GJ5 C4  C5   sing N N 85  
GJ5 N1  C5   doub Y N 86  
GJ5 N1  C6   sing Y N 87  
GJ5 C3  C2   sing N N 88  
GJ5 C8  C6   sing N N 89  
GJ5 C8  C9   doub Y N 90  
GJ5 C10 C9   sing Y N 91  
GJ5 C5  S1   sing Y N 92  
GJ5 C6  C7   doub Y N 93  
GJ5 C7  S1   sing Y N 94  
GJ5 C4  H1   sing N N 95  
GJ5 C4  H2   sing N N 96  
GJ5 C7  H3   sing N N 97  
GJ5 C9  H4   sing N N 98  
GJ5 C10 H5   sing N N 99  
GJ5 C12 H6   sing N N 100 
GJ5 C13 H7   sing N N 101 
GJ5 N2  H8   sing N N 102 
GJ5 C3  H9   sing N N 103 
GJ5 C3  H10  sing N N 104 
GJ5 C3  H11  sing N N 105 
GJ5 C1  H12  sing N N 106 
GJ5 C1  H13  sing N N 107 
GJ5 C1  H14  sing N N 108 
GJ5 C2  H15  sing N N 109 
GJ5 C15 H16  sing N N 110 
GJ5 C15 H17  sing N N 111 
GJ5 C16 H18  sing N N 112 
GJ5 C16 H19  sing N N 113 
GLN N   CA   sing N N 114 
GLN N   H    sing N N 115 
GLN N   H2   sing N N 116 
GLN CA  C    sing N N 117 
GLN CA  CB   sing N N 118 
GLN CA  HA   sing N N 119 
GLN C   O    doub N N 120 
GLN C   OXT  sing N N 121 
GLN CB  CG   sing N N 122 
GLN CB  HB2  sing N N 123 
GLN CB  HB3  sing N N 124 
GLN CG  CD   sing N N 125 
GLN CG  HG2  sing N N 126 
GLN CG  HG3  sing N N 127 
GLN CD  OE1  doub N N 128 
GLN CD  NE2  sing N N 129 
GLN NE2 HE21 sing N N 130 
GLN NE2 HE22 sing N N 131 
GLN OXT HXT  sing N N 132 
GLU N   CA   sing N N 133 
GLU N   H    sing N N 134 
GLU N   H2   sing N N 135 
GLU CA  C    sing N N 136 
GLU CA  CB   sing N N 137 
GLU CA  HA   sing N N 138 
GLU C   O    doub N N 139 
GLU C   OXT  sing N N 140 
GLU CB  CG   sing N N 141 
GLU CB  HB2  sing N N 142 
GLU CB  HB3  sing N N 143 
GLU CG  CD   sing N N 144 
GLU CG  HG2  sing N N 145 
GLU CG  HG3  sing N N 146 
GLU CD  OE1  doub N N 147 
GLU CD  OE2  sing N N 148 
GLU OE2 HE2  sing N N 149 
GLU OXT HXT  sing N N 150 
GLY N   CA   sing N N 151 
GLY N   H    sing N N 152 
GLY N   H2   sing N N 153 
GLY CA  C    sing N N 154 
GLY CA  HA2  sing N N 155 
GLY CA  HA3  sing N N 156 
GLY C   O    doub N N 157 
GLY C   OXT  sing N N 158 
GLY OXT HXT  sing N N 159 
HIS N   CA   sing N N 160 
HIS N   H    sing N N 161 
HIS N   H2   sing N N 162 
HIS CA  C    sing N N 163 
HIS CA  CB   sing N N 164 
HIS CA  HA   sing N N 165 
HIS C   O    doub N N 166 
HIS C   OXT  sing N N 167 
HIS CB  CG   sing N N 168 
HIS CB  HB2  sing N N 169 
HIS CB  HB3  sing N N 170 
HIS CG  ND1  sing Y N 171 
HIS CG  CD2  doub Y N 172 
HIS ND1 CE1  doub Y N 173 
HIS ND1 HD1  sing N N 174 
HIS CD2 NE2  sing Y N 175 
HIS CD2 HD2  sing N N 176 
HIS CE1 NE2  sing Y N 177 
HIS CE1 HE1  sing N N 178 
HIS NE2 HE2  sing N N 179 
HIS OXT HXT  sing N N 180 
HOH O   H1   sing N N 181 
HOH O   H2   sing N N 182 
ILE N   CA   sing N N 183 
ILE N   H    sing N N 184 
ILE N   H2   sing N N 185 
ILE CA  C    sing N N 186 
ILE CA  CB   sing N N 187 
ILE CA  HA   sing N N 188 
ILE C   O    doub N N 189 
ILE C   OXT  sing N N 190 
ILE CB  CG1  sing N N 191 
ILE CB  CG2  sing N N 192 
ILE CB  HB   sing N N 193 
ILE CG1 CD1  sing N N 194 
ILE CG1 HG12 sing N N 195 
ILE CG1 HG13 sing N N 196 
ILE CG2 HG21 sing N N 197 
ILE CG2 HG22 sing N N 198 
ILE CG2 HG23 sing N N 199 
ILE CD1 HD11 sing N N 200 
ILE CD1 HD12 sing N N 201 
ILE CD1 HD13 sing N N 202 
ILE OXT HXT  sing N N 203 
LEU N   CA   sing N N 204 
LEU N   H    sing N N 205 
LEU N   H2   sing N N 206 
LEU CA  C    sing N N 207 
LEU CA  CB   sing N N 208 
LEU CA  HA   sing N N 209 
LEU C   O    doub N N 210 
LEU C   OXT  sing N N 211 
LEU CB  CG   sing N N 212 
LEU CB  HB2  sing N N 213 
LEU CB  HB3  sing N N 214 
LEU CG  CD1  sing N N 215 
LEU CG  CD2  sing N N 216 
LEU CG  HG   sing N N 217 
LEU CD1 HD11 sing N N 218 
LEU CD1 HD12 sing N N 219 
LEU CD1 HD13 sing N N 220 
LEU CD2 HD21 sing N N 221 
LEU CD2 HD22 sing N N 222 
LEU CD2 HD23 sing N N 223 
LEU OXT HXT  sing N N 224 
LYS N   CA   sing N N 225 
LYS N   H    sing N N 226 
LYS N   H2   sing N N 227 
LYS CA  C    sing N N 228 
LYS CA  CB   sing N N 229 
LYS CA  HA   sing N N 230 
LYS C   O    doub N N 231 
LYS C   OXT  sing N N 232 
LYS CB  CG   sing N N 233 
LYS CB  HB2  sing N N 234 
LYS CB  HB3  sing N N 235 
LYS CG  CD   sing N N 236 
LYS CG  HG2  sing N N 237 
LYS CG  HG3  sing N N 238 
LYS CD  CE   sing N N 239 
LYS CD  HD2  sing N N 240 
LYS CD  HD3  sing N N 241 
LYS CE  NZ   sing N N 242 
LYS CE  HE2  sing N N 243 
LYS CE  HE3  sing N N 244 
LYS NZ  HZ1  sing N N 245 
LYS NZ  HZ2  sing N N 246 
LYS NZ  HZ3  sing N N 247 
LYS OXT HXT  sing N N 248 
MET N   CA   sing N N 249 
MET N   H    sing N N 250 
MET N   H2   sing N N 251 
MET CA  C    sing N N 252 
MET CA  CB   sing N N 253 
MET CA  HA   sing N N 254 
MET C   O    doub N N 255 
MET C   OXT  sing N N 256 
MET CB  CG   sing N N 257 
MET CB  HB2  sing N N 258 
MET CB  HB3  sing N N 259 
MET CG  SD   sing N N 260 
MET CG  HG2  sing N N 261 
MET CG  HG3  sing N N 262 
MET SD  CE   sing N N 263 
MET CE  HE1  sing N N 264 
MET CE  HE2  sing N N 265 
MET CE  HE3  sing N N 266 
MET OXT HXT  sing N N 267 
PHE N   CA   sing N N 268 
PHE N   H    sing N N 269 
PHE N   H2   sing N N 270 
PHE CA  C    sing N N 271 
PHE CA  CB   sing N N 272 
PHE CA  HA   sing N N 273 
PHE C   O    doub N N 274 
PHE C   OXT  sing N N 275 
PHE CB  CG   sing N N 276 
PHE CB  HB2  sing N N 277 
PHE CB  HB3  sing N N 278 
PHE CG  CD1  doub Y N 279 
PHE CG  CD2  sing Y N 280 
PHE CD1 CE1  sing Y N 281 
PHE CD1 HD1  sing N N 282 
PHE CD2 CE2  doub Y N 283 
PHE CD2 HD2  sing N N 284 
PHE CE1 CZ   doub Y N 285 
PHE CE1 HE1  sing N N 286 
PHE CE2 CZ   sing Y N 287 
PHE CE2 HE2  sing N N 288 
PHE CZ  HZ   sing N N 289 
PHE OXT HXT  sing N N 290 
PRO N   CA   sing N N 291 
PRO N   CD   sing N N 292 
PRO N   H    sing N N 293 
PRO CA  C    sing N N 294 
PRO CA  CB   sing N N 295 
PRO CA  HA   sing N N 296 
PRO C   O    doub N N 297 
PRO C   OXT  sing N N 298 
PRO CB  CG   sing N N 299 
PRO CB  HB2  sing N N 300 
PRO CB  HB3  sing N N 301 
PRO CG  CD   sing N N 302 
PRO CG  HG2  sing N N 303 
PRO CG  HG3  sing N N 304 
PRO CD  HD2  sing N N 305 
PRO CD  HD3  sing N N 306 
PRO OXT HXT  sing N N 307 
SER N   CA   sing N N 308 
SER N   H    sing N N 309 
SER N   H2   sing N N 310 
SER CA  C    sing N N 311 
SER CA  CB   sing N N 312 
SER CA  HA   sing N N 313 
SER C   O    doub N N 314 
SER C   OXT  sing N N 315 
SER CB  OG   sing N N 316 
SER CB  HB2  sing N N 317 
SER CB  HB3  sing N N 318 
SER OG  HG   sing N N 319 
SER OXT HXT  sing N N 320 
THR N   CA   sing N N 321 
THR N   H    sing N N 322 
THR N   H2   sing N N 323 
THR CA  C    sing N N 324 
THR CA  CB   sing N N 325 
THR CA  HA   sing N N 326 
THR C   O    doub N N 327 
THR C   OXT  sing N N 328 
THR CB  OG1  sing N N 329 
THR CB  CG2  sing N N 330 
THR CB  HB   sing N N 331 
THR OG1 HG1  sing N N 332 
THR CG2 HG21 sing N N 333 
THR CG2 HG22 sing N N 334 
THR CG2 HG23 sing N N 335 
THR OXT HXT  sing N N 336 
TRP N   CA   sing N N 337 
TRP N   H    sing N N 338 
TRP N   H2   sing N N 339 
TRP CA  C    sing N N 340 
TRP CA  CB   sing N N 341 
TRP CA  HA   sing N N 342 
TRP C   O    doub N N 343 
TRP C   OXT  sing N N 344 
TRP CB  CG   sing N N 345 
TRP CB  HB2  sing N N 346 
TRP CB  HB3  sing N N 347 
TRP CG  CD1  doub Y N 348 
TRP CG  CD2  sing Y N 349 
TRP CD1 NE1  sing Y N 350 
TRP CD1 HD1  sing N N 351 
TRP CD2 CE2  doub Y N 352 
TRP CD2 CE3  sing Y N 353 
TRP NE1 CE2  sing Y N 354 
TRP NE1 HE1  sing N N 355 
TRP CE2 CZ2  sing Y N 356 
TRP CE3 CZ3  doub Y N 357 
TRP CE3 HE3  sing N N 358 
TRP CZ2 CH2  doub Y N 359 
TRP CZ2 HZ2  sing N N 360 
TRP CZ3 CH2  sing Y N 361 
TRP CZ3 HZ3  sing N N 362 
TRP CH2 HH2  sing N N 363 
TRP OXT HXT  sing N N 364 
TYR N   CA   sing N N 365 
TYR N   H    sing N N 366 
TYR N   H2   sing N N 367 
TYR CA  C    sing N N 368 
TYR CA  CB   sing N N 369 
TYR CA  HA   sing N N 370 
TYR C   O    doub N N 371 
TYR C   OXT  sing N N 372 
TYR CB  CG   sing N N 373 
TYR CB  HB2  sing N N 374 
TYR CB  HB3  sing N N 375 
TYR CG  CD1  doub Y N 376 
TYR CG  CD2  sing Y N 377 
TYR CD1 CE1  sing Y N 378 
TYR CD1 HD1  sing N N 379 
TYR CD2 CE2  doub Y N 380 
TYR CD2 HD2  sing N N 381 
TYR CE1 CZ   doub Y N 382 
TYR CE1 HE1  sing N N 383 
TYR CE2 CZ   sing Y N 384 
TYR CE2 HE2  sing N N 385 
TYR CZ  OH   sing N N 386 
TYR OH  HH   sing N N 387 
TYR OXT HXT  sing N N 388 
VAL N   CA   sing N N 389 
VAL N   H    sing N N 390 
VAL N   H2   sing N N 391 
VAL CA  C    sing N N 392 
VAL CA  CB   sing N N 393 
VAL CA  HA   sing N N 394 
VAL C   O    doub N N 395 
VAL C   OXT  sing N N 396 
VAL CB  CG1  sing N N 397 
VAL CB  CG2  sing N N 398 
VAL CB  HB   sing N N 399 
VAL CG1 HG11 sing N N 400 
VAL CG1 HG12 sing N N 401 
VAL CG1 HG13 sing N N 402 
VAL CG2 HG21 sing N N 403 
VAL CG2 HG22 sing N N 404 
VAL CG2 HG23 sing N N 405 
VAL OXT HXT  sing N N 406 
# 
_pdbx_initial_refinement_model.id               1 
_pdbx_initial_refinement_model.entity_id_list   ? 
_pdbx_initial_refinement_model.type             'experimental model' 
_pdbx_initial_refinement_model.source_name      PDB 
_pdbx_initial_refinement_model.accession_code   1U9N 
_pdbx_initial_refinement_model.details          ? 
# 
_atom_sites.entry_id                    6HOB 
_atom_sites.fract_transf_matrix[1][1]   0.00070456 
_atom_sites.fract_transf_matrix[1][2]   -0.00725013 
_atom_sites.fract_transf_matrix[1][3]   -0.00376118 
_atom_sites.fract_transf_matrix[2][1]   -0.00552159 
_atom_sites.fract_transf_matrix[2][2]   0.00235901 
_atom_sites.fract_transf_matrix[2][3]   -0.00558160 
_atom_sites.fract_transf_matrix[3][1]   0.02183060 
_atom_sites.fract_transf_matrix[3][2]   0.01092870 
_atom_sites.fract_transf_matrix[3][3]   -0.01697698 
_atom_sites.fract_transf_vector[1]      0.141797 
_atom_sites.fract_transf_vector[2]      0.287483 
_atom_sites.fract_transf_vector[3]      0.009819 
# 
loop_
_atom_type.symbol 
C 
F 
N 
O 
S 
# 
loop_
_atom_site.group_PDB 
_atom_site.id 
_atom_site.type_symbol 
_atom_site.label_atom_id 
_atom_site.label_alt_id 
_atom_site.label_comp_id 
_atom_site.label_asym_id 
_atom_site.label_entity_id 
_atom_site.label_seq_id 
_atom_site.pdbx_PDB_ins_code 
_atom_site.Cartn_x 
_atom_site.Cartn_y 
_atom_site.Cartn_z 
_atom_site.occupancy 
_atom_site.B_iso_or_equiv 
_atom_site.pdbx_formal_charge 
_atom_site.auth_seq_id 
_atom_site.auth_comp_id 
_atom_site.auth_asym_id 
_atom_site.auth_atom_id 
_atom_site.pdbx_PDB_model_num 
ATOM   1    N N   . ASP A 1 36  ? -16.392 8.473   -15.295 1.00 54.07 ? 24  ASP A N   1 
ATOM   2    C CA  . ASP A 1 36  ? -17.870 8.494   -15.478 1.00 57.86 ? 24  ASP A CA  1 
ATOM   3    C C   . ASP A 1 36  ? -18.375 7.047   -15.612 1.00 51.13 ? 24  ASP A C   1 
ATOM   4    O O   . ASP A 1 36  ? -18.655 6.401   -14.585 1.00 46.51 ? 24  ASP A O   1 
ATOM   5    C CB  . ASP A 1 36  ? -18.231 9.377   -16.672 1.00 67.38 ? 24  ASP A CB  1 
ATOM   6    C CG  . ASP A 1 36  ? -19.693 9.297   -17.087 1.00 75.77 ? 24  ASP A CG  1 
ATOM   7    O OD1 . ASP A 1 36  ? -20.523 8.849   -16.259 1.00 81.37 ? 24  ASP A OD1 1 
ATOM   8    O OD2 . ASP A 1 36  ? -19.991 9.676   -18.233 1.00 72.86 ? 24  ASP A OD2 1 
ATOM   9    N N   . ARG A 1 37  ? -18.481 6.519   -16.831 1.00 46.34 ? 25  ARG A N   1 
ATOM   10   C CA  . ARG A 1 37  ? -18.594 5.055   -17.039 1.00 43.76 ? 25  ARG A CA  1 
ATOM   11   C C   . ARG A 1 37  ? -17.276 4.399   -16.595 1.00 38.69 ? 25  ARG A C   1 
ATOM   12   O O   . ARG A 1 37  ? -17.329 3.237   -16.147 1.00 32.41 ? 25  ARG A O   1 
ATOM   13   C CB  . ARG A 1 37  ? -18.978 4.743   -18.483 1.00 47.01 ? 25  ARG A CB  1 
ATOM   14   C CG  . ARG A 1 37  ? -20.405 5.172   -18.794 1.00 50.38 ? 25  ARG A CG  1 
ATOM   15   C CD  . ARG A 1 37  ? -20.955 4.517   -20.038 1.00 59.16 ? 25  ARG A CD  1 
ATOM   16   N NE  . ARG A 1 37  ? -20.505 5.176   -21.257 1.00 65.80 ? 25  ARG A NE  1 
ATOM   17   C CZ  . ARG A 1 37  ? -20.989 4.954   -22.478 1.00 65.54 ? 25  ARG A CZ  1 
ATOM   18   N NH1 . ARG A 1 37  ? -21.962 4.077   -22.678 1.00 66.23 ? 25  ARG A NH1 1 
ATOM   19   N NH2 . ARG A 1 37  ? -20.489 5.619   -23.504 1.00 68.17 ? 25  ARG A NH2 1 
ATOM   20   N N   . GLU A 1 38  ? -16.152 5.117   -16.689 1.00 34.91 ? 26  GLU A N   1 
ATOM   21   C CA  . GLU A 1 38  ? -14.838 4.604   -16.205 1.00 36.75 ? 26  GLU A CA  1 
ATOM   22   C C   . GLU A 1 38  ? -14.939 4.349   -14.695 1.00 34.56 ? 26  GLU A C   1 
ATOM   23   O O   . GLU A 1 38  ? -14.588 3.260   -14.248 1.00 32.82 ? 26  GLU A O   1 
ATOM   24   C CB  . GLU A 1 38  ? -13.685 5.553   -16.520 1.00 38.52 ? 26  GLU A CB  1 
ATOM   25   C CG  . GLU A 1 38  ? -12.342 4.859   -16.388 1.00 44.74 ? 26  GLU A CG  1 
ATOM   26   C CD  . GLU A 1 38  ? -11.094 5.729   -16.431 1.00 51.97 ? 26  GLU A CD  1 
ATOM   27   O OE1 . GLU A 1 38  ? -11.011 6.556   -17.334 1.00 48.39 ? 26  GLU A OE1 1 
ATOM   28   O OE2 . GLU A 1 38  ? -10.181 5.526   -15.582 1.00 56.54 ? 26  GLU A OE2 1 
ATOM   29   N N   . LEU A 1 39  ? -15.454 5.321   -13.951 1.00 35.81 ? 27  LEU A N   1 
ATOM   30   C CA  . LEU A 1 39  ? -15.615 5.241   -12.484 1.00 36.10 ? 27  LEU A CA  1 
ATOM   31   C C   . LEU A 1 39  ? -16.526 4.068   -12.148 1.00 35.44 ? 27  LEU A C   1 
ATOM   32   O O   . LEU A 1 39  ? -16.208 3.315   -11.216 1.00 32.91 ? 27  LEU A O   1 
ATOM   33   C CB  . LEU A 1 39  ? -16.174 6.564   -11.960 1.00 39.07 ? 27  LEU A CB  1 
ATOM   34   C CG  . LEU A 1 39  ? -15.169 7.710   -11.833 1.00 43.85 ? 27  LEU A CG  1 
ATOM   35   C CD1 . LEU A 1 39  ? -15.839 8.918   -11.172 1.00 45.56 ? 27  LEU A CD1 1 
ATOM   36   C CD2 . LEU A 1 39  ? -13.927 7.284   -11.044 1.00 45.59 ? 27  LEU A CD2 1 
ATOM   37   N N   . ALA A 1 40  ? -17.604 3.879   -12.907 1.00 34.66 ? 28  ALA A N   1 
ATOM   38   C CA  . ALA A 1 40  ? -18.550 2.758   -12.725 1.00 31.82 ? 28  ALA A CA  1 
ATOM   39   C C   . ALA A 1 40  ? -17.838 1.420   -12.961 1.00 26.18 ? 28  ALA A C   1 
ATOM   40   O O   . ALA A 1 40  ? -18.131 0.453   -12.257 1.00 31.00 ? 28  ALA A O   1 
ATOM   41   C CB  . ALA A 1 40  ? -19.741 2.917   -13.654 1.00 34.99 ? 28  ALA A CB  1 
ATOM   42   N N   . ILE A 1 41  ? -16.960 1.314   -13.954 1.00 25.67 ? 29  ILE A N   1 
ATOM   43   C CA  . ILE A 1 41  ? -16.251 0.024   -14.218 1.00 24.96 ? 29  ILE A CA  1 
ATOM   44   C C   . ILE A 1 41  ? -15.344 -0.250  -12.999 1.00 23.12 ? 29  ILE A C   1 
ATOM   45   O O   . ILE A 1 41  ? -15.282 -1.385  -12.542 1.00 25.04 ? 29  ILE A O   1 
ATOM   46   C CB  . ILE A 1 41  ? -15.438 0.098   -15.532 1.00 25.91 ? 29  ILE A CB  1 
ATOM   47   C CG1 . ILE A 1 41  ? -16.383 0.141   -16.749 1.00 28.13 ? 29  ILE A CG1 1 
ATOM   48   C CG2 . ILE A 1 41  ? -14.450 -1.049  -15.652 1.00 24.93 ? 29  ILE A CG2 1 
ATOM   49   C CD1 . ILE A 1 41  ? -15.675 0.502   -18.074 1.00 28.88 ? 29  ILE A CD1 1 
ATOM   50   N N   . LEU A 1 42  ? -14.660 0.781   -12.538 1.00 25.52 ? 30  LEU A N   1 
ATOM   51   C CA  . LEU A 1 42  ? -13.679 0.643   -11.423 1.00 27.08 ? 30  LEU A CA  1 
ATOM   52   C C   . LEU A 1 42  ? -14.417 0.214   -10.149 1.00 28.52 ? 30  LEU A C   1 
ATOM   53   O O   . LEU A 1 42  ? -13.940 -0.710  -9.486  1.00 27.48 ? 30  LEU A O   1 
ATOM   54   C CB  . LEU A 1 42  ? -12.969 1.968   -11.242 1.00 26.85 ? 30  LEU A CB  1 
ATOM   55   C CG  . LEU A 1 42  ? -11.976 2.315   -12.345 1.00 26.48 ? 30  LEU A CG  1 
ATOM   56   C CD1 . LEU A 1 42  ? -11.535 3.762   -12.184 1.00 29.45 ? 30  LEU A CD1 1 
ATOM   57   C CD2 . LEU A 1 42  ? -10.789 1.353   -12.334 1.00 28.42 ? 30  LEU A CD2 1 
ATOM   58   N N   . ALA A 1 43  ? -15.548 0.852   -9.842  1.00 26.69 ? 31  ALA A N   1 
ATOM   59   C CA  . ALA A 1 43  ? -16.373 0.527   -8.655  1.00 27.65 ? 31  ALA A CA  1 
ATOM   60   C C   . ALA A 1 43  ? -16.891 -0.909  -8.731  1.00 27.77 ? 31  ALA A C   1 
ATOM   61   O O   . ALA A 1 43  ? -16.806 -1.662  -7.727  1.00 27.03 ? 31  ALA A O   1 
ATOM   62   C CB  . ALA A 1 43  ? -17.483 1.538   -8.538  1.00 30.95 ? 31  ALA A CB  1 
ATOM   63   N N   . THR A 1 44  ? -17.427 -1.322  -9.883  1.00 25.10 ? 32  THR A N   1 
ATOM   64   C CA  . THR A 1 44  ? -17.855 -2.711  -10.126 1.00 27.40 ? 32  THR A CA  1 
ATOM   65   C C   . THR A 1 44  ? -16.701 -3.654  -9.850  1.00 26.48 ? 32  THR A C   1 
ATOM   66   O O   . THR A 1 44  ? -16.931 -4.682  -9.183  1.00 30.64 ? 32  THR A O   1 
ATOM   67   C CB  . THR A 1 44  ? -18.353 -2.921  -11.565 1.00 27.96 ? 32  THR A CB  1 
ATOM   68   O OG1 . THR A 1 44  ? -19.413 -1.983  -11.738 1.00 29.65 ? 32  THR A OG1 1 
ATOM   69   C CG2 . THR A 1 44  ? -18.846 -4.321  -11.815 1.00 30.75 ? 32  THR A CG2 1 
ATOM   70   N N   . ALA A 1 45  ? -15.514 -3.384  -10.408 1.00 24.32 ? 33  ALA A N   1 
ATOM   71   C CA  . ALA A 1 45  ? -14.386 -4.321  -10.265 1.00 23.27 ? 33  ALA A CA  1 
ATOM   72   C C   . ALA A 1 45  ? -14.044 -4.407  -8.751  1.00 23.14 ? 33  ALA A C   1 
ATOM   73   O O   . ALA A 1 45  ? -13.859 -5.520  -8.248  1.00 25.08 ? 33  ALA A O   1 
ATOM   74   C CB  . ALA A 1 45  ? -13.206 -3.851  -11.057 1.00 22.92 ? 33  ALA A CB  1 
ATOM   75   N N   . GLU A 1 46  ? -13.978 -3.267  -8.056  1.00 25.59 ? 34  GLU A N   1 
ATOM   76   C CA  . GLU A 1 46  ? -13.568 -3.276  -6.612  1.00 26.41 ? 34  GLU A CA  1 
ATOM   77   C C   . GLU A 1 46  ? -14.620 -4.070  -5.816  1.00 32.26 ? 34  GLU A C   1 
ATOM   78   O O   . GLU A 1 46  ? -14.268 -4.908  -4.952  1.00 26.79 ? 34  GLU A O   1 
ATOM   79   C CB  . GLU A 1 46  ? -13.409 -1.867  -6.066  1.00 28.12 ? 34  GLU A CB  1 
ATOM   80   C CG  . GLU A 1 46  ? -13.008 -1.852  -4.591  1.00 32.35 ? 34  GLU A CG  1 
ATOM   81   C CD  . GLU A 1 46  ? -12.240 -0.624  -4.137  1.00 33.44 ? 34  GLU A CD  1 
ATOM   82   O OE1 . GLU A 1 46  ? -12.320 0.417   -4.802  1.00 30.95 ? 34  GLU A OE1 1 
ATOM   83   O OE2 . GLU A 1 46  ? -11.533 -0.717  -3.122  1.00 31.36 ? 34  GLU A OE2 1 
ATOM   84   N N   . ASN A 1 47  ? -15.887 -3.879  -6.159  1.00 31.33 ? 35  ASN A N   1 
ATOM   85   C CA  . ASN A 1 47  ? -16.984 -4.673  -5.559  1.00 32.52 ? 35  ASN A CA  1 
ATOM   86   C C   . ASN A 1 47  ? -16.799 -6.158  -5.812  1.00 32.09 ? 35  ASN A C   1 
ATOM   87   O O   . ASN A 1 47  ? -16.863 -6.911  -4.846  1.00 32.79 ? 35  ASN A O   1 
ATOM   88   C CB  . ASN A 1 47  ? -18.356 -4.223  -6.028  1.00 38.09 ? 35  ASN A CB  1 
ATOM   89   C CG  . ASN A 1 47  ? -18.982 -3.424  -4.929  1.00 48.15 ? 35  ASN A CG  1 
ATOM   90   O OD1 . ASN A 1 47  ? -19.760 -3.973  -4.148  1.00 55.70 ? 35  ASN A OD1 1 
ATOM   91   N ND2 . ASN A 1 47  ? -18.539 -2.186  -4.793  1.00 53.31 ? 35  ASN A ND2 1 
ATOM   92   N N   . LEU A 1 48  ? -16.603 -6.589  -7.050  1.00 30.48 ? 36  LEU A N   1 
ATOM   93   C CA  . LEU A 1 48  ? -16.550 -8.034  -7.372  1.00 31.27 ? 36  LEU A CA  1 
ATOM   94   C C   . LEU A 1 48  ? -15.306 -8.683  -6.764  1.00 33.36 ? 36  LEU A C   1 
ATOM   95   O O   . LEU A 1 48  ? -15.356 -9.899  -6.471  1.00 30.54 ? 36  LEU A O   1 
ATOM   96   C CB  . LEU A 1 48  ? -16.570 -8.221  -8.891  1.00 33.79 ? 36  LEU A CB  1 
ATOM   97   C CG  . LEU A 1 48  ? -17.898 -7.852  -9.563  1.00 37.06 ? 36  LEU A CG  1 
ATOM   98   C CD1 . LEU A 1 48  ? -17.826 -8.124  -11.053 1.00 37.22 ? 36  LEU A CD1 1 
ATOM   99   C CD2 . LEU A 1 48  ? -19.077 -8.584  -8.931  1.00 39.15 ? 36  LEU A CD2 1 
ATOM   100  N N   . LEU A 1 49  ? -14.205 -7.929  -6.660  1.00 30.14 ? 37  LEU A N   1 
ATOM   101  C CA  . LEU A 1 49  ? -12.954 -8.464  -6.086  1.00 28.61 ? 37  LEU A CA  1 
ATOM   102  C C   . LEU A 1 49  ? -13.144 -8.803  -4.610  1.00 27.49 ? 37  LEU A C   1 
ATOM   103  O O   . LEU A 1 49  ? -12.320 -9.606  -4.127  1.00 28.63 ? 37  LEU A O   1 
ATOM   104  C CB  . LEU A 1 49  ? -11.808 -7.474  -6.298  1.00 28.28 ? 37  LEU A CB  1 
ATOM   105  C CG  . LEU A 1 49  ? -11.282 -7.490  -7.744  1.00 27.07 ? 37  LEU A CG  1 
ATOM   106  C CD1 . LEU A 1 49  ? -10.393 -6.296  -8.001  1.00 27.59 ? 37  LEU A CD1 1 
ATOM   107  C CD2 . LEU A 1 49  ? -10.570 -8.790  -8.072  1.00 27.53 ? 37  LEU A CD2 1 
ATOM   108  N N   . GLU A 1 50  ? -14.141 -8.242  -3.926  1.00 30.02 ? 38  GLU A N   1 
ATOM   109  C CA  . GLU A 1 50  ? -14.398 -8.582  -2.493  1.00 33.74 ? 38  GLU A CA  1 
ATOM   110  C C   . GLU A 1 50  ? -14.969 -10.001 -2.378  1.00 41.64 ? 38  GLU A C   1 
ATOM   111  O O   . GLU A 1 50  ? -14.757 -10.615 -1.350  1.00 41.62 ? 38  GLU A O   1 
ATOM   112  C CB  . GLU A 1 50  ? -15.269 -7.511  -1.858  1.00 35.99 ? 38  GLU A CB  1 
ATOM   113  C CG  . GLU A 1 50  ? -14.469 -6.234  -1.633  1.00 45.82 ? 38  GLU A CG  1 
ATOM   114  C CD  . GLU A 1 50  ? -15.246 -4.933  -1.639  1.00 54.90 ? 38  GLU A CD  1 
ATOM   115  O OE1 . GLU A 1 50  ? -16.420 -4.962  -1.241  1.00 58.56 ? 38  GLU A OE1 1 
ATOM   116  O OE2 . GLU A 1 50  ? -14.672 -3.896  -2.064  1.00 62.34 ? 38  GLU A OE2 1 
ATOM   117  N N   . ASP A 1 51  ? -15.595 -10.553 -3.417  1.00 44.16 ? 39  ASP A N   1 
ATOM   118  C CA  . ASP A 1 51  ? -16.152 -11.929 -3.321  1.00 46.71 ? 39  ASP A CA  1 
ATOM   119  C C   . ASP A 1 51  ? -15.358 -12.930 -4.173  1.00 40.52 ? 39  ASP A C   1 
ATOM   120  O O   . ASP A 1 51  ? -15.533 -14.102 -3.931  1.00 42.66 ? 39  ASP A O   1 
ATOM   121  C CB  . ASP A 1 51  ? -17.640 -11.954 -3.658  1.00 54.45 ? 39  ASP A CB  1 
ATOM   122  C CG  . ASP A 1 51  ? -17.898 -11.839 -5.147  1.00 61.18 ? 39  ASP A CG  1 
ATOM   123  O OD1 . ASP A 1 51  ? -17.785 -10.723 -5.657  1.00 79.60 ? 39  ASP A OD1 1 
ATOM   124  O OD2 . ASP A 1 51  ? -18.175 -12.873 -5.794  1.00 69.86 ? 39  ASP A OD2 1 
ATOM   125  N N   . ARG A 1 52  ? -14.491 -12.553 -5.108  1.00 38.80 ? 40  ARG A N   1 
ATOM   126  C CA  . ARG A 1 52  ? -13.697 -13.583 -5.829  1.00 37.68 ? 40  ARG A CA  1 
ATOM   127  C C   . ARG A 1 52  ? -12.504 -12.997 -6.556  1.00 35.97 ? 40  ARG A C   1 
ATOM   128  O O   . ARG A 1 52  ? -12.397 -11.791 -6.731  1.00 34.53 ? 40  ARG A O   1 
ATOM   129  C CB  . ARG A 1 52  ? -14.555 -14.324 -6.857  1.00 48.31 ? 40  ARG A CB  1 
ATOM   130  C CG  . ARG A 1 52  ? -15.451 -13.431 -7.699  1.00 49.68 ? 40  ARG A CG  1 
ATOM   131  C CD  . ARG A 1 52  ? -16.314 -14.348 -8.553  1.00 53.03 ? 40  ARG A CD  1 
ATOM   132  N NE  . ARG A 1 52  ? -16.719 -13.708 -9.790  1.00 53.65 ? 40  ARG A NE  1 
ATOM   133  C CZ  . ARG A 1 52  ? -17.759 -12.886 -9.928  1.00 50.40 ? 40  ARG A CZ  1 
ATOM   134  N NH1 . ARG A 1 52  ? -18.539 -12.584 -8.901  1.00 47.07 ? 40  ARG A NH1 1 
ATOM   135  N NH2 . ARG A 1 52  ? -18.000 -12.357 -11.111 1.00 45.73 ? 40  ARG A NH2 1 
ATOM   136  N N   . PRO A 1 53  ? -11.547 -13.864 -6.933  1.00 34.49 ? 41  PRO A N   1 
ATOM   137  C CA  . PRO A 1 53  ? -10.338 -13.427 -7.618  1.00 36.92 ? 41  PRO A CA  1 
ATOM   138  C C   . PRO A 1 53  ? -10.630 -12.864 -9.011  1.00 38.59 ? 41  PRO A C   1 
ATOM   139  O O   . PRO A 1 53  ? -11.698 -13.125 -9.554  1.00 37.06 ? 41  PRO A O   1 
ATOM   140  C CB  . PRO A 1 53  ? -9.466  -14.687 -7.721  1.00 41.53 ? 41  PRO A CB  1 
ATOM   141  C CG  . PRO A 1 53  ? -10.421 -15.844 -7.469  1.00 41.40 ? 41  PRO A CG  1 
ATOM   142  C CD  . PRO A 1 53  ? -11.536 -15.301 -6.607  1.00 38.53 ? 41  PRO A CD  1 
ATOM   143  N N   . LEU A 1 54  ? -9.675  -12.107 -9.544  1.00 37.46 ? 42  LEU A N   1 
ATOM   144  C CA  . LEU A 1 54  ? -9.814  -11.474 -10.871 1.00 39.61 ? 42  LEU A CA  1 
ATOM   145  C C   . LEU A 1 54  ? -9.981  -12.561 -11.946 1.00 40.28 ? 42  LEU A C   1 
ATOM   146  O O   . LEU A 1 54  ? -10.738 -12.335 -12.901 1.00 40.06 ? 42  LEU A O   1 
ATOM   147  C CB  . LEU A 1 54  ? -8.573  -10.641 -11.154 1.00 39.68 ? 42  LEU A CB  1 
ATOM   148  C CG  . LEU A 1 54  ? -8.666  -9.841  -12.442 1.00 36.63 ? 42  LEU A CG  1 
ATOM   149  C CD1 . LEU A 1 54  ? -9.660  -8.694  -12.298 1.00 36.71 ? 42  LEU A CD1 1 
ATOM   150  C CD2 . LEU A 1 54  ? -7.297  -9.355  -12.865 1.00 39.55 ? 42  LEU A CD2 1 
ATOM   151  N N   . ALA A 1 55  ? -9.285  -13.688 -11.799 1.00 45.69 ? 43  ALA A N   1 
ATOM   152  C CA  . ALA A 1 55  ? -9.412  -14.881 -12.673 1.00 46.37 ? 43  ALA A CA  1 
ATOM   153  C C   . ALA A 1 55  ? -10.866 -15.375 -12.749 1.00 47.33 ? 43  ALA A C   1 
ATOM   154  O O   . ALA A 1 55  ? -11.189 -16.050 -13.730 1.00 56.05 ? 43  ALA A O   1 
ATOM   155  C CB  . ALA A 1 55  ? -8.484  -15.965 -12.188 1.00 44.10 ? 43  ALA A CB  1 
ATOM   156  N N   . ASP A 1 56  ? -11.734 -15.065 -11.786 1.00 45.44 ? 44  ASP A N   1 
ATOM   157  C CA  . ASP A 1 56  ? -13.159 -15.474 -11.831 1.00 43.08 ? 44  ASP A CA  1 
ATOM   158  C C   . ASP A 1 56  ? -14.040 -14.297 -12.200 1.00 41.81 ? 44  ASP A C   1 
ATOM   159  O O   . ASP A 1 56  ? -15.247 -14.433 -12.089 1.00 40.33 ? 44  ASP A O   1 
ATOM   160  C CB  . ASP A 1 56  ? -13.675 -15.980 -10.490 1.00 47.15 ? 44  ASP A CB  1 
ATOM   161  C CG  . ASP A 1 56  ? -13.035 -17.270 -10.046 1.00 49.39 ? 44  ASP A CG  1 
ATOM   162  O OD1 . ASP A 1 56  ? -12.016 -17.662 -10.649 1.00 55.68 ? 44  ASP A OD1 1 
ATOM   163  O OD2 . ASP A 1 56  ? -13.561 -17.866 -9.091  1.00 55.41 ? 44  ASP A OD2 1 
ATOM   164  N N   . ILE A 1 57  ? -13.463 -13.174 -12.613 1.00 40.70 ? 45  ILE A N   1 
ATOM   165  C CA  . ILE A 1 57  ? -14.252 -11.996 -13.075 1.00 41.98 ? 45  ILE A CA  1 
ATOM   166  C C   . ILE A 1 57  ? -14.008 -11.840 -14.584 1.00 39.76 ? 45  ILE A C   1 
ATOM   167  O O   . ILE A 1 57  ? -12.826 -11.891 -15.009 1.00 42.41 ? 45  ILE A O   1 
ATOM   168  C CB  . ILE A 1 57  ? -13.901 -10.736 -12.255 1.00 37.46 ? 45  ILE A CB  1 
ATOM   169  C CG1 . ILE A 1 57  ? -14.228 -10.940 -10.772 1.00 37.36 ? 45  ILE A CG1 1 
ATOM   170  C CG2 . ILE A 1 57  ? -14.604 -9.507  -12.809 1.00 40.79 ? 45  ILE A CG2 1 
ATOM   171  C CD1 . ILE A 1 57  ? -13.796 -9.802  -9.873  1.00 33.32 ? 45  ILE A CD1 1 
ATOM   172  N N   . SER A 1 58  ? -15.093 -11.760 -15.365 1.00 44.30 ? 46  SER A N   1 
ATOM   173  C CA  . SER A 1 58  ? -15.065 -11.715 -16.858 1.00 45.60 ? 46  SER A CA  1 
ATOM   174  C C   . SER A 1 58  ? -15.214 -10.260 -17.287 1.00 39.25 ? 46  SER A C   1 
ATOM   175  O O   . SER A 1 58  ? -15.792 -9.471  -16.519 1.00 34.16 ? 46  SER A O   1 
ATOM   176  C CB  . SER A 1 58  ? -16.166 -12.573 -17.465 1.00 41.23 ? 46  SER A CB  1 
ATOM   177  O OG  . SER A 1 58  ? -17.421 -11.946 -17.258 1.00 42.02 ? 46  SER A OG  1 
ATOM   178  N N   . VAL A 1 59  ? -14.763 -9.899  -18.487 1.00 38.06 ? 47  VAL A N   1 
ATOM   179  C CA  . VAL A 1 59  ? -15.014 -8.513  -18.979 1.00 32.69 ? 47  VAL A CA  1 
ATOM   180  C C   . VAL A 1 59  ? -16.528 -8.257  -18.956 1.00 31.45 ? 47  VAL A C   1 
ATOM   181  O O   . VAL A 1 59  ? -16.971 -7.106  -18.673 1.00 31.74 ? 47  VAL A O   1 
ATOM   182  C CB  . VAL A 1 59  ? -14.336 -8.280  -20.342 1.00 33.56 ? 47  VAL A CB  1 
ATOM   183  C CG1 . VAL A 1 59  ? -14.841 -7.011  -21.013 1.00 31.31 ? 47  VAL A CG1 1 
ATOM   184  C CG2 . VAL A 1 59  ? -12.809 -8.241  -20.186 1.00 34.06 ? 47  VAL A CG2 1 
ATOM   185  N N   . ASP A 1 60  ? -17.319 -9.300  -19.190 1.00 40.57 ? 48  ASP A N   1 
ATOM   186  C CA  . ASP A 1 60  ? -18.805 -9.231  -19.244 1.00 46.64 ? 48  ASP A CA  1 
ATOM   187  C C   . ASP A 1 60  ? -19.361 -8.844  -17.868 1.00 42.50 ? 48  ASP A C   1 
ATOM   188  O O   . ASP A 1 60  ? -20.312 -7.986  -17.791 1.00 38.44 ? 48  ASP A O   1 
ATOM   189  C CB  . ASP A 1 60  ? -19.385 -10.553 -19.764 1.00 51.59 ? 48  ASP A CB  1 
ATOM   190  C CG  . ASP A 1 60  ? -18.874 -10.930 -21.152 1.00 59.13 ? 48  ASP A CG  1 
ATOM   191  O OD1 . ASP A 1 60  ? -18.980 -10.091 -22.098 1.00 53.78 ? 48  ASP A OD1 1 
ATOM   192  O OD2 . ASP A 1 60  ? -18.337 -12.042 -21.274 1.00 70.00 ? 48  ASP A OD2 1 
ATOM   193  N N   . ASP A 1 61  ? -18.799 -9.443  -16.811 1.00 49.28 ? 49  ASP A N   1 
ATOM   194  C CA  . ASP A 1 61  ? -19.151 -9.089  -15.408 1.00 42.01 ? 49  ASP A CA  1 
ATOM   195  C C   . ASP A 1 61  ? -18.949 -7.583  -15.207 1.00 37.53 ? 49  ASP A C   1 
ATOM   196  O O   . ASP A 1 61  ? -19.864 -6.907  -14.729 1.00 39.45 ? 49  ASP A O   1 
ATOM   197  C CB  . ASP A 1 61  ? -18.341 -9.913  -14.405 1.00 45.59 ? 49  ASP A CB  1 
ATOM   198  C CG  . ASP A 1 61  ? -18.635 -11.397 -14.435 1.00 48.89 ? 49  ASP A CG  1 
ATOM   199  O OD1 . ASP A 1 61  ? -19.812 -11.750 -14.601 1.00 52.19 ? 49  ASP A OD1 1 
ATOM   200  O OD2 . ASP A 1 61  ? -17.672 -12.187 -14.299 1.00 50.54 ? 49  ASP A OD2 1 
ATOM   201  N N   . LEU A 1 62  ? -17.798 -7.037  -15.594 1.00 36.47 ? 50  LEU A N   1 
ATOM   202  C CA  . LEU A 1 62  ? -17.510 -5.601  -15.349 1.00 32.18 ? 50  LEU A CA  1 
ATOM   203  C C   . LEU A 1 62  ? -18.436 -4.734  -16.173 1.00 30.20 ? 50  LEU A C   1 
ATOM   204  O O   . LEU A 1 62  ? -18.872 -3.684  -15.688 1.00 32.08 ? 50  LEU A O   1 
ATOM   205  C CB  . LEU A 1 62  ? -16.047 -5.337  -15.692 1.00 34.18 ? 50  LEU A CB  1 
ATOM   206  C CG  . LEU A 1 62  ? -15.071 -6.196  -14.892 1.00 31.48 ? 50  LEU A CG  1 
ATOM   207  C CD1 . LEU A 1 62  ? -13.655 -5.960  -15.357 1.00 34.22 ? 50  LEU A CD1 1 
ATOM   208  C CD2 . LEU A 1 62  ? -15.216 -5.916  -13.393 1.00 33.92 ? 50  LEU A CD2 1 
ATOM   209  N N   . ALA A 1 63  ? -18.650 -5.129  -17.430 1.00 35.93 ? 51  ALA A N   1 
ATOM   210  C CA  . ALA A 1 63  ? -19.564 -4.425  -18.360 1.00 35.06 ? 51  ALA A CA  1 
ATOM   211  C C   . ALA A 1 63  ? -20.949 -4.322  -17.701 1.00 32.55 ? 51  ALA A C   1 
ATOM   212  O O   . ALA A 1 63  ? -21.456 -3.195  -17.555 1.00 34.19 ? 51  ALA A O   1 
ATOM   213  C CB  . ALA A 1 63  ? -19.590 -5.168  -19.686 1.00 34.55 ? 51  ALA A CB  1 
ATOM   214  N N   . LYS A 1 64  ? -21.516 -5.443  -17.267 1.00 41.78 ? 52  LYS A N   1 
ATOM   215  C CA  . LYS A 1 64  ? -22.911 -5.469  -16.713 1.00 45.02 ? 52  LYS A CA  1 
ATOM   216  C C   . LYS A 1 64  ? -22.998 -4.499  -15.531 1.00 42.14 ? 52  LYS A C   1 
ATOM   217  O O   . LYS A 1 64  ? -23.814 -3.558  -15.564 1.00 37.02 ? 52  LYS A O   1 
ATOM   218  C CB  . LYS A 1 64  ? -23.310 -6.898  -16.347 1.00 52.16 ? 52  LYS A CB  1 
ATOM   219  C CG  . LYS A 1 64  ? -23.696 -7.742  -17.551 1.00 59.85 ? 52  LYS A CG  1 
ATOM   220  C CD  . LYS A 1 64  ? -23.554 -9.240  -17.393 1.00 65.93 ? 52  LYS A CD  1 
ATOM   221  C CE  . LYS A 1 64  ? -23.521 -9.945  -18.736 1.00 64.19 ? 52  LYS A CE  1 
ATOM   222  N NZ  . LYS A 1 64  ? -23.203 -11.377 -18.573 1.00 65.14 ? 52  LYS A NZ  1 
ATOM   223  N N   . GLY A 1 65  ? -22.085 -4.620  -14.561 1.00 48.10 ? 53  GLY A N   1 
ATOM   224  C CA  . GLY A 1 65  ? -22.146 -3.776  -13.356 1.00 36.85 ? 53  GLY A CA  1 
ATOM   225  C C   . GLY A 1 65  ? -22.040 -2.312  -13.699 1.00 39.24 ? 53  GLY A C   1 
ATOM   226  O O   . GLY A 1 65  ? -22.555 -1.503  -12.914 1.00 39.27 ? 53  GLY A O   1 
ATOM   227  N N   . ALA A 1 66  ? -21.404 -1.941  -14.813 1.00 35.32 ? 54  ALA A N   1 
ATOM   228  C CA  . ALA A 1 66  ? -21.238 -0.509  -15.191 1.00 34.86 ? 54  ALA A CA  1 
ATOM   229  C C   . ALA A 1 66  ? -22.362 -0.032  -16.112 1.00 34.46 ? 54  ALA A C   1 
ATOM   230  O O   . ALA A 1 66  ? -22.376 1.161   -16.460 1.00 39.82 ? 54  ALA A O   1 
ATOM   231  C CB  . ALA A 1 66  ? -19.895 -0.285  -15.858 1.00 38.38 ? 54  ALA A CB  1 
ATOM   232  N N   . GLY A 1 67  ? -23.271 -0.915  -16.499 1.00 36.94 ? 55  GLY A N   1 
ATOM   233  C CA  . GLY A 1 67  ? -24.433 -0.535  -17.339 1.00 38.42 ? 55  GLY A CA  1 
ATOM   234  C C   . GLY A 1 67  ? -24.048 -0.287  -18.799 1.00 38.32 ? 55  GLY A C   1 
ATOM   235  O O   . GLY A 1 67  ? -24.645 0.614   -19.444 1.00 37.08 ? 55  GLY A O   1 
ATOM   236  N N   . ILE A 1 68  ? -23.045 -1.007  -19.293 1.00 39.27 ? 56  ILE A N   1 
ATOM   237  C CA  . ILE A 1 68  ? -22.516 -0.825  -20.685 1.00 34.97 ? 56  ILE A CA  1 
ATOM   238  C C   . ILE A 1 68  ? -22.359 -2.198  -21.320 1.00 30.06 ? 56  ILE A C   1 
ATOM   239  O O   . ILE A 1 68  ? -22.306 -3.158  -20.588 1.00 30.10 ? 56  ILE A O   1 
ATOM   240  C CB  . ILE A 1 68  ? -21.156 -0.100  -20.674 1.00 34.74 ? 56  ILE A CB  1 
ATOM   241  C CG1 . ILE A 1 68  ? -20.095 -0.925  -19.937 1.00 35.32 ? 56  ILE A CG1 1 
ATOM   242  C CG2 . ILE A 1 68  ? -21.300 1.323   -20.158 1.00 35.08 ? 56  ILE A CG2 1 
ATOM   243  C CD1 . ILE A 1 68  ? -18.689 -0.344  -19.964 1.00 36.70 ? 56  ILE A CD1 1 
ATOM   244  N N   . SER A 1 69  ? -22.122 -2.271  -22.641 1.00 29.46 ? 57  SER A N   1 
ATOM   245  C CA  . SER A 1 69  ? -21.835 -3.540  -23.354 1.00 27.70 ? 57  SER A CA  1 
ATOM   246  C C   . SER A 1 69  ? -20.362 -3.890  -23.205 1.00 29.02 ? 57  SER A C   1 
ATOM   247  O O   . SER A 1 69  ? -19.556 -2.999  -22.892 1.00 30.28 ? 57  SER A O   1 
ATOM   248  C CB  . SER A 1 69  ? -22.172 -3.403  -24.834 1.00 30.55 ? 57  SER A CB  1 
ATOM   249  O OG  . SER A 1 69  ? -21.231 -2.527  -25.446 1.00 24.50 ? 57  SER A OG  1 
ATOM   250  N N   . ARG A 1 70  ? -20.012 -5.115  -23.566 1.00 27.82 ? 58  ARG A N   1 
ATOM   251  C CA  . ARG A 1 70  ? -18.631 -5.602  -23.678 1.00 31.68 ? 58  ARG A CA  1 
ATOM   252  C C   . ARG A 1 70  ? -17.791 -4.742  -24.617 1.00 34.17 ? 58  ARG A C   1 
ATOM   253  O O   . ARG A 1 70  ? -16.728 -4.251  -24.222 1.00 25.87 ? 58  ARG A O   1 
ATOM   254  C CB  . ARG A 1 70  ? -18.691 -7.064  -24.099 1.00 38.51 ? 58  ARG A CB  1 
ATOM   255  C CG  . ARG A 1 70  ? -17.356 -7.659  -24.512 1.00 43.57 ? 58  ARG A CG  1 
ATOM   256  C CD  . ARG A 1 70  ? -17.584 -9.032  -25.127 1.00 52.08 ? 58  ARG A CD  1 
ATOM   257  N NE  . ARG A 1 70  ? -16.288 -9.621  -25.348 1.00 51.60 ? 58  ARG A NE  1 
ATOM   258  C CZ  . ARG A 1 70  ? -15.544 -10.171 -24.390 1.00 63.68 ? 58  ARG A CZ  1 
ATOM   259  N NH1 . ARG A 1 70  ? -14.348 -10.651 -24.686 1.00 68.83 ? 58  ARG A NH1 1 
ATOM   260  N NH2 . ARG A 1 70  ? -15.998 -10.268 -23.147 1.00 54.78 ? 58  ARG A NH2 1 
ATOM   261  N N   . PRO A 1 71  ? -18.178 -4.516  -25.907 1.00 26.93 ? 59  PRO A N   1 
ATOM   262  C CA  . PRO A 1 71  ? -17.314 -3.736  -26.778 1.00 26.55 ? 59  PRO A CA  1 
ATOM   263  C C   . PRO A 1 71  ? -17.161 -2.333  -26.191 1.00 19.35 ? 59  PRO A C   1 
ATOM   264  O O   . PRO A 1 71  ? -16.128 -1.724  -26.388 1.00 22.85 ? 59  PRO A O   1 
ATOM   265  C CB  . PRO A 1 71  ? -18.031 -3.758  -28.153 1.00 25.98 ? 59  PRO A CB  1 
ATOM   266  C CG  . PRO A 1 71  ? -19.435 -4.126  -27.824 1.00 25.16 ? 59  PRO A CG  1 
ATOM   267  C CD  . PRO A 1 71  ? -19.369 -5.031  -26.598 1.00 28.41 ? 59  PRO A CD  1 
ATOM   268  N N   . THR A 1 72  ? -18.195 -1.815  -25.535 1.00 21.34 ? 60  THR A N   1 
ATOM   269  C CA  . THR A 1 72  ? -18.117 -0.442  -24.952 1.00 21.54 ? 60  THR A CA  1 
ATOM   270  C C   . THR A 1 72  ? -17.061 -0.436  -23.829 1.00 21.67 ? 60  THR A C   1 
ATOM   271  O O   . THR A 1 72  ? -16.320 0.581   -23.706 1.00 23.97 ? 60  THR A O   1 
ATOM   272  C CB  . THR A 1 72  ? -19.476 0.081   -24.486 1.00 23.38 ? 60  THR A CB  1 
ATOM   273  O OG1 . THR A 1 72  ? -20.332 0.345   -25.604 1.00 21.60 ? 60  THR A OG1 1 
ATOM   274  C CG2 . THR A 1 72  ? -19.341 1.386   -23.734 1.00 24.47 ? 60  THR A CG2 1 
ATOM   275  N N   . PHE A 1 73  ? -16.972 -1.517  -23.064 1.00 24.45 ? 61  PHE A N   1 
ATOM   276  C CA  . PHE A 1 73  ? -15.918 -1.684  -22.022 1.00 25.20 ? 61  PHE A CA  1 
ATOM   277  C C   . PHE A 1 73  ? -14.544 -1.380  -22.634 1.00 30.47 ? 61  PHE A C   1 
ATOM   278  O O   . PHE A 1 73  ? -13.734 -0.668  -22.015 1.00 29.10 ? 61  PHE A O   1 
ATOM   279  C CB  . PHE A 1 73  ? -15.954 -3.088  -21.431 1.00 24.78 ? 61  PHE A CB  1 
ATOM   280  C CG  . PHE A 1 73  ? -14.759 -3.424  -20.563 1.00 26.44 ? 61  PHE A CG  1 
ATOM   281  C CD1 . PHE A 1 73  ? -13.538 -3.784  -21.126 1.00 27.68 ? 61  PHE A CD1 1 
ATOM   282  C CD2 . PHE A 1 73  ? -14.837 -3.326  -19.179 1.00 26.46 ? 61  PHE A CD2 1 
ATOM   283  C CE1 . PHE A 1 73  ? -12.430 -4.078  -20.330 1.00 30.97 ? 61  PHE A CE1 1 
ATOM   284  C CE2 . PHE A 1 73  ? -13.740 -3.637  -18.391 1.00 26.24 ? 61  PHE A CE2 1 
ATOM   285  C CZ  . PHE A 1 73  ? -12.540 -4.002  -18.952 1.00 28.16 ? 61  PHE A CZ  1 
ATOM   286  N N   . TYR A 1 74  ? -14.278 -1.872  -23.853 1.00 31.13 ? 62  TYR A N   1 
ATOM   287  C CA  . TYR A 1 74  ? -12.925 -1.776  -24.463 1.00 32.36 ? 62  TYR A CA  1 
ATOM   288  C C   . TYR A 1 74  ? -12.594 -0.345  -24.893 1.00 30.30 ? 62  TYR A C   1 
ATOM   289  O O   . TYR A 1 74  ? -11.430 -0.045  -25.144 1.00 35.10 ? 62  TYR A O   1 
ATOM   290  C CB  . TYR A 1 74  ? -12.785 -2.801  -25.587 1.00 31.86 ? 62  TYR A CB  1 
ATOM   291  C CG  . TYR A 1 74  ? -12.697 -4.215  -25.115 1.00 32.51 ? 62  TYR A CG  1 
ATOM   292  C CD1 . TYR A 1 74  ? -11.604 -4.632  -24.369 1.00 29.32 ? 62  TYR A CD1 1 
ATOM   293  C CD2 . TYR A 1 74  ? -13.657 -5.149  -25.448 1.00 33.56 ? 62  TYR A CD2 1 
ATOM   294  C CE1 . TYR A 1 74  ? -11.483 -5.936  -23.952 1.00 30.99 ? 62  TYR A CE1 1 
ATOM   295  C CE2 . TYR A 1 74  ? -13.541 -6.463  -25.042 1.00 39.41 ? 62  TYR A CE2 1 
ATOM   296  C CZ  . TYR A 1 74  ? -12.449 -6.856  -24.287 1.00 33.30 ? 62  TYR A CZ  1 
ATOM   297  O OH  . TYR A 1 74  ? -12.331 -8.147  -23.891 1.00 36.90 ? 62  TYR A OH  1 
ATOM   298  N N   . PHE A 1 75  ? -13.562 0.550   -24.958 1.00 28.51 ? 63  PHE A N   1 
ATOM   299  C CA  . PHE A 1 75  ? -13.305 1.983   -25.159 1.00 33.52 ? 63  PHE A CA  1 
ATOM   300  C C   . PHE A 1 75  ? -12.636 2.596   -23.907 1.00 33.59 ? 63  PHE A C   1 
ATOM   301  O O   . PHE A 1 75  ? -11.943 3.600   -24.043 1.00 33.06 ? 63  PHE A O   1 
ATOM   302  C CB  . PHE A 1 75  ? -14.601 2.700   -25.506 1.00 35.56 ? 63  PHE A CB  1 
ATOM   303  C CG  . PHE A 1 75  ? -14.362 4.138   -25.829 1.00 39.41 ? 63  PHE A CG  1 
ATOM   304  C CD1 . PHE A 1 75  ? -13.818 4.481   -27.059 1.00 46.82 ? 63  PHE A CD1 1 
ATOM   305  C CD2 . PHE A 1 75  ? -14.626 5.135   -24.899 1.00 45.52 ? 63  PHE A CD2 1 
ATOM   306  C CE1 . PHE A 1 75  ? -13.553 5.809   -27.346 1.00 50.46 ? 63  PHE A CE1 1 
ATOM   307  C CE2 . PHE A 1 75  ? -14.389 6.468   -25.201 1.00 49.36 ? 63  PHE A CE2 1 
ATOM   308  C CZ  . PHE A 1 75  ? -13.854 6.801   -26.428 1.00 48.59 ? 63  PHE A CZ  1 
ATOM   309  N N   . TYR A 1 76  ? -12.809 1.982   -22.728 1.00 29.12 ? 64  TYR A N   1 
ATOM   310  C CA  . TYR A 1 76  ? -12.319 2.526   -21.430 1.00 28.42 ? 64  TYR A CA  1 
ATOM   311  C C   . TYR A 1 76  ? -11.010 1.844   -21.023 1.00 28.04 ? 64  TYR A C   1 
ATOM   312  O O   . TYR A 1 76  ? -10.147 2.540   -20.504 1.00 29.76 ? 64  TYR A O   1 
ATOM   313  C CB  . TYR A 1 76  ? -13.450 2.430   -20.400 1.00 27.37 ? 64  TYR A CB  1 
ATOM   314  C CG  . TYR A 1 76  ? -14.563 3.377   -20.756 1.00 26.17 ? 64  TYR A CG  1 
ATOM   315  C CD1 . TYR A 1 76  ? -14.416 4.746   -20.588 1.00 30.27 ? 64  TYR A CD1 1 
ATOM   316  C CD2 . TYR A 1 76  ? -15.716 2.924   -21.363 1.00 29.03 ? 64  TYR A CD2 1 
ATOM   317  C CE1 . TYR A 1 76  ? -15.421 5.634   -20.941 1.00 34.09 ? 64  TYR A CE1 1 
ATOM   318  C CE2 . TYR A 1 76  ? -16.723 3.803   -21.737 1.00 27.22 ? 64  TYR A CE2 1 
ATOM   319  C CZ  . TYR A 1 76  ? -16.575 5.156   -21.534 1.00 32.37 ? 64  TYR A CZ  1 
ATOM   320  O OH  . TYR A 1 76  ? -17.598 5.979   -21.901 1.00 35.36 ? 64  TYR A OH  1 
ATOM   321  N N   . PHE A 1 77  ? -10.899 0.541   -21.229 1.00 27.24 ? 65  PHE A N   1 
ATOM   322  C CA  . PHE A 1 77  ? -9.769  -0.293  -20.779 1.00 27.43 ? 65  PHE A CA  1 
ATOM   323  C C   . PHE A 1 77  ? -9.530  -1.379  -21.793 1.00 30.52 ? 65  PHE A C   1 
ATOM   324  O O   . PHE A 1 77  ? -10.487 -1.991  -22.286 1.00 29.74 ? 65  PHE A O   1 
ATOM   325  C CB  . PHE A 1 77  ? -10.091 -1.049  -19.485 1.00 25.45 ? 65  PHE A CB  1 
ATOM   326  C CG  . PHE A 1 77  ? -10.315 -0.116  -18.335 1.00 25.82 ? 65  PHE A CG  1 
ATOM   327  C CD1 . PHE A 1 77  ? -9.233  0.388   -17.631 1.00 25.84 ? 65  PHE A CD1 1 
ATOM   328  C CD2 . PHE A 1 77  ? -11.592 0.285   -17.976 1.00 25.38 ? 65  PHE A CD2 1 
ATOM   329  C CE1 . PHE A 1 77  ? -9.417  1.258   -16.570 1.00 26.85 ? 65  PHE A CE1 1 
ATOM   330  C CE2 . PHE A 1 77  ? -11.771 1.180   -16.932 1.00 26.38 ? 65  PHE A CE2 1 
ATOM   331  C CZ  . PHE A 1 77  ? -10.685 1.639   -16.213 1.00 28.56 ? 65  PHE A CZ  1 
ATOM   332  N N   . PRO A 1 78  ? -8.252  -1.701  -22.045 1.00 30.27 ? 66  PRO A N   1 
ATOM   333  C CA  . PRO A 1 78  ? -7.928  -2.831  -22.908 1.00 30.14 ? 66  PRO A CA  1 
ATOM   334  C C   . PRO A 1 78  ? -8.222  -4.231  -22.359 1.00 33.58 ? 66  PRO A C   1 
ATOM   335  O O   . PRO A 1 78  ? -8.277  -5.119  -23.137 1.00 31.66 ? 66  PRO A O   1 
ATOM   336  C CB  . PRO A 1 78  ? -6.426  -2.610  -23.197 1.00 33.06 ? 66  PRO A CB  1 
ATOM   337  C CG  . PRO A 1 78  ? -5.903  -1.812  -22.008 1.00 30.78 ? 66  PRO A CG  1 
ATOM   338  C CD  . PRO A 1 78  ? -7.069  -0.957  -21.562 1.00 30.52 ? 66  PRO A CD  1 
ATOM   339  N N   . SER A 1 79  ? -8.387  -4.422  -21.037 1.00 31.56 ? 67  SER A N   1 
ATOM   340  C CA  . SER A 1 79  ? -8.428  -5.754  -20.382 1.00 32.50 ? 67  SER A CA  1 
ATOM   341  C C   . SER A 1 79  ? -8.940  -5.615  -18.930 1.00 30.03 ? 67  SER A C   1 
ATOM   342  O O   . SER A 1 79  ? -8.861  -4.524  -18.411 1.00 25.10 ? 67  SER A O   1 
ATOM   343  C CB  . SER A 1 79  ? -7.040  -6.347  -20.384 1.00 32.24 ? 67  SER A CB  1 
ATOM   344  O OG  . SER A 1 79  ? -6.163  -5.524  -19.638 1.00 30.32 ? 67  SER A OG  1 
ATOM   345  N N   . LYS A 1 80  ? -9.395  -6.690  -18.319 1.00 28.64 ? 68  LYS A N   1 
ATOM   346  C CA  . LYS A 1 80  ? -9.741  -6.669  -16.881 1.00 32.82 ? 68  LYS A CA  1 
ATOM   347  C C   . LYS A 1 80  ? -8.441  -6.428  -16.090 1.00 30.28 ? 68  LYS A C   1 
ATOM   348  O O   . LYS A 1 80  ? -8.533  -5.746  -15.046 1.00 27.71 ? 68  LYS A O   1 
ATOM   349  C CB  . LYS A 1 80  ? -10.471 -7.941  -16.451 1.00 33.68 ? 68  LYS A CB  1 
ATOM   350  C CG  . LYS A 1 80  ? -9.742  -9.225  -16.779 1.00 38.73 ? 68  LYS A CG  1 
ATOM   351  C CD  . LYS A 1 80  ? -10.477 -10.436 -16.310 1.00 40.89 ? 68  LYS A CD  1 
ATOM   352  C CE  . LYS A 1 80  ? -9.834  -11.714 -16.791 1.00 47.77 ? 68  LYS A CE  1 
ATOM   353  N NZ  . LYS A 1 80  ? -10.146 -12.843 -15.886 1.00 49.45 ? 68  LYS A NZ  1 
ATOM   354  N N   . GLU A 1 81  ? -7.285  -6.852  -16.618 1.00 29.68 ? 69  GLU A N   1 
ATOM   355  C CA  . GLU A 1 81  ? -5.959  -6.669  -15.957 1.00 30.33 ? 69  GLU A CA  1 
ATOM   356  C C   . GLU A 1 81  ? -5.646  -5.177  -15.855 1.00 29.22 ? 69  GLU A C   1 
ATOM   357  O O   . GLU A 1 81  ? -5.093  -4.742  -14.822 1.00 27.85 ? 69  GLU A O   1 
ATOM   358  C CB  . GLU A 1 81  ? -4.860  -7.448  -16.680 1.00 30.62 ? 69  GLU A CB  1 
ATOM   359  C CG  . GLU A 1 81  ? -5.023  -8.944  -16.522 1.00 35.06 ? 69  GLU A CG  1 
ATOM   360  C CD  . GLU A 1 81  ? -6.009  -9.646  -17.452 1.00 36.72 ? 69  GLU A CD  1 
ATOM   361  O OE1 . GLU A 1 81  ? -6.580  -8.982  -18.325 1.00 36.89 ? 69  GLU A OE1 1 
ATOM   362  O OE2 . GLU A 1 81  ? -6.213  -10.855 -17.269 1.00 41.21 ? 69  GLU A OE2 1 
ATOM   363  N N   . ALA A 1 82  ? -6.000  -4.385  -16.875 1.00 24.87 ? 70  ALA A N   1 
ATOM   364  C CA  . ALA A 1 82  ? -5.781  -2.930  -16.855 1.00 24.96 ? 70  ALA A CA  1 
ATOM   365  C C   . ALA A 1 82  ? -6.692  -2.297  -15.813 1.00 22.57 ? 70  ALA A C   1 
ATOM   366  O O   . ALA A 1 82  ? -6.353  -1.204  -15.313 1.00 22.37 ? 70  ALA A O   1 
ATOM   367  C CB  . ALA A 1 82  ? -6.024  -2.280  -18.209 1.00 25.37 ? 70  ALA A CB  1 
ATOM   368  N N   . VAL A 1 83  ? -7.870  -2.875  -15.593 1.00 21.60 ? 71  VAL A N   1 
ATOM   369  C CA  . VAL A 1 83  ? -8.806  -2.299  -14.592 1.00 23.21 ? 71  VAL A CA  1 
ATOM   370  C C   . VAL A 1 83  ? -8.159  -2.460  -13.197 1.00 21.58 ? 71  VAL A C   1 
ATOM   371  O O   . VAL A 1 83  ? -8.140  -1.467  -12.443 1.00 23.52 ? 71  VAL A O   1 
ATOM   372  C CB  . VAL A 1 83  ? -10.204 -2.936  -14.674 1.00 23.92 ? 71  VAL A CB  1 
ATOM   373  C CG1 . VAL A 1 83  ? -11.157 -2.419  -13.595 1.00 25.75 ? 71  VAL A CG1 1 
ATOM   374  C CG2 . VAL A 1 83  ? -10.799 -2.652  -16.043 1.00 23.09 ? 71  VAL A CG2 1 
ATOM   375  N N   . LEU A 1 84  ? -7.623  -3.633  -12.910 1.00 23.84 ? 72  LEU A N   1 
ATOM   376  C CA  . LEU A 1 84  ? -6.950  -3.859  -11.589 1.00 25.02 ? 72  LEU A CA  1 
ATOM   377  C C   . LEU A 1 84  ? -5.727  -2.964  -11.458 1.00 25.58 ? 72  LEU A C   1 
ATOM   378  O O   . LEU A 1 84  ? -5.520  -2.401  -10.338 1.00 26.11 ? 72  LEU A O   1 
ATOM   379  C CB  . LEU A 1 84  ? -6.543  -5.313  -11.456 1.00 24.94 ? 72  LEU A CB  1 
ATOM   380  C CG  . LEU A 1 84  ? -5.703  -5.641  -10.220 1.00 27.19 ? 72  LEU A CG  1 
ATOM   381  C CD1 . LEU A 1 84  ? -6.419  -5.157  -8.951  1.00 26.33 ? 72  LEU A CD1 1 
ATOM   382  C CD2 . LEU A 1 84  ? -5.474  -7.139  -10.182 1.00 25.40 ? 72  LEU A CD2 1 
ATOM   383  N N   . LEU A 1 85  ? -4.928  -2.830  -12.523 1.00 24.33 ? 73  LEU A N   1 
ATOM   384  C CA  . LEU A 1 85  ? -3.769  -1.918  -12.536 1.00 23.86 ? 73  LEU A CA  1 
ATOM   385  C C   . LEU A 1 85  ? -4.235  -0.514  -12.178 1.00 23.76 ? 73  LEU A C   1 
ATOM   386  O O   . LEU A 1 85  ? -3.581  0.159   -11.324 1.00 23.48 ? 73  LEU A O   1 
ATOM   387  C CB  . LEU A 1 85  ? -3.049  -1.981  -13.892 1.00 23.56 ? 73  LEU A CB  1 
ATOM   388  C CG  . LEU A 1 85  ? -1.922  -0.971  -14.024 1.00 26.05 ? 73  LEU A CG  1 
ATOM   389  C CD1 . LEU A 1 85  ? -0.817  -1.311  -13.018 1.00 23.58 ? 73  LEU A CD1 1 
ATOM   390  C CD2 . LEU A 1 85  ? -1.382  -0.949  -15.453 1.00 27.89 ? 73  LEU A CD2 1 
ATOM   391  N N   . THR A 1 86  ? -5.339  -0.039  -12.762 1.00 22.79 ? 74  THR A N   1 
ATOM   392  C CA  . THR A 1 86  ? -5.847  1.311   -12.442 1.00 21.12 ? 74  THR A CA  1 
ATOM   393  C C   . THR A 1 86  ? -6.307  1.369   -10.982 1.00 20.51 ? 74  THR A C   1 
ATOM   394  O O   . THR A 1 86  ? -6.055  2.375   -10.359 1.00 21.97 ? 74  THR A O   1 
ATOM   395  C CB  . THR A 1 86  ? -6.989  1.742   -13.373 1.00 24.58 ? 74  THR A CB  1 
ATOM   396  O OG1 . THR A 1 86  ? -6.465  1.662   -14.702 1.00 28.21 ? 74  THR A OG1 1 
ATOM   397  C CG2 . THR A 1 86  ? -7.481  3.130   -13.054 1.00 25.46 ? 74  THR A CG2 1 
ATOM   398  N N   . LEU A 1 87  ? -7.032  0.369   -10.488 1.00 21.48 ? 75  LEU A N   1 
ATOM   399  C CA  . LEU A 1 87  ? -7.501  0.405   -9.074  1.00 22.47 ? 75  LEU A CA  1 
ATOM   400  C C   . LEU A 1 87  ? -6.266  0.471   -8.160  1.00 22.17 ? 75  LEU A C   1 
ATOM   401  O O   . LEU A 1 87  ? -6.308  1.221   -7.169  1.00 21.25 ? 75  LEU A O   1 
ATOM   402  C CB  . LEU A 1 87  ? -8.299  -0.832  -8.730  1.00 23.58 ? 75  LEU A CB  1 
ATOM   403  C CG  . LEU A 1 87  ? -9.733  -0.865  -9.262  1.00 23.68 ? 75  LEU A CG  1 
ATOM   404  C CD1 . LEU A 1 87  ? -10.249 -2.277  -9.165  1.00 27.29 ? 75  LEU A CD1 1 
ATOM   405  C CD2 . LEU A 1 87  ? -10.617 0.099   -8.526  1.00 28.29 ? 75  LEU A CD2 1 
ATOM   406  N N   . LEU A 1 88  ? -5.249  -0.329  -8.457  1.00 21.35 ? 76  LEU A N   1 
ATOM   407  C CA  . LEU A 1 88  ? -4.036  -0.381  -7.572  1.00 22.00 ? 76  LEU A CA  1 
ATOM   408  C C   . LEU A 1 88  ? -3.349  0.983   -7.627  1.00 20.87 ? 76  LEU A C   1 
ATOM   409  O O   . LEU A 1 88  ? -2.962  1.525   -6.573  1.00 21.86 ? 76  LEU A O   1 
ATOM   410  C CB  . LEU A 1 88  ? -3.106  -1.514  -7.978  1.00 21.83 ? 76  LEU A CB  1 
ATOM   411  C CG  . LEU A 1 88  ? -1.870  -1.694  -7.075  1.00 22.28 ? 76  LEU A CG  1 
ATOM   412  C CD1 . LEU A 1 88  ? -2.309  -2.026  -5.648  1.00 22.68 ? 76  LEU A CD1 1 
ATOM   413  C CD2 . LEU A 1 88  ? -0.981  -2.804  -7.626  1.00 22.67 ? 76  LEU A CD2 1 
ATOM   414  N N   . ASP A 1 89  ? -3.210  1.563   -8.822  1.00 20.67 ? 77  ASP A N   1 
ATOM   415  C CA  . ASP A 1 89  ? -2.590  2.885   -9.024  1.00 21.56 ? 77  ASP A CA  1 
ATOM   416  C C   . ASP A 1 89  ? -3.299  3.915   -8.143  1.00 21.20 ? 77  ASP A C   1 
ATOM   417  O O   . ASP A 1 89  ? -2.614  4.750   -7.560  1.00 19.75 ? 77  ASP A O   1 
ATOM   418  C CB  . ASP A 1 89  ? -2.610  3.266   -10.506 1.00 24.94 ? 77  ASP A CB  1 
ATOM   419  C CG  . ASP A 1 89  ? -1.874  4.549   -10.752 1.00 29.50 ? 77  ASP A CG  1 
ATOM   420  O OD1 . ASP A 1 89  ? -0.650  4.524   -10.903 1.00 34.72 ? 77  ASP A OD1 1 
ATOM   421  O OD2 . ASP A 1 89  ? -2.525  5.561   -10.661 1.00 38.92 ? 77  ASP A OD2 1 
ATOM   422  N N   . ARG A 1 90  ? -4.633  3.896   -8.112  1.00 21.22 ? 78  ARG A N   1 
ATOM   423  C CA  . ARG A 1 90  ? -5.428  4.872   -7.330  1.00 22.63 ? 78  ARG A CA  1 
ATOM   424  C C   . ARG A 1 90  ? -5.118  4.706   -5.831  1.00 19.57 ? 78  ARG A C   1 
ATOM   425  O O   . ARG A 1 90  ? -4.872  5.697   -5.181  1.00 19.89 ? 78  ARG A O   1 
ATOM   426  C CB  . ARG A 1 90  ? -6.915  4.691   -7.651  1.00 29.35 ? 78  ARG A CB  1 
ATOM   427  C CG  . ARG A 1 90  ? -7.835  5.715   -6.989  1.00 40.85 ? 78  ARG A CG  1 
ATOM   428  C CD  . ARG A 1 90  ? -9.341  5.442   -7.144  1.00 50.59 ? 78  ARG A CD  1 
ATOM   429  N NE  . ARG A 1 90  ? -9.843  4.173   -6.585  1.00 61.31 ? 78  ARG A NE  1 
ATOM   430  C CZ  . ARG A 1 90  ? -9.961  3.859   -5.281  1.00 64.28 ? 78  ARG A CZ  1 
ATOM   431  N NH1 . ARG A 1 90  ? -10.442 2.675   -4.935  1.00 59.58 ? 78  ARG A NH1 1 
ATOM   432  N NH2 . ARG A 1 90  ? -9.588  4.705   -4.328  1.00 65.30 ? 78  ARG A NH2 1 
ATOM   433  N N   . VAL A 1 91  ? -5.123  3.484   -5.315  1.00 19.83 ? 79  VAL A N   1 
ATOM   434  C CA  . VAL A 1 91  ? -4.901  3.206   -3.862  1.00 19.29 ? 79  VAL A CA  1 
ATOM   435  C C   . VAL A 1 91  ? -3.457  3.565   -3.505  1.00 20.60 ? 79  VAL A C   1 
ATOM   436  O O   . VAL A 1 91  ? -3.218  4.254   -2.499  1.00 18.86 ? 79  VAL A O   1 
ATOM   437  C CB  . VAL A 1 91  ? -5.233  1.742   -3.502  1.00 21.98 ? 79  VAL A CB  1 
ATOM   438  C CG1 . VAL A 1 91  ? -4.820  1.398   -2.059  1.00 23.11 ? 79  VAL A CG1 1 
ATOM   439  C CG2 . VAL A 1 91  ? -6.705  1.459   -3.692  1.00 23.27 ? 79  VAL A CG2 1 
ATOM   440  N N   . VAL A 1 92  ? -2.505  3.190   -4.355  1.00 18.21 ? 80  VAL A N   1 
ATOM   441  C CA  . VAL A 1 92  ? -1.074  3.474   -4.094  1.00 18.71 ? 80  VAL A CA  1 
ATOM   442  C C   . VAL A 1 92  ? -0.859  4.979   -4.059  1.00 19.10 ? 80  VAL A C   1 
ATOM   443  O O   . VAL A 1 92  ? -0.159  5.507   -3.166  1.00 17.94 ? 80  VAL A O   1 
ATOM   444  C CB  . VAL A 1 92  ? -0.220  2.757   -5.137  1.00 20.42 ? 80  VAL A CB  1 
ATOM   445  C CG1 . VAL A 1 92  ? 1.165   3.353   -5.248  1.00 22.41 ? 80  VAL A CG1 1 
ATOM   446  C CG2 . VAL A 1 92  ? -0.219  1.261   -4.885  1.00 21.29 ? 80  VAL A CG2 1 
ATOM   447  N N   . ASN A 1 93  ? -1.424  5.688   -5.034  1.00 20.28 ? 81  ASN A N   1 
ATOM   448  C CA  . ASN A 1 93  ? -1.287  7.155   -5.064  1.00 20.40 ? 81  ASN A CA  1 
ATOM   449  C C   . ASN A 1 93  ? -2.016  7.793   -3.866  1.00 19.00 ? 81  ASN A C   1 
ATOM   450  O O   . ASN A 1 93  ? -1.519  8.820   -3.346  1.00 20.31 ? 81  ASN A O   1 
ATOM   451  C CB  . ASN A 1 93  ? -1.727  7.696   -6.428  1.00 23.38 ? 81  ASN A CB  1 
ATOM   452  C CG  . ASN A 1 93  ? -0.584  7.651   -7.408  1.00 24.53 ? 81  ASN A CG  1 
ATOM   453  O OD1 . ASN A 1 93  ? 0.313   8.500   -7.332  1.00 28.47 ? 81  ASN A OD1 1 
ATOM   454  N ND2 . ASN A 1 93  ? -0.533  6.600   -8.211  1.00 24.77 ? 81  ASN A ND2 1 
ATOM   455  N N   . GLN A 1 94  ? -3.147  7.259   -3.432  1.00 19.41 ? 82  GLN A N   1 
ATOM   456  C CA  . GLN A 1 94  ? -3.839  7.777   -2.222  1.00 19.01 ? 82  GLN A CA  1 
ATOM   457  C C   . GLN A 1 94  ? -2.891  7.700   -1.010  1.00 18.94 ? 82  GLN A C   1 
ATOM   458  O O   . GLN A 1 94  ? -2.807  8.648   -0.235  1.00 17.68 ? 82  GLN A O   1 
ATOM   459  C CB  . GLN A 1 94  ? -5.136  6.990   -2.039  1.00 22.39 ? 82  GLN A CB  1 
ATOM   460  C CG  . GLN A 1 94  ? -5.990  7.476   -0.889  1.00 27.36 ? 82  GLN A CG  1 
ATOM   461  C CD  . GLN A 1 94  ? -7.282  6.679   -0.846  1.00 37.74 ? 82  GLN A CD  1 
ATOM   462  O OE1 . GLN A 1 94  ? -7.746  6.145   -1.858  1.00 45.77 ? 82  GLN A OE1 1 
ATOM   463  N NE2 . GLN A 1 94  ? -7.840  6.555   0.343   1.00 36.23 ? 82  GLN A NE2 1 
ATOM   464  N N   . ALA A 1 95  ? -2.215  6.562   -0.806  1.00 17.79 ? 83  ALA A N   1 
ATOM   465  C CA  . ALA A 1 95  ? -1.280  6.360   0.324   1.00 17.43 ? 83  ALA A CA  1 
ATOM   466  C C   . ALA A 1 95  ? -0.149  7.380   0.174   1.00 16.52 ? 83  ALA A C   1 
ATOM   467  O O   . ALA A 1 95  ? 0.241   8.030   1.126   1.00 19.47 ? 83  ALA A O   1 
ATOM   468  C CB  . ALA A 1 95  ? -0.770  4.926   0.304   1.00 17.24 ? 83  ALA A CB  1 
ATOM   469  N N   . ASP A 1 96  ? 0.351   7.514   -1.052  1.00 17.39 ? 84  ASP A N   1 
ATOM   470  C CA  . ASP A 1 96  ? 1.532   8.329   -1.331  1.00 16.50 ? 84  ASP A CA  1 
ATOM   471  C C   . ASP A 1 96  ? 1.186   9.779   -0.990  1.00 19.01 ? 84  ASP A C   1 
ATOM   472  O O   . ASP A 1 96  ? 2.005   10.444  -0.344  1.00 18.80 ? 84  ASP A O   1 
ATOM   473  C CB  . ASP A 1 96  ? 1.982   8.191   -2.782  1.00 17.76 ? 84  ASP A CB  1 
ATOM   474  C CG  . ASP A 1 96  ? 3.341   8.821   -2.939  1.00 21.35 ? 84  ASP A CG  1 
ATOM   475  O OD1 . ASP A 1 96  ? 4.311   8.406   -2.199  1.00 18.61 ? 84  ASP A OD1 1 
ATOM   476  O OD2 . ASP A 1 96  ? 3.404   9.790   -3.721  1.00 20.61 ? 84  ASP A OD2 1 
ATOM   477  N N   . MET A 1 97  ? 0.020   10.257  -1.435  1.00 20.23 ? 85  MET A N   1 
ATOM   478  C CA  . MET A 1 97  ? -0.393  11.667  -1.181  1.00 24.54 ? 85  MET A CA  1 
ATOM   479  C C   . MET A 1 97  ? -0.688  11.891  0.303   1.00 21.04 ? 85  MET A C   1 
ATOM   480  O O   . MET A 1 97  ? -0.377  12.964  0.818   1.00 21.92 ? 85  MET A O   1 
ATOM   481  C CB  . MET A 1 97  ? -1.612  11.999  -2.042  1.00 27.37 ? 85  MET A CB  1 
ATOM   482  C CG  . MET A 1 97  ? -1.242  12.099  -3.496  1.00 37.38 ? 85  MET A CG  1 
ATOM   483  S SD  . MET A 1 97  ? -2.698  12.542  -4.480  1.00 53.28 ? 85  MET A SD  1 
ATOM   484  C CE  . MET A 1 97  ? -2.999  14.238  -3.960  1.00 50.63 ? 85  MET A CE  1 
ATOM   485  N N   . ALA A 1 98  ? -1.218  10.900  1.019   1.00 21.31 ? 86  ALA A N   1 
ATOM   486  C CA  . ALA A 1 98  ? -1.419  10.995  2.489   1.00 20.43 ? 86  ALA A CA  1 
ATOM   487  C C   . ALA A 1 98  ? -0.067  11.112  3.188   1.00 20.63 ? 86  ALA A C   1 
ATOM   488  O O   . ALA A 1 98  ? 0.062   11.862  4.146   1.00 20.81 ? 86  ALA A O   1 
ATOM   489  C CB  . ALA A 1 98  ? -2.189  9.816   3.005   1.00 20.37 ? 86  ALA A CB  1 
ATOM   490  N N   . LEU A 1 99  ? 0.935   10.365  2.731   1.00 19.34 ? 87  LEU A N   1 
ATOM   491  C CA  . LEU A 1 99  ? 2.272   10.459  3.357   1.00 20.31 ? 87  LEU A CA  1 
ATOM   492  C C   . LEU A 1 99  ? 2.879   11.837  3.047   1.00 21.54 ? 87  LEU A C   1 
ATOM   493  O O   . LEU A 1 99  ? 3.540   12.399  3.942   1.00 24.60 ? 87  LEU A O   1 
ATOM   494  C CB  . LEU A 1 99  ? 3.143   9.293   2.855   1.00 20.70 ? 87  LEU A CB  1 
ATOM   495  C CG  . LEU A 1 99  ? 4.502   9.086   3.526   1.00 23.40 ? 87  LEU A CG  1 
ATOM   496  C CD1 . LEU A 1 99  ? 4.373   8.667   4.986   1.00 22.75 ? 87  LEU A CD1 1 
ATOM   497  C CD2 . LEU A 1 99  ? 5.276   8.016   2.750   1.00 24.03 ? 87  LEU A CD2 1 
ATOM   498  N N   . GLN A 1 100 ? 2.689   12.341  1.836   1.00 23.06 ? 88  GLN A N   1 
ATOM   499  C CA  . GLN A 1 100 ? 3.217   13.677  1.430   1.00 26.82 ? 88  GLN A CA  1 
ATOM   500  C C   . GLN A 1 100 ? 2.556   14.756  2.287   1.00 25.86 ? 88  GLN A C   1 
ATOM   501  O O   . GLN A 1 100 ? 3.283   15.699  2.659   1.00 26.81 ? 88  GLN A O   1 
ATOM   502  C CB  . GLN A 1 100 ? 2.965   13.959  -0.047  1.00 31.42 ? 88  GLN A CB  1 
ATOM   503  C CG  . GLN A 1 100 ? 3.953   13.274  -0.969  1.00 40.57 ? 88  GLN A CG  1 
ATOM   504  C CD  . GLN A 1 100 ? 3.583   13.582  -2.399  1.00 49.92 ? 88  GLN A CD  1 
ATOM   505  O OE1 . GLN A 1 100 ? 3.237   12.692  -3.177  1.00 55.73 ? 88  GLN A OE1 1 
ATOM   506  N NE2 . GLN A 1 100 ? 3.583   14.867  -2.724  1.00 41.72 ? 88  GLN A NE2 1 
ATOM   507  N N   . THR A 1 101 ? 1.266   14.595  2.617   1.00 25.01 ? 89  THR A N   1 
ATOM   508  C CA  . THR A 1 101 ? 0.498   15.519  3.486   1.00 27.03 ? 89  THR A CA  1 
ATOM   509  C C   . THR A 1 101 ? 1.097   15.546  4.888   1.00 28.51 ? 89  THR A C   1 
ATOM   510  O O   . THR A 1 101 ? 1.353   16.659  5.434   1.00 27.91 ? 89  THR A O   1 
ATOM   511  C CB  . THR A 1 101 ? -0.976  15.103  3.528   1.00 31.61 ? 89  THR A CB  1 
ATOM   512  O OG1 . THR A 1 101 ? -1.415  15.233  2.184   1.00 31.41 ? 89  THR A OG1 1 
ATOM   513  C CG2 . THR A 1 101 ? -1.843  15.942  4.443   1.00 35.14 ? 89  THR A CG2 1 
ATOM   514  N N   . LEU A 1 102 ? 1.348   14.376  5.471   1.00 27.64 ? 90  LEU A N   1 
ATOM   515  C CA  . LEU A 1 102 ? 2.017   14.299  6.792   1.00 27.82 ? 90  LEU A CA  1 
ATOM   516  C C   . LEU A 1 102 ? 3.397   14.958  6.748   1.00 28.13 ? 90  LEU A C   1 
ATOM   517  O O   . LEU A 1 102 ? 3.724   15.688  7.703   1.00 31.20 ? 90  LEU A O   1 
ATOM   518  C CB  . LEU A 1 102 ? 2.208   12.841  7.203   1.00 27.72 ? 90  LEU A CB  1 
ATOM   519  C CG  . LEU A 1 102 ? 0.999   12.111  7.752   1.00 34.43 ? 90  LEU A CG  1 
ATOM   520  C CD1 . LEU A 1 102 ? 1.421   10.703  8.119   1.00 32.23 ? 90  LEU A CD1 1 
ATOM   521  C CD2 . LEU A 1 102 ? 0.445   12.832  8.978   1.00 35.64 ? 90  LEU A CD2 1 
ATOM   522  N N   . ALA A 1 103 ? 4.213   14.626  5.748   1.00 29.35 ? 91  ALA A N   1 
ATOM   523  C CA  . ALA A 1 103 ? 5.564   15.208  5.537   1.00 33.19 ? 91  ALA A CA  1 
ATOM   524  C C   . ALA A 1 103 ? 5.488   16.746  5.571   1.00 37.75 ? 91  ALA A C   1 
ATOM   525  O O   . ALA A 1 103 ? 6.394   17.366  6.126   1.00 37.22 ? 91  ALA A O   1 
ATOM   526  C CB  . ALA A 1 103 ? 6.131   14.732  4.223   1.00 32.02 ? 91  ALA A CB  1 
ATOM   527  N N   . GLU A 1 104 ? 4.465   17.345  4.957   1.00 37.91 ? 92  GLU A N   1 
ATOM   528  C CA  . GLU A 1 104 ? 4.357   18.822  4.803   1.00 41.84 ? 92  GLU A CA  1 
ATOM   529  C C   . GLU A 1 104 ? 3.723   19.458  6.049   1.00 42.49 ? 92  GLU A C   1 
ATOM   530  O O   . GLU A 1 104 ? 3.846   20.661  6.199   1.00 43.36 ? 92  GLU A O   1 
ATOM   531  C CB  . GLU A 1 104 ? 3.530   19.133  3.561   1.00 42.77 ? 92  GLU A CB  1 
ATOM   532  C CG  . GLU A 1 104 ? 4.243   18.765  2.284   1.00 44.44 ? 92  GLU A CG  1 
ATOM   533  C CD  . GLU A 1 104 ? 3.384   18.929  1.049   1.00 46.70 ? 92  GLU A CD  1 
ATOM   534  O OE1 . GLU A 1 104 ? 2.235   19.348  1.187   1.00 50.46 ? 92  GLU A OE1 1 
ATOM   535  O OE2 . GLU A 1 104 ? 3.871   18.637  -0.036  1.00 48.49 ? 92  GLU A OE2 1 
ATOM   536  N N   . ASN A 1 105 ? 3.031   18.674  6.874   1.00 42.37 ? 93  ASN A N   1 
ATOM   537  C CA  . ASN A 1 105 ? 2.273   19.121  8.074   1.00 41.79 ? 93  ASN A CA  1 
ATOM   538  C C   . ASN A 1 105 ? 2.724   18.313  9.277   1.00 40.73 ? 93  ASN A C   1 
ATOM   539  O O   . ASN A 1 105 ? 1.928   17.542  9.810   1.00 41.30 ? 93  ASN A O   1 
ATOM   540  C CB  . ASN A 1 105 ? 0.774   18.935  7.891   1.00 40.35 ? 93  ASN A CB  1 
ATOM   541  C CG  . ASN A 1 105 ? 0.281   19.736  6.719   1.00 42.60 ? 93  ASN A CG  1 
ATOM   542  O OD1 . ASN A 1 105 ? 0.198   20.945  6.816   1.00 44.07 ? 93  ASN A OD1 1 
ATOM   543  N ND2 . ASN A 1 105 ? 0.018   19.089  5.598   1.00 40.00 ? 93  ASN A ND2 1 
ATOM   544  N N   . PRO A 1 106 ? 3.977   18.498  9.750   1.00 45.39 ? 94  PRO A N   1 
ATOM   545  C CA  . PRO A 1 106 ? 4.470   17.784  10.935  1.00 50.12 ? 94  PRO A CA  1 
ATOM   546  C C   . PRO A 1 106 ? 3.472   17.807  12.114  1.00 51.27 ? 94  PRO A C   1 
ATOM   547  O O   . PRO A 1 106 ? 3.090   18.890  12.519  1.00 55.06 ? 94  PRO A O   1 
ATOM   548  C CB  . PRO A 1 106 ? 5.762   18.555  11.285  1.00 49.83 ? 94  PRO A CB  1 
ATOM   549  C CG  . PRO A 1 106 ? 5.658   19.863  10.513  1.00 50.56 ? 94  PRO A CG  1 
ATOM   550  C CD  . PRO A 1 106 ? 4.953   19.471  9.228   1.00 45.81 ? 94  PRO A CD  1 
ATOM   551  N N   . ALA A 1 107 ? 3.069   16.643  12.648  1.00 49.56 ? 95  ALA A N   1 
ATOM   552  C CA  . ALA A 1 107 ? 2.280   16.543  13.900  1.00 41.83 ? 95  ALA A CA  1 
ATOM   553  C C   . ALA A 1 107 ? 3.179   16.923  15.080  1.00 44.45 ? 95  ALA A C   1 
ATOM   554  O O   . ALA A 1 107 ? 4.407   16.674  15.031  1.00 45.41 ? 95  ALA A O   1 
ATOM   555  C CB  . ALA A 1 107 ? 1.662   15.175  14.086  1.00 40.10 ? 95  ALA A CB  1 
ATOM   556  N N   . ASP A 1 108 ? 2.568   17.511  16.106  1.00 39.31 ? 96  ASP A N   1 
ATOM   557  C CA  . ASP A 1 108 ? 3.226   18.064  17.316  1.00 41.87 ? 96  ASP A CA  1 
ATOM   558  C C   . ASP A 1 108 ? 3.103   16.981  18.395  1.00 47.34 ? 96  ASP A C   1 
ATOM   559  O O   . ASP A 1 108 ? 2.105   16.996  19.185  1.00 44.62 ? 96  ASP A O   1 
ATOM   560  C CB  . ASP A 1 108 ? 2.595   19.420  17.682  1.00 48.30 ? 96  ASP A CB  1 
ATOM   561  C CG  . ASP A 1 108 ? 3.121   20.056  18.955  1.00 55.87 ? 96  ASP A CG  1 
ATOM   562  O OD1 . ASP A 1 108 ? 4.218   19.662  19.413  1.00 56.41 ? 96  ASP A OD1 1 
ATOM   563  O OD2 . ASP A 1 108 ? 2.423   20.940  19.489  1.00 68.79 ? 96  ASP A OD2 1 
ATOM   564  N N   . THR A 1 109 ? 4.027   16.015  18.371  1.00 44.94 ? 97  THR A N   1 
ATOM   565  C CA  . THR A 1 109 ? 3.941   14.764  19.166  1.00 42.62 ? 97  THR A CA  1 
ATOM   566  C C   . THR A 1 109 ? 5.365   14.180  19.318  1.00 41.29 ? 97  THR A C   1 
ATOM   567  O O   . THR A 1 109 ? 6.326   14.739  18.750  1.00 37.52 ? 97  THR A O   1 
ATOM   568  C CB  . THR A 1 109 ? 2.864   13.872  18.525  1.00 43.20 ? 97  THR A CB  1 
ATOM   569  O OG1 . THR A 1 109 ? 2.475   12.843  19.441  1.00 43.76 ? 97  THR A OG1 1 
ATOM   570  C CG2 . THR A 1 109 ? 3.328   13.311  17.196  1.00 42.26 ? 97  THR A CG2 1 
ATOM   571  N N   . ASP A 1 110 ? 5.513   13.108  20.088  1.00 32.88 ? 98  ASP A N   1 
ATOM   572  C CA  . ASP A 1 110 ? 6.837   12.531  20.375  1.00 33.82 ? 98  ASP A CA  1 
ATOM   573  C C   . ASP A 1 110 ? 7.229   11.692  19.142  1.00 33.19 ? 98  ASP A C   1 
ATOM   574  O O   . ASP A 1 110 ? 6.415   11.568  18.164  1.00 28.88 ? 98  ASP A O   1 
ATOM   575  C CB  . ASP A 1 110 ? 6.814   11.826  21.730  1.00 33.78 ? 98  ASP A CB  1 
ATOM   576  C CG  . ASP A 1 110 ? 5.917   10.611  21.808  1.00 38.01 ? 98  ASP A CG  1 
ATOM   577  O OD1 . ASP A 1 110 ? 5.428   10.166  20.766  1.00 32.25 ? 98  ASP A OD1 1 
ATOM   578  O OD2 . ASP A 1 110 ? 5.727   10.127  22.931  1.00 45.09 ? 98  ASP A OD2 1 
ATOM   579  N N   . ARG A 1 111 ? 8.445   11.170  19.121  1.00 28.33 ? 99  ARG A N   1 
ATOM   580  C CA  . ARG A 1 111 ? 8.940   10.477  17.908  1.00 30.27 ? 99  ARG A CA  1 
ATOM   581  C C   . ARG A 1 111 ? 8.205   9.134   17.717  1.00 27.53 ? 99  ARG A C   1 
ATOM   582  O O   . ARG A 1 111 ? 7.997   8.757   16.565  1.00 26.65 ? 99  ARG A O   1 
ATOM   583  C CB  . ARG A 1 111 ? 10.450  10.327  18.000  1.00 34.39 ? 99  ARG A CB  1 
ATOM   584  C CG  . ARG A 1 111 ? 10.858  9.333   19.065  1.00 33.61 ? 99  ARG A CG  1 
ATOM   585  C CD  . ARG A 1 111 ? 12.118  9.838   19.690  1.00 37.69 ? 99  ARG A CD  1 
ATOM   586  N NE  . ARG A 1 111 ? 12.650  8.742   20.434  1.00 35.49 ? 99  ARG A NE  1 
ATOM   587  C CZ  . ARG A 1 111 ? 13.876  8.742   20.936  1.00 39.45 ? 99  ARG A CZ  1 
ATOM   588  N NH1 . ARG A 1 111 ? 14.667  9.798   20.798  1.00 40.41 ? 99  ARG A NH1 1 
ATOM   589  N NH2 . ARG A 1 111 ? 14.286  7.671   21.570  1.00 35.19 ? 99  ARG A NH2 1 
ATOM   590  N N   . GLU A 1 112 ? 7.746   8.468   18.778  1.00 25.51 ? 100 GLU A N   1 
ATOM   591  C CA  . GLU A 1 112 ? 6.968   7.217   18.596  1.00 25.95 ? 100 GLU A CA  1 
ATOM   592  C C   . GLU A 1 112 ? 5.665   7.538   17.847  1.00 26.39 ? 100 GLU A C   1 
ATOM   593  O O   . GLU A 1 112 ? 5.257   6.802   16.960  1.00 21.46 ? 100 GLU A O   1 
ATOM   594  C CB  . GLU A 1 112 ? 6.694   6.541   19.925  1.00 29.62 ? 100 GLU A CB  1 
ATOM   595  C CG  . GLU A 1 112 ? 5.674   5.435   19.791  1.00 34.91 ? 100 GLU A CG  1 
ATOM   596  C CD  . GLU A 1 112 ? 5.377   4.639   21.047  1.00 44.70 ? 100 GLU A CD  1 
ATOM   597  O OE1 . GLU A 1 112 ? 6.000   4.918   22.084  1.00 58.51 ? 100 GLU A OE1 1 
ATOM   598  O OE2 . GLU A 1 112 ? 4.514   3.746   20.982  1.00 50.65 ? 100 GLU A OE2 1 
ATOM   599  N N   . ASN A 1 113 ? 4.998   8.625   18.194  1.00 23.49 ? 101 ASN A N   1 
ATOM   600  C CA  . ASN A 1 113 ? 3.703   8.969   17.543  1.00 26.51 ? 101 ASN A CA  1 
ATOM   601  C C   . ASN A 1 113 ? 3.964   9.474   16.120  1.00 23.16 ? 101 ASN A C   1 
ATOM   602  O O   . ASN A 1 113 ? 3.073   9.246   15.253  1.00 20.60 ? 101 ASN A O   1 
ATOM   603  C CB  . ASN A 1 113 ? 2.867   9.958   18.379  1.00 30.74 ? 101 ASN A CB  1 
ATOM   604  C CG  . ASN A 1 113 ? 1.879   9.225   19.265  1.00 38.41 ? 101 ASN A CG  1 
ATOM   605  O OD1 . ASN A 1 113 ? 0.880   8.694   18.778  1.00 38.74 ? 101 ASN A OD1 1 
ATOM   606  N ND2 . ASN A 1 113 ? 2.179   9.166   20.561  1.00 39.10 ? 101 ASN A ND2 1 
ATOM   607  N N   . MET A 1 114 ? 5.126   10.100  15.852  1.00 21.49 ? 102 MET A N   1 
ATOM   608  C CA  . MET A 1 114 ? 5.512   10.570  14.500  1.00 21.12 ? 102 MET A CA  1 
ATOM   609  C C   . MET A 1 114 ? 5.588   9.323   13.588  1.00 18.96 ? 102 MET A C   1 
ATOM   610  O O   . MET A 1 114 ? 4.966   9.312   12.492  1.00 17.61 ? 102 MET A O   1 
ATOM   611  C CB  . MET A 1 114 ? 6.865   11.304  14.515  1.00 26.37 ? 102 MET A CB  1 
ATOM   612  C CG  . MET A 1 114 ? 7.487   11.465  13.120  1.00 34.38 ? 102 MET A CG  1 
ATOM   613  S SD  . MET A 1 114 ? 9.130   12.314  13.008  1.00 41.38 ? 102 MET A SD  1 
ATOM   614  C CE  . MET A 1 114 ? 10.254  11.008  13.519  1.00 35.14 ? 102 MET A CE  1 
ATOM   615  N N   . TRP A 1 115 ? 6.303   8.287   14.021  1.00 18.55 ? 103 TRP A N   1 
ATOM   616  C CA  . TRP A 1 115 ? 6.434   7.058   13.189  1.00 15.03 ? 103 TRP A CA  1 
ATOM   617  C C   . TRP A 1 115 ? 5.063   6.375   13.065  1.00 16.42 ? 103 TRP A C   1 
ATOM   618  O O   . TRP A 1 115 ? 4.707   5.951   11.980  1.00 16.25 ? 103 TRP A O   1 
ATOM   619  C CB  . TRP A 1 115 ? 7.532   6.130   13.723  1.00 15.89 ? 103 TRP A CB  1 
ATOM   620  C CG  . TRP A 1 115 ? 8.904   6.680   13.482  1.00 16.38 ? 103 TRP A CG  1 
ATOM   621  C CD1 . TRP A 1 115 ? 9.735   7.216   14.423  1.00 18.58 ? 103 TRP A CD1 1 
ATOM   622  C CD2 . TRP A 1 115 ? 9.582   6.833   12.222  1.00 17.31 ? 103 TRP A CD2 1 
ATOM   623  N NE1 . TRP A 1 115 ? 10.898  7.655   13.839  1.00 18.60 ? 103 TRP A NE1 1 
ATOM   624  C CE2 . TRP A 1 115 ? 10.835  7.440   12.494  1.00 18.71 ? 103 TRP A CE2 1 
ATOM   625  C CE3 . TRP A 1 115 ? 9.264   6.551   10.889  1.00 15.60 ? 103 TRP A CE3 1 
ATOM   626  C CZ2 . TRP A 1 115 ? 11.761  7.716   11.486  1.00 17.10 ? 103 TRP A CZ2 1 
ATOM   627  C CZ3 . TRP A 1 115 ? 10.171  6.849   9.896   1.00 16.26 ? 103 TRP A CZ3 1 
ATOM   628  C CH2 . TRP A 1 115 ? 11.398  7.435   10.198  1.00 16.15 ? 103 TRP A CH2 1 
ATOM   629  N N   . ARG A 1 116 ? 4.274   6.321   14.121  1.00 16.19 ? 104 ARG A N   1 
ATOM   630  C CA  . ARG A 1 116 ? 2.935   5.732   14.069  1.00 15.52 ? 104 ARG A CA  1 
ATOM   631  C C   . ARG A 1 116 ? 2.090   6.427   12.996  1.00 15.50 ? 104 ARG A C   1 
ATOM   632  O O   . ARG A 1 116 ? 1.328   5.755   12.290  1.00 15.03 ? 104 ARG A O   1 
ATOM   633  C CB  . ARG A 1 116 ? 2.312   5.778   15.466  1.00 17.78 ? 104 ARG A CB  1 
ATOM   634  C CG  . ARG A 1 116 ? 0.959   5.104   15.537  1.00 20.04 ? 104 ARG A CG  1 
ATOM   635  C CD  . ARG A 1 116 ? 0.306   5.231   16.914  1.00 21.99 ? 104 ARG A CD  1 
ATOM   636  N NE  . ARG A 1 116 ? 1.125   4.562   17.902  1.00 24.52 ? 104 ARG A NE  1 
ATOM   637  C CZ  . ARG A 1 116 ? 1.107   3.267   18.208  1.00 29.41 ? 104 ARG A CZ  1 
ATOM   638  N NH1 . ARG A 1 116 ? 0.222   2.430   17.677  1.00 33.02 ? 104 ARG A NH1 1 
ATOM   639  N NH2 . ARG A 1 116 ? 1.957   2.826   19.128  1.00 29.26 ? 104 ARG A NH2 1 
ATOM   640  N N   . THR A 1 117 ? 2.105   7.766   12.899  1.00 15.11 ? 105 THR A N   1 
ATOM   641  C CA  . THR A 1 117 ? 1.274   8.461   11.903  1.00 16.08 ? 105 THR A CA  1 
ATOM   642  C C   . THR A 1 117 ? 1.640   8.009   10.517  1.00 16.80 ? 105 THR A C   1 
ATOM   643  O O   . THR A 1 117 ? 0.731   7.875   9.665   1.00 16.91 ? 105 THR A O   1 
ATOM   644  C CB  . THR A 1 117 ? 1.349   9.991   12.068  1.00 19.19 ? 105 THR A CB  1 
ATOM   645  O OG1 . THR A 1 117 ? 2.648   10.478  11.699  1.00 22.25 ? 105 THR A OG1 1 
ATOM   646  C CG2 . THR A 1 117 ? 0.959   10.353  13.468  1.00 16.82 ? 105 THR A CG2 1 
ATOM   647  N N   . GLY A 1 118 ? 2.942   7.792   10.268  1.00 17.95 ? 106 GLY A N   1 
ATOM   648  C CA  . GLY A 1 118 ? 3.386   7.333   8.946   1.00 16.84 ? 106 GLY A CA  1 
ATOM   649  C C   . GLY A 1 118 ? 2.945   5.918   8.652   1.00 15.27 ? 106 GLY A C   1 
ATOM   650  O O   . GLY A 1 118 ? 2.396   5.647   7.559   1.00 16.50 ? 106 GLY A O   1 
ATOM   651  N N   . ILE A 1 119 ? 3.203   4.984   9.545   1.00 13.60 ? 107 ILE A N   1 
ATOM   652  C CA  . ILE A 1 119 ? 2.754   3.590   9.314   1.00 13.95 ? 107 ILE A CA  1 
ATOM   653  C C   . ILE A 1 119 ? 1.241   3.595   9.132   1.00 13.85 ? 107 ILE A C   1 
ATOM   654  O O   . ILE A 1 119 ? 0.719   2.819   8.332   1.00 13.94 ? 107 ILE A O   1 
ATOM   655  C CB  . ILE A 1 119 ? 3.222   2.689   10.460  1.00 14.09 ? 107 ILE A CB  1 
ATOM   656  C CG1 . ILE A 1 119 ? 4.757   2.754   10.569  1.00 14.75 ? 107 ILE A CG1 1 
ATOM   657  C CG2 . ILE A 1 119 ? 2.715   1.286   10.266  1.00 14.25 ? 107 ILE A CG2 1 
ATOM   658  C CD1 . ILE A 1 119 ? 5.296   1.925   11.681  1.00 16.30 ? 107 ILE A CD1 1 
ATOM   659  N N   . ASN A 1 120 ? 0.541   4.409   9.911   1.00 14.25 ? 108 ASN A N   1 
ATOM   660  C CA  . ASN A 1 120 ? -0.938  4.457   9.903   1.00 15.10 ? 108 ASN A CA  1 
ATOM   661  C C   . ASN A 1 120 ? -1.439  4.809   8.503   1.00 15.22 ? 108 ASN A C   1 
ATOM   662  O O   . ASN A 1 120 ? -2.537  4.385   8.142   1.00 16.14 ? 108 ASN A O   1 
ATOM   663  C CB  . ASN A 1 120 ? -1.489  5.429   10.964  1.00 15.65 ? 108 ASN A CB  1 
ATOM   664  C CG  . ASN A 1 120 ? -2.994  5.320   11.089  1.00 16.16 ? 108 ASN A CG  1 
ATOM   665  O OD1 . ASN A 1 120 ? -3.516  4.223   11.337  1.00 16.05 ? 108 ASN A OD1 1 
ATOM   666  N ND2 . ASN A 1 120 ? -3.691  6.425   10.807  1.00 16.31 ? 108 ASN A ND2 1 
ATOM   667  N N   . VAL A 1 121 ? -0.720  5.618   7.725   1.00 15.52 ? 109 VAL A N   1 
ATOM   668  C CA  . VAL A 1 121 ? -1.146  5.910   6.320   1.00 17.17 ? 109 VAL A CA  1 
ATOM   669  C C   . VAL A 1 121 ? -1.399  4.590   5.582   1.00 15.69 ? 109 VAL A C   1 
ATOM   670  O O   . VAL A 1 121 ? -2.413  4.438   4.850   1.00 15.73 ? 109 VAL A O   1 
ATOM   671  C CB  . VAL A 1 121 ? -0.085  6.753   5.584   1.00 19.29 ? 109 VAL A CB  1 
ATOM   672  C CG1 . VAL A 1 121 ? -0.303  6.786   4.076   1.00 22.46 ? 109 VAL A CG1 1 
ATOM   673  C CG2 . VAL A 1 121 ? -0.032  8.164   6.143   1.00 21.44 ? 109 VAL A CG2 1 
ATOM   674  N N   . PHE A 1 122 ? -0.459  3.641   5.702   1.00 15.24 ? 110 PHE A N   1 
ATOM   675  C CA  . PHE A 1 122 ? -0.513  2.377   4.950   1.00 14.55 ? 110 PHE A CA  1 
ATOM   676  C C   . PHE A 1 122 ? -1.573  1.459   5.555   1.00 14.87 ? 110 PHE A C   1 
ATOM   677  O O   . PHE A 1 122 ? -2.333  0.819   4.811   1.00 15.58 ? 110 PHE A O   1 
ATOM   678  C CB  . PHE A 1 122 ? 0.907   1.815   4.868   1.00 16.38 ? 110 PHE A CB  1 
ATOM   679  C CG  . PHE A 1 122 ? 1.806   2.739   4.091   1.00 15.41 ? 110 PHE A CG  1 
ATOM   680  C CD1 . PHE A 1 122 ? 1.756   2.775   2.706   1.00 16.14 ? 110 PHE A CD1 1 
ATOM   681  C CD2 . PHE A 1 122 ? 2.638   3.631   4.754   1.00 14.77 ? 110 PHE A CD2 1 
ATOM   682  C CE1 . PHE A 1 122 ? 2.541   3.680   2.002   1.00 15.15 ? 110 PHE A CE1 1 
ATOM   683  C CE2 . PHE A 1 122 ? 3.432   4.517   4.052   1.00 16.82 ? 110 PHE A CE2 1 
ATOM   684  C CZ  . PHE A 1 122 ? 3.372   4.557   2.660   1.00 15.44 ? 110 PHE A CZ  1 
ATOM   685  N N   . PHE A 1 123 ? -1.637  1.423   6.882   1.00 14.33 ? 111 PHE A N   1 
ATOM   686  C CA  . PHE A 1 123 ? -2.634  0.598   7.599   1.00 14.53 ? 111 PHE A CA  1 
ATOM   687  C C   . PHE A 1 123 ? -4.041  1.035   7.167   1.00 14.85 ? 111 PHE A C   1 
ATOM   688  O O   . PHE A 1 123 ? -4.837  0.177   6.809   1.00 15.33 ? 111 PHE A O   1 
ATOM   689  C CB  . PHE A 1 123 ? -2.392  0.735   9.087   1.00 16.06 ? 111 PHE A CB  1 
ATOM   690  C CG  . PHE A 1 123 ? -3.404  0.051   9.964   1.00 16.04 ? 111 PHE A CG  1 
ATOM   691  C CD1 . PHE A 1 123 ? -3.426  -1.324  10.097  1.00 15.95 ? 111 PHE A CD1 1 
ATOM   692  C CD2 . PHE A 1 123 ? -4.294  0.808   10.713  1.00 19.45 ? 111 PHE A CD2 1 
ATOM   693  C CE1 . PHE A 1 123 ? -4.352  -1.952  10.922  1.00 15.80 ? 111 PHE A CE1 1 
ATOM   694  C CE2 . PHE A 1 123 ? -5.208  0.183   11.555  1.00 18.18 ? 111 PHE A CE2 1 
ATOM   695  C CZ  . PHE A 1 123 ? -5.235  -1.186  11.666  1.00 16.08 ? 111 PHE A CZ  1 
ATOM   696  N N   . GLU A 1 124 ? -4.326  2.333   7.217   1.00 16.24 ? 112 GLU A N   1 
ATOM   697  C CA  . GLU A 1 124 ? -5.693  2.824   6.900   1.00 17.38 ? 112 GLU A CA  1 
ATOM   698  C C   . GLU A 1 124 ? -5.913  2.761   5.392   1.00 18.06 ? 112 GLU A C   1 
ATOM   699  O O   . GLU A 1 124 ? -7.026  2.342   4.988   1.00 19.89 ? 112 GLU A O   1 
ATOM   700  C CB  . GLU A 1 124 ? -5.886  4.255   7.393   1.00 21.57 ? 112 GLU A CB  1 
ATOM   701  C CG  . GLU A 1 124 ? -6.126  4.333   8.878   1.00 24.50 ? 112 GLU A CG  1 
ATOM   702  C CD  . GLU A 1 124 ? -7.450  3.705   9.308   1.00 27.04 ? 112 GLU A CD  1 
ATOM   703  O OE1 . GLU A 1 124 ? -8.376  3.614   8.467   1.00 27.64 ? 112 GLU A OE1 1 
ATOM   704  O OE2 . GLU A 1 124 ? -7.513  3.265   10.453  1.00 30.30 ? 112 GLU A OE2 1 
ATOM   705  N N   . THR A 1 125 ? -4.937  3.116   4.557   1.00 17.02 ? 113 THR A N   1 
ATOM   706  C CA  . THR A 1 125 ? -5.230  3.226   3.119   1.00 17.82 ? 113 THR A CA  1 
ATOM   707  C C   . THR A 1 125 ? -5.437  1.841   2.541   1.00 18.87 ? 113 THR A C   1 
ATOM   708  O O   . THR A 1 125 ? -6.482  1.624   1.849   1.00 19.67 ? 113 THR A O   1 
ATOM   709  C CB  . THR A 1 125 ? -4.170  3.988   2.333   1.00 20.23 ? 113 THR A CB  1 
ATOM   710  O OG1 . THR A 1 125 ? -4.091  5.280   2.932   1.00 18.63 ? 113 THR A OG1 1 
ATOM   711  C CG2 . THR A 1 125 ? -4.511  4.079   0.868   1.00 24.33 ? 113 THR A CG2 1 
ATOM   712  N N   . PHE A 1 126 ? -4.459  0.950   2.718   1.00 16.78 ? 114 PHE A N   1 
ATOM   713  C CA  . PHE A 1 126 ? -4.531  -0.401  2.140   1.00 16.12 ? 114 PHE A CA  1 
ATOM   714  C C   . PHE A 1 126 ? -5.584  -1.181  2.917   1.00 16.16 ? 114 PHE A C   1 
ATOM   715  O O   . PHE A 1 126 ? -6.296  -2.003  2.325   1.00 15.92 ? 114 PHE A O   1 
ATOM   716  C CB  . PHE A 1 126 ? -3.155  -1.073  2.100   1.00 16.22 ? 114 PHE A CB  1 
ATOM   717  C CG  . PHE A 1 126 ? -2.288  -0.483  1.028   1.00 16.82 ? 114 PHE A CG  1 
ATOM   718  C CD1 . PHE A 1 126 ? -2.453  -0.908  -0.292  1.00 19.82 ? 114 PHE A CD1 1 
ATOM   719  C CD2 . PHE A 1 126 ? -1.272  0.390   1.326   1.00 18.08 ? 114 PHE A CD2 1 
ATOM   720  C CE1 . PHE A 1 126 ? -1.660  -0.384  -1.306  1.00 19.34 ? 114 PHE A CE1 1 
ATOM   721  C CE2 . PHE A 1 126 ? -0.514  0.959   0.299   1.00 18.65 ? 114 PHE A CE2 1 
ATOM   722  C CZ  . PHE A 1 126 ? -0.739  0.602   -1.001  1.00 19.65 ? 114 PHE A CZ  1 
ATOM   723  N N   . GLY A 1 127 ? -5.704  -0.929  4.233   1.00 17.26 ? 115 GLY A N   1 
ATOM   724  C CA  . GLY A 1 127 ? -6.652  -1.677  5.090   1.00 18.62 ? 115 GLY A CA  1 
ATOM   725  C C   . GLY A 1 127 ? -8.085  -1.304  4.763   1.00 20.17 ? 115 GLY A C   1 
ATOM   726  O O   . GLY A 1 127 ? -8.969  -2.144  5.023   1.00 22.86 ? 115 GLY A O   1 
ATOM   727  N N   . SER A 1 128 ? -8.308  -0.134  4.182   1.00 20.64 ? 116 SER A N   1 
ATOM   728  C CA  . SER A 1 128 ? -9.648  0.325   3.704   1.00 23.85 ? 116 SER A CA  1 
ATOM   729  C C   . SER A 1 128 ? -9.966  -0.218  2.305   1.00 22.64 ? 116 SER A C   1 
ATOM   730  O O   . SER A 1 128 ? -11.124 -0.069  1.858   1.00 23.28 ? 116 SER A O   1 
ATOM   731  C CB  . SER A 1 128 ? -9.764  1.827   3.779   1.00 25.94 ? 116 SER A CB  1 
ATOM   732  O OG  . SER A 1 128 ? -9.789  2.200   5.149   1.00 26.02 ? 116 SER A OG  1 
ATOM   733  N N   . HIS A 1 129 ? -8.990  -0.777  1.600   1.00 20.92 ? 117 HIS A N   1 
ATOM   734  C CA  . HIS A 1 129 ? -9.131  -1.335  0.238   1.00 21.28 ? 117 HIS A CA  1 
ATOM   735  C C   . HIS A 1 129 ? -8.520  -2.739  0.198   1.00 22.33 ? 117 HIS A C   1 
ATOM   736  O O   . HIS A 1 129 ? -7.605  -2.983  -0.605  1.00 22.19 ? 117 HIS A O   1 
ATOM   737  C CB  . HIS A 1 129 ? -8.548  -0.372  -0.795  1.00 21.22 ? 117 HIS A CB  1 
ATOM   738  C CG  . HIS A 1 129 ? -9.173  0.967   -0.797  1.00 23.73 ? 117 HIS A CG  1 
ATOM   739  N ND1 . HIS A 1 129 ? -10.324 1.241   -1.529  1.00 26.12 ? 117 HIS A ND1 1 
ATOM   740  C CD2 . HIS A 1 129 ? -8.872  2.102   -0.137  1.00 25.38 ? 117 HIS A CD2 1 
ATOM   741  C CE1 . HIS A 1 129 ? -10.681 2.501   -1.301  1.00 24.60 ? 117 HIS A CE1 1 
ATOM   742  N NE2 . HIS A 1 129 ? -9.829  3.042   -0.454  1.00 26.42 ? 117 HIS A NE2 1 
ATOM   743  N N   . LYS A 1 130 ? -9.022  -3.653  1.039   1.00 22.57 ? 118 LYS A N   1 
ATOM   744  C CA  . LYS A 1 130 ? -8.412  -4.993  1.201   1.00 22.03 ? 118 LYS A CA  1 
ATOM   745  C C   . LYS A 1 130 ? -8.458  -5.783  -0.096  1.00 22.56 ? 118 LYS A C   1 
ATOM   746  O O   . LYS A 1 130 ? -7.498  -6.471  -0.375  1.00 18.91 ? 118 LYS A O   1 
ATOM   747  C CB  . LYS A 1 130 ? -9.079  -5.788  2.321   1.00 23.63 ? 118 LYS A CB  1 
ATOM   748  C CG  . LYS A 1 130 ? -8.745  -5.273  3.716   1.00 24.79 ? 118 LYS A CG  1 
ATOM   749  C CD  . LYS A 1 130 ? -9.362  -6.115  4.768   1.00 26.46 ? 118 LYS A CD  1 
ATOM   750  C CE  . LYS A 1 130 ? -8.897  -5.828  6.170   1.00 29.96 ? 118 LYS A CE  1 
ATOM   751  N NZ  . LYS A 1 130 ? -9.295  -4.485  6.603   1.00 32.84 ? 118 LYS A NZ  1 
ATOM   752  N N   . ALA A 1 131 ? -9.580  -5.758  -0.825  1.00 20.64 ? 119 ALA A N   1 
ATOM   753  C CA  . ALA A 1 131 ? -9.708  -6.587  -2.029  1.00 20.54 ? 119 ALA A CA  1 
ATOM   754  C C   . ALA A 1 131 ? -8.718  -6.091  -3.077  1.00 17.63 ? 119 ALA A C   1 
ATOM   755  O O   . ALA A 1 131 ? -8.081  -6.932  -3.736  1.00 20.12 ? 119 ALA A O   1 
ATOM   756  C CB  . ALA A 1 131 ? -11.131 -6.562  -2.561  1.00 23.89 ? 119 ALA A CB  1 
ATOM   757  N N   . VAL A 1 132 ? -8.581  -4.789  -3.238  1.00 19.41 ? 120 VAL A N   1 
ATOM   758  C CA  . VAL A 1 132 ? -7.612  -4.235  -4.223  1.00 20.53 ? 120 VAL A CA  1 
ATOM   759  C C   . VAL A 1 132 ? -6.202  -4.586  -3.748  1.00 21.31 ? 120 VAL A C   1 
ATOM   760  O O   . VAL A 1 132 ? -5.397  -5.015  -4.562  1.00 22.05 ? 120 VAL A O   1 
ATOM   761  C CB  . VAL A 1 132 ? -7.783  -2.734  -4.467  1.00 20.19 ? 120 VAL A CB  1 
ATOM   762  C CG1 . VAL A 1 132 ? -6.608  -2.172  -5.264  1.00 22.08 ? 120 VAL A CG1 1 
ATOM   763  C CG2 . VAL A 1 132 ? -9.104  -2.424  -5.179  1.00 23.15 ? 120 VAL A CG2 1 
ATOM   764  N N   . THR A 1 133 ? -5.930  -4.469  -2.452  1.00 20.94 ? 121 THR A N   1 
ATOM   765  C CA  . THR A 1 133 ? -4.606  -4.853  -1.890  1.00 19.46 ? 121 THR A CA  1 
ATOM   766  C C   . THR A 1 133 ? -4.271  -6.315  -2.238  1.00 19.03 ? 121 THR A C   1 
ATOM   767  O O   . THR A 1 133 ? -3.170  -6.571  -2.756  1.00 19.82 ? 121 THR A O   1 
ATOM   768  C CB  . THR A 1 133 ? -4.615  -4.618  -0.385  1.00 18.45 ? 121 THR A CB  1 
ATOM   769  O OG1 . THR A 1 133 ? -4.858  -3.228  -0.196  1.00 17.44 ? 121 THR A OG1 1 
ATOM   770  C CG2 . THR A 1 133 ? -3.292  -4.990  0.227   1.00 20.77 ? 121 THR A CG2 1 
ATOM   771  N N   . ARG A 1 134 ? -5.185  -7.228  -1.958  1.00 19.49 ? 122 ARG A N   1 
ATOM   772  C CA  . ARG A 1 134 ? -4.972  -8.680  -2.123  1.00 21.78 ? 122 ARG A CA  1 
ATOM   773  C C   . ARG A 1 134 ? -4.760  -8.975  -3.613  1.00 23.07 ? 122 ARG A C   1 
ATOM   774  O O   . ARG A 1 134 ? -3.756  -9.544  -3.993  1.00 20.26 ? 122 ARG A O   1 
ATOM   775  C CB  . ARG A 1 134 ? -6.193  -9.470  -1.666  1.00 27.08 ? 122 ARG A CB  1 
ATOM   776  C CG  . ARG A 1 134 ? -6.073  -10.959 -1.962  1.00 33.99 ? 122 ARG A CG  1 
ATOM   777  C CD  . ARG A 1 134 ? -7.284  -11.739 -1.484  1.00 46.54 ? 122 ARG A CD  1 
ATOM   778  N NE  . ARG A 1 134 ? -8.511  -11.348 -2.173  1.00 52.50 ? 122 ARG A NE  1 
ATOM   779  C CZ  . ARG A 1 134 ? -9.476  -10.555 -1.678  1.00 61.78 ? 122 ARG A CZ  1 
ATOM   780  N NH1 . ARG A 1 134 ? -9.394  -10.008 -0.466  1.00 60.83 ? 122 ARG A NH1 1 
ATOM   781  N NH2 . ARG A 1 134 ? -10.537 -10.299 -2.425  1.00 51.26 ? 122 ARG A NH2 1 
ATOM   782  N N   . ALA A 1 135 ? -5.656  -8.474  -4.455  1.00 22.88 ? 123 ALA A N   1 
ATOM   783  C CA  . ALA A 1 135 ? -5.586  -8.757  -5.903  1.00 21.41 ? 123 ALA A CA  1 
ATOM   784  C C   . ALA A 1 135 ? -4.369  -8.082  -6.517  1.00 20.84 ? 123 ALA A C   1 
ATOM   785  O O   . ALA A 1 135 ? -3.696  -8.726  -7.385  1.00 22.87 ? 123 ALA A O   1 
ATOM   786  C CB  . ALA A 1 135 ? -6.873  -8.322  -6.537  1.00 22.61 ? 123 ALA A CB  1 
ATOM   787  N N   . GLY A 1 136 ? -4.075  -6.832  -6.138  1.00 19.88 ? 124 GLY A N   1 
ATOM   788  C CA  . GLY A 1 136 ? -2.901  -6.114  -6.649  1.00 20.13 ? 124 GLY A CA  1 
ATOM   789  C C   . GLY A 1 136 ? -1.614  -6.842  -6.290  1.00 20.68 ? 124 GLY A C   1 
ATOM   790  O O   . GLY A 1 136 ? -0.711  -6.934  -7.124  1.00 21.28 ? 124 GLY A O   1 
ATOM   791  N N   . GLN A 1 137 ? -1.503  -7.364  -5.068  1.00 19.90 ? 125 GLN A N   1 
ATOM   792  C CA  . GLN A 1 137 ? -0.269  -8.090  -4.665  1.00 19.91 ? 125 GLN A CA  1 
ATOM   793  C C   . GLN A 1 137 ? -0.141  -9.373  -5.484  1.00 20.22 ? 125 GLN A C   1 
ATOM   794  O O   . GLN A 1 137 ? 0.976   -9.670  -5.915  1.00 20.26 ? 125 GLN A O   1 
ATOM   795  C CB  . GLN A 1 137 ? -0.266  -8.322  -3.149  1.00 23.78 ? 125 GLN A CB  1 
ATOM   796  C CG  . GLN A 1 137 ? -0.038  -7.017  -2.371  1.00 22.16 ? 125 GLN A CG  1 
ATOM   797  C CD  . GLN A 1 137 ? 1.198   -6.214  -2.728  1.00 25.24 ? 125 GLN A CD  1 
ATOM   798  O OE1 . GLN A 1 137 ? 2.299   -6.715  -2.633  1.00 24.31 ? 125 GLN A OE1 1 
ATOM   799  N NE2 . GLN A 1 137 ? 1.042   -4.957  -3.156  1.00 22.80 ? 125 GLN A NE2 1 
ATOM   800  N N   . ALA A 1 138 ? -1.236  -10.079 -5.697  1.00 21.10 ? 126 ALA A N   1 
ATOM   801  C CA  . ALA A 1 138 ? -1.266  -11.345 -6.447  1.00 24.09 ? 126 ALA A CA  1 
ATOM   802  C C   . ALA A 1 138 ? -0.811  -11.063 -7.881  1.00 24.95 ? 126 ALA A C   1 
ATOM   803  O O   . ALA A 1 138 ? -0.019  -11.845 -8.408  1.00 26.17 ? 126 ALA A O   1 
ATOM   804  C CB  . ALA A 1 138 ? -2.642  -11.954 -6.362  1.00 26.44 ? 126 ALA A CB  1 
ATOM   805  N N   . ALA A 1 139 ? -1.210  -9.923  -8.442  1.00 25.45 ? 127 ALA A N   1 
ATOM   806  C CA  . ALA A 1 139 ? -0.916  -9.574  -9.855  1.00 23.97 ? 127 ALA A CA  1 
ATOM   807  C C   . ALA A 1 139 ? 0.555   -9.234  -10.054 1.00 23.80 ? 127 ALA A C   1 
ATOM   808  O O   . ALA A 1 139 ? 1.011   -9.309  -11.207 1.00 23.14 ? 127 ALA A O   1 
ATOM   809  C CB  . ALA A 1 139 ? -1.813  -8.475  -10.326 1.00 25.07 ? 127 ALA A CB  1 
ATOM   810  N N   . ARG A 1 140 ? 1.320   -8.941  -8.985  1.00 21.67 ? 128 ARG A N   1 
ATOM   811  C CA  . ARG A 1 140 ? 2.782   -8.712  -9.110  1.00 22.97 ? 128 ARG A CA  1 
ATOM   812  C C   . ARG A 1 140 ? 3.472   -9.893  -9.792  1.00 25.24 ? 128 ARG A C   1 
ATOM   813  O O   . ARG A 1 140 ? 4.483   -9.626  -10.496 1.00 24.98 ? 128 ARG A O   1 
ATOM   814  C CB  . ARG A 1 140 ? 3.468   -8.447  -7.765  1.00 22.67 ? 128 ARG A CB  1 
ATOM   815  C CG  . ARG A 1 140 ? 2.977   -7.156  -7.136  1.00 25.10 ? 128 ARG A CG  1 
ATOM   816  C CD  . ARG A 1 140 ? 3.438   -7.073  -5.698  1.00 23.01 ? 128 ARG A CD  1 
ATOM   817  N NE  . ARG A 1 140 ? 4.884   -7.083  -5.667  1.00 22.77 ? 128 ARG A NE  1 
ATOM   818  C CZ  . ARG A 1 140 ? 5.568   -7.090  -4.525  1.00 28.78 ? 128 ARG A CZ  1 
ATOM   819  N NH1 . ARG A 1 140 ? 4.918   -7.153  -3.371  1.00 24.86 ? 128 ARG A NH1 1 
ATOM   820  N NH2 . ARG A 1 140 ? 6.883   -7.075  -4.545  1.00 27.32 ? 128 ARG A NH2 1 
ATOM   821  N N   . ALA A 1 141 ? 2.977   -11.104 -9.573  1.00 26.05 ? 129 ALA A N   1 
ATOM   822  C CA  . ALA A 1 141 ? 3.521   -12.346 -10.166 1.00 30.57 ? 129 ALA A CA  1 
ATOM   823  C C   . ALA A 1 141 ? 3.338   -12.329 -11.692 1.00 29.77 ? 129 ALA A C   1 
ATOM   824  O O   . ALA A 1 141 ? 4.187   -12.899 -12.363 1.00 30.47 ? 129 ALA A O   1 
ATOM   825  C CB  . ALA A 1 141 ? 2.915   -13.582 -9.535  1.00 30.46 ? 129 ALA A CB  1 
ATOM   826  N N   . THR A 1 142 ? 2.274   -11.742 -12.248 1.00 32.01 ? 130 THR A N   1 
ATOM   827  C CA  . THR A 1 142 ? 1.909   -12.015 -13.662 1.00 32.48 ? 130 THR A CA  1 
ATOM   828  C C   . THR A 1 142 ? 1.870   -10.731 -14.490 1.00 36.86 ? 130 THR A C   1 
ATOM   829  O O   . THR A 1 142 ? 1.831   -10.843 -15.718 1.00 34.80 ? 130 THR A O   1 
ATOM   830  C CB  . THR A 1 142 ? 0.595   -12.793 -13.703 1.00 31.98 ? 130 THR A CB  1 
ATOM   831  O OG1 . THR A 1 142 ? -0.382  -11.992 -13.044 1.00 30.94 ? 130 THR A OG1 1 
ATOM   832  C CG2 . THR A 1 142 ? 0.711   -14.134 -13.017 1.00 33.98 ? 130 THR A CG2 1 
ATOM   833  N N   . SER A 1 143 ? 1.890   -9.557  -13.876 1.00 27.58 ? 131 SER A N   1 
ATOM   834  C CA  . SER A 1 143 ? 1.828   -8.279  -14.609 1.00 28.15 ? 131 SER A CA  1 
ATOM   835  C C   . SER A 1 143 ? 3.114   -7.519  -14.364 1.00 32.62 ? 131 SER A C   1 
ATOM   836  O O   . SER A 1 143 ? 3.363   -7.140  -13.209 1.00 26.80 ? 131 SER A O   1 
ATOM   837  C CB  . SER A 1 143 ? 0.632   -7.459  -14.220 1.00 28.78 ? 131 SER A CB  1 
ATOM   838  O OG  . SER A 1 143 ? 0.775   -6.126  -14.684 1.00 26.22 ? 131 SER A OG  1 
ATOM   839  N N   . VAL A 1 144 ? 3.908   -7.289  -15.412 1.00 28.53 ? 132 VAL A N   1 
ATOM   840  C CA  . VAL A 1 144 ? 5.118   -6.441  -15.291 1.00 27.81 ? 132 VAL A CA  1 
ATOM   841  C C   . VAL A 1 144 ? 4.698   -5.027  -14.887 1.00 26.55 ? 132 VAL A C   1 
ATOM   842  O O   . VAL A 1 144 ? 5.469   -4.337  -14.225 1.00 23.91 ? 132 VAL A O   1 
ATOM   843  C CB  . VAL A 1 144 ? 5.929   -6.405  -16.597 1.00 34.60 ? 132 VAL A CB  1 
ATOM   844  C CG1 . VAL A 1 144 ? 7.065   -5.388  -16.520 1.00 37.10 ? 132 VAL A CG1 1 
ATOM   845  C CG2 . VAL A 1 144 ? 6.440   -7.789  -16.923 1.00 34.34 ? 132 VAL A CG2 1 
ATOM   846  N N   . GLU A 1 145 ? 3.551   -4.542  -15.352 1.00 25.60 ? 133 GLU A N   1 
ATOM   847  C CA  . GLU A 1 145 ? 3.163   -3.164  -15.029 1.00 26.79 ? 133 GLU A CA  1 
ATOM   848  C C   . GLU A 1 145 ? 2.838   -3.086  -13.524 1.00 22.07 ? 133 GLU A C   1 
ATOM   849  O O   . GLU A 1 145 ? 3.143   -2.065  -12.920 1.00 24.03 ? 133 GLU A O   1 
ATOM   850  C CB  . GLU A 1 145 ? 1.949   -2.767  -15.843 1.00 31.23 ? 133 GLU A CB  1 
ATOM   851  C CG  . GLU A 1 145 ? 2.350   -2.330  -17.215 1.00 38.28 ? 133 GLU A CG  1 
ATOM   852  C CD  . GLU A 1 145 ? 1.209   -2.477  -18.183 1.00 47.73 ? 133 GLU A CD  1 
ATOM   853  O OE1 . GLU A 1 145 ? 1.074   -3.576  -18.725 1.00 60.60 ? 133 GLU A OE1 1 
ATOM   854  O OE2 . GLU A 1 145 ? 0.454   -1.498  -18.350 1.00 56.32 ? 133 GLU A OE2 1 
ATOM   855  N N   . VAL A 1 146 ? 2.169   -4.091  -12.989 1.00 22.70 ? 134 VAL A N   1 
ATOM   856  C CA  . VAL A 1 146 ? 1.839   -4.052  -11.523 1.00 22.08 ? 134 VAL A CA  1 
ATOM   857  C C   . VAL A 1 146 ? 3.134   -4.151  -10.713 1.00 21.99 ? 134 VAL A C   1 
ATOM   858  O O   . VAL A 1 146 ? 3.297   -3.372  -9.765  1.00 21.35 ? 134 VAL A O   1 
ATOM   859  C CB  . VAL A 1 146 ? 0.850   -5.139  -11.126 1.00 22.99 ? 134 VAL A CB  1 
ATOM   860  C CG1 . VAL A 1 146 ? 0.817   -5.309  -9.606  1.00 23.23 ? 134 VAL A CG1 1 
ATOM   861  C CG2 . VAL A 1 146 ? -0.551  -4.841  -11.660 1.00 24.13 ? 134 VAL A CG2 1 
ATOM   862  N N   . ALA A 1 147 ? 4.022   -5.089  -11.063 1.00 22.57 ? 135 ALA A N   1 
ATOM   863  C CA  . ALA A 1 147 ? 5.345   -5.242  -10.410 1.00 23.43 ? 135 ALA A CA  1 
ATOM   864  C C   . ALA A 1 147 ? 6.102   -3.919  -10.475 1.00 23.32 ? 135 ALA A C   1 
ATOM   865  O O   . ALA A 1 147 ? 6.697   -3.536  -9.456  1.00 21.45 ? 135 ALA A O   1 
ATOM   866  C CB  . ALA A 1 147 ? 6.142   -6.392  -11.015 1.00 23.58 ? 135 ALA A CB  1 
ATOM   867  N N   . GLU A 1 148 ? 6.107   -3.216  -11.615 1.00 21.47 ? 136 GLU A N   1 
ATOM   868  C CA  . GLU A 1 148 ? 6.890   -1.977  -11.757 1.00 22.40 ? 136 GLU A CA  1 
ATOM   869  C C   . GLU A 1 148 ? 6.250   -0.860  -10.932 1.00 19.02 ? 136 GLU A C   1 
ATOM   870  O O   . GLU A 1 148 ? 6.981   -0.106  -10.338 1.00 20.17 ? 136 GLU A O   1 
ATOM   871  C CB  . GLU A 1 148 ? 7.127   -1.625  -13.230 1.00 26.51 ? 136 GLU A CB  1 
ATOM   872  C CG  . GLU A 1 148 ? 8.101   -2.624  -13.823 1.00 33.30 ? 136 GLU A CG  1 
ATOM   873  C CD  . GLU A 1 148 ? 8.488   -2.357  -15.261 1.00 44.52 ? 136 GLU A CD  1 
ATOM   874  O OE1 . GLU A 1 148 ? 7.750   -1.588  -15.914 1.00 41.75 ? 136 GLU A OE1 1 
ATOM   875  O OE2 . GLU A 1 148 ? 9.514   -2.928  -15.715 1.00 45.64 ? 136 GLU A OE2 1 
ATOM   876  N N   . LEU A 1 149 ? 4.937   -0.800  -10.865 1.00 19.55 ? 137 LEU A N   1 
ATOM   877  C CA  . LEU A 1 149 ? 4.223   0.213   -10.043 1.00 19.86 ? 137 LEU A CA  1 
ATOM   878  C C   . LEU A 1 149 ? 4.612   -0.003  -8.576  1.00 16.80 ? 137 LEU A C   1 
ATOM   879  O O   . LEU A 1 149 ? 4.987   0.952   -7.910  1.00 15.67 ? 137 LEU A O   1 
ATOM   880  C CB  . LEU A 1 149 ? 2.722   0.014   -10.253 1.00 20.66 ? 137 LEU A CB  1 
ATOM   881  C CG  . LEU A 1 149 ? 1.821   0.905   -9.406  1.00 24.42 ? 137 LEU A CG  1 
ATOM   882  C CD1 . LEU A 1 149 ? 1.956   2.382   -9.731  1.00 27.63 ? 137 LEU A CD1 1 
ATOM   883  C CD2 . LEU A 1 149 ? 0.386   0.477   -9.585  1.00 26.54 ? 137 LEU A CD2 1 
ATOM   884  N N   . TRP A 1 150 ? 4.475   -1.229  -8.114  1.00 17.67 ? 138 TRP A N   1 
ATOM   885  C CA  . TRP A 1 150 ? 4.775   -1.585  -6.702  1.00 17.48 ? 138 TRP A CA  1 
ATOM   886  C C   . TRP A 1 150 ? 6.232   -1.225  -6.399  1.00 18.10 ? 138 TRP A C   1 
ATOM   887  O O   . TRP A 1 150 ? 6.517   -0.489  -5.463  1.00 15.65 ? 138 TRP A O   1 
ATOM   888  C CB  . TRP A 1 150 ? 4.427   -3.050  -6.394  1.00 18.44 ? 138 TRP A CB  1 
ATOM   889  C CG  . TRP A 1 150 ? 4.450   -3.213  -4.907  1.00 17.53 ? 138 TRP A CG  1 
ATOM   890  C CD1 . TRP A 1 150 ? 5.413   -3.789  -4.134  1.00 17.78 ? 138 TRP A CD1 1 
ATOM   891  C CD2 . TRP A 1 150 ? 3.493   -2.649  -4.002  1.00 18.23 ? 138 TRP A CD2 1 
ATOM   892  N NE1 . TRP A 1 150 ? 5.089   -3.676  -2.809  1.00 18.19 ? 138 TRP A NE1 1 
ATOM   893  C CE2 . TRP A 1 150 ? 3.934   -2.951  -2.697  1.00 17.09 ? 138 TRP A CE2 1 
ATOM   894  C CE3 . TRP A 1 150 ? 2.326   -1.908  -4.164  1.00 18.19 ? 138 TRP A CE3 1 
ATOM   895  C CZ2 . TRP A 1 150 ? 3.224   -2.525  -1.580  1.00 19.03 ? 138 TRP A CZ2 1 
ATOM   896  C CZ3 . TRP A 1 150 ? 1.605   -1.520  -3.061  1.00 18.19 ? 138 TRP A CZ3 1 
ATOM   897  C CH2 . TRP A 1 150 ? 2.060   -1.822  -1.780  1.00 17.91 ? 138 TRP A CH2 1 
ATOM   898  N N   . SER A 1 151 ? 7.148   -1.656  -7.254  1.00 18.11 ? 139 SER A N   1 
ATOM   899  C CA  . SER A 1 151 ? 8.580   -1.372  -7.083  1.00 19.27 ? 139 SER A CA  1 
ATOM   900  C C   . SER A 1 151 ? 8.827   0.146   -7.016  1.00 16.69 ? 139 SER A C   1 
ATOM   901  O O   . SER A 1 151 ? 9.659   0.621   -6.201  1.00 15.78 ? 139 SER A O   1 
ATOM   902  C CB  . SER A 1 151 ? 9.339   -2.094  -8.190  1.00 20.73 ? 139 SER A CB  1 
ATOM   903  O OG  . SER A 1 151 ? 10.675  -1.691  -8.133  1.00 26.16 ? 139 SER A OG  1 
ATOM   904  N N   . THR A 1 152 ? 8.245   0.946   -7.929  1.00 17.38 ? 140 THR A N   1 
ATOM   905  C CA  . THR A 1 152 ? 8.475   2.398   -7.975  1.00 17.28 ? 140 THR A CA  1 
ATOM   906  C C   . THR A 1 152 ? 8.077   3.052   -6.655  1.00 15.38 ? 140 THR A C   1 
ATOM   907  O O   . THR A 1 152 ? 8.807   3.905   -6.153  1.00 15.28 ? 140 THR A O   1 
ATOM   908  C CB  . THR A 1 152 ? 7.660   3.048   -9.116  1.00 21.05 ? 140 THR A CB  1 
ATOM   909  O OG1 . THR A 1 152 ? 8.217   2.467   -10.298 1.00 27.01 ? 140 THR A OG1 1 
ATOM   910  C CG2 . THR A 1 152 ? 7.761   4.549   -9.147  1.00 25.29 ? 140 THR A CG2 1 
ATOM   911  N N   . PHE A 1 153 ? 6.900   2.730   -6.142  1.00 15.37 ? 141 PHE A N   1 
ATOM   912  C CA  . PHE A 1 153 ? 6.404   3.384   -4.909  1.00 15.30 ? 141 PHE A CA  1 
ATOM   913  C C   . PHE A 1 153 ? 7.186   2.862   -3.702  1.00 15.09 ? 141 PHE A C   1 
ATOM   914  O O   . PHE A 1 153 ? 7.455   3.659   -2.829  1.00 14.31 ? 141 PHE A O   1 
ATOM   915  C CB  . PHE A 1 153 ? 4.896   3.275   -4.791  1.00 17.44 ? 141 PHE A CB  1 
ATOM   916  C CG  . PHE A 1 153 ? 4.211   4.328   -5.626  1.00 17.54 ? 141 PHE A CG  1 
ATOM   917  C CD1 . PHE A 1 153 ? 3.976   5.584   -5.102  1.00 20.20 ? 141 PHE A CD1 1 
ATOM   918  C CD2 . PHE A 1 153 ? 3.985   4.111   -6.976  1.00 21.17 ? 141 PHE A CD2 1 
ATOM   919  C CE1 . PHE A 1 153 ? 3.364   6.565   -5.866  1.00 22.53 ? 141 PHE A CE1 1 
ATOM   920  C CE2 . PHE A 1 153 ? 3.434   5.121   -7.758  1.00 21.88 ? 141 PHE A CE2 1 
ATOM   921  C CZ  . PHE A 1 153 ? 3.111   6.329   -7.198  1.00 21.67 ? 141 PHE A CZ  1 
ATOM   922  N N   . MET A 1 154 ? 7.501   1.573   -3.664  1.00 15.56 ? 142 MET A N   1 
ATOM   923  C CA  . MET A 1 154 ? 8.297   1.042   -2.509  1.00 15.43 ? 142 MET A CA  1 
ATOM   924  C C   . MET A 1 154 ? 9.646   1.781   -2.474  1.00 15.72 ? 142 MET A C   1 
ATOM   925  O O   . MET A 1 154 ? 10.128  2.184   -1.401  1.00 14.41 ? 142 MET A O   1 
ATOM   926  C CB  . MET A 1 154 ? 8.462   -0.471  -2.596  1.00 14.30 ? 142 MET A CB  1 
ATOM   927  C CG  . MET A 1 154 ? 7.218   -1.254  -2.281  1.00 14.64 ? 142 MET A CG  1 
ATOM   928  S SD  . MET A 1 154 ? 6.704   -1.061  -0.530  1.00 17.23 ? 142 MET A SD  1 
ATOM   929  C CE  . MET A 1 154 ? 7.902   -2.140  0.306   1.00 17.28 ? 142 MET A CE  1 
ATOM   930  N N   . GLN A 1 155 ? 10.257  2.004   -3.630  1.00 16.74 ? 143 GLN A N   1 
ATOM   931  C CA  . GLN A 1 155 ? 11.521  2.755   -3.693  1.00 17.04 ? 143 GLN A CA  1 
ATOM   932  C C   . GLN A 1 155 ? 11.328  4.165   -3.137  1.00 15.65 ? 143 GLN A C   1 
ATOM   933  O O   . GLN A 1 155 ? 12.156  4.612   -2.345  1.00 15.51 ? 143 GLN A O   1 
ATOM   934  C CB  . GLN A 1 155 ? 12.012  2.791   -5.130  1.00 18.49 ? 143 GLN A CB  1 
ATOM   935  C CG  . GLN A 1 155 ? 12.598  1.480   -5.579  1.00 26.48 ? 143 GLN A CG  1 
ATOM   936  C CD  . GLN A 1 155 ? 13.049  1.658   -7.015  1.00 34.53 ? 143 GLN A CD  1 
ATOM   937  O OE1 . GLN A 1 155 ? 13.885  2.515   -7.292  1.00 38.92 ? 143 GLN A OE1 1 
ATOM   938  N NE2 . GLN A 1 155 ? 12.425  0.936   -7.943  1.00 37.88 ? 143 GLN A NE2 1 
ATOM   939  N N   . LYS A 1 156 ? 10.232  4.822   -3.505  1.00 16.65 ? 144 LYS A N   1 
ATOM   940  C CA  . LYS A 1 156 ? 9.930   6.186   -3.041  1.00 19.09 ? 144 LYS A CA  1 
ATOM   941  C C   . LYS A 1 156 ? 9.743   6.195   -1.514  1.00 15.52 ? 144 LYS A C   1 
ATOM   942  O O   . LYS A 1 156 ? 10.299  7.054   -0.845  1.00 13.73 ? 144 LYS A O   1 
ATOM   943  C CB  . LYS A 1 156 ? 8.693   6.738   -3.753  1.00 21.24 ? 144 LYS A CB  1 
ATOM   944  C CG  . LYS A 1 156 ? 8.296   8.122   -3.279  1.00 27.27 ? 144 LYS A CG  1 
ATOM   945  C CD  . LYS A 1 156 ? 7.220   8.788   -4.161  1.00 30.94 ? 144 LYS A CD  1 
ATOM   946  C CE  . LYS A 1 156 ? 6.949   10.233  -3.787  1.00 35.47 ? 144 LYS A CE  1 
ATOM   947  N NZ  . LYS A 1 156 ? 5.862   10.770  -4.641  1.00 37.77 ? 144 LYS A NZ  1 
ATOM   948  N N   . TRP A 1 157 ? 8.961   5.268   -0.972  1.00 14.66 ? 145 TRP A N   1 
ATOM   949  C CA  . TRP A 1 157 ? 8.659   5.230   0.488   1.00 14.03 ? 145 TRP A CA  1 
ATOM   950  C C   . TRP A 1 157 ? 9.906   4.872   1.311   1.00 13.77 ? 145 TRP A C   1 
ATOM   951  O O   . TRP A 1 157 ? 10.109  5.467   2.405   1.00 14.45 ? 145 TRP A O   1 
ATOM   952  C CB  . TRP A 1 157 ? 7.530   4.252   0.735   1.00 15.06 ? 145 TRP A CB  1 
ATOM   953  C CG  . TRP A 1 157 ? 6.292   4.658   -0.006  1.00 14.85 ? 145 TRP A CG  1 
ATOM   954  C CD1 . TRP A 1 157 ? 5.914   5.936   -0.324  1.00 15.60 ? 145 TRP A CD1 1 
ATOM   955  C CD2 . TRP A 1 157 ? 5.230   3.801   -0.432  1.00 14.07 ? 145 TRP A CD2 1 
ATOM   956  N NE1 . TRP A 1 157 ? 4.713   5.907   -0.996  1.00 15.68 ? 145 TRP A NE1 1 
ATOM   957  C CE2 . TRP A 1 157 ? 4.260   4.626   -1.054  1.00 15.81 ? 145 TRP A CE2 1 
ATOM   958  C CE3 . TRP A 1 157 ? 5.017   2.424   -0.442  1.00 14.87 ? 145 TRP A CE3 1 
ATOM   959  C CZ2 . TRP A 1 157 ? 3.102   4.108   -1.639  1.00 14.92 ? 145 TRP A CZ2 1 
ATOM   960  C CZ3 . TRP A 1 157 ? 3.860   1.917   -0.992  1.00 16.59 ? 145 TRP A CZ3 1 
ATOM   961  C CH2 . TRP A 1 157 ? 2.935   2.748   -1.618  1.00 15.21 ? 145 TRP A CH2 1 
ATOM   962  N N   . ILE A 1 158 ? 10.731  3.971   0.775   1.00 13.85 ? 146 ILE A N   1 
ATOM   963  C CA  . ILE A 1 158 ? 12.020  3.595   1.414   1.00 13.37 ? 146 ILE A CA  1 
ATOM   964  C C   . ILE A 1 158 ? 12.927  4.836   1.423   1.00 13.43 ? 146 ILE A C   1 
ATOM   965  O O   . ILE A 1 158 ? 13.542  5.127   2.447   1.00 12.84 ? 146 ILE A O   1 
ATOM   966  C CB  . ILE A 1 158 ? 12.670  2.394   0.714   1.00 12.97 ? 146 ILE A CB  1 
ATOM   967  C CG1 . ILE A 1 158 ? 11.877  1.126   1.036   1.00 13.66 ? 146 ILE A CG1 1 
ATOM   968  C CG2 . ILE A 1 158 ? 14.153  2.252   1.132   1.00 13.59 ? 146 ILE A CG2 1 
ATOM   969  C CD1 . ILE A 1 158 ? 12.185  -0.026  0.112   1.00 14.38 ? 146 ILE A CD1 1 
ATOM   970  N N   . ALA A 1 159 ? 12.988  5.559   0.330   1.00 14.63 ? 147 ALA A N   1 
ATOM   971  C CA  . ALA A 1 159 ? 13.903  6.716   0.230   1.00 14.87 ? 147 ALA A CA  1 
ATOM   972  C C   . ALA A 1 159 ? 13.466  7.758   1.259   1.00 15.94 ? 147 ALA A C   1 
ATOM   973  O O   . ALA A 1 159 ? 14.319  8.391   1.938   1.00 16.01 ? 147 ALA A O   1 
ATOM   974  C CB  . ALA A 1 159 ? 13.935  7.239   -1.191  1.00 17.24 ? 147 ALA A CB  1 
ATOM   975  N N   . TYR A 1 160 ? 12.165  8.013   1.359   1.00 16.38 ? 148 TYR A N   1 
ATOM   976  C CA  . TYR A 1 160 ? 11.628  8.971   2.350   1.00 18.57 ? 148 TYR A CA  1 
ATOM   977  C C   . TYR A 1 160 ? 11.889  8.488   3.781   1.00 17.40 ? 148 TYR A C   1 
ATOM   978  O O   . TYR A 1 160 ? 12.333  9.240   4.644   1.00 16.93 ? 148 TYR A O   1 
ATOM   979  C CB  . TYR A 1 160 ? 10.165  9.281   2.049   1.00 21.09 ? 148 TYR A CB  1 
ATOM   980  C CG  . TYR A 1 160 ? 9.617   10.252  3.033   1.00 24.89 ? 148 TYR A CG  1 
ATOM   981  C CD1 . TYR A 1 160 ? 10.182  11.509  3.194   1.00 26.98 ? 148 TYR A CD1 1 
ATOM   982  C CD2 . TYR A 1 160 ? 8.551   9.894   3.829   1.00 28.73 ? 148 TYR A CD2 1 
ATOM   983  C CE1 . TYR A 1 160 ? 9.683   12.399  4.127   1.00 30.74 ? 148 TYR A CE1 1 
ATOM   984  C CE2 . TYR A 1 160 ? 8.047   10.774  4.756   1.00 32.85 ? 148 TYR A CE2 1 
ATOM   985  C CZ  . TYR A 1 160 ? 8.630   12.007  4.930   1.00 33.02 ? 148 TYR A CZ  1 
ATOM   986  O OH  . TYR A 1 160 ? 8.070   12.816  5.876   1.00 41.45 ? 148 TYR A OH  1 
ATOM   987  N N   . THR A 1 161 ? 11.700  7.206   4.053   1.00 14.76 ? 149 THR A N   1 
ATOM   988  C CA  . THR A 1 161 ? 12.028  6.650   5.374   1.00 14.14 ? 149 THR A CA  1 
ATOM   989  C C   . THR A 1 161 ? 13.502  6.922   5.702   1.00 15.04 ? 149 THR A C   1 
ATOM   990  O O   . THR A 1 161 ? 13.808  7.378   6.813   1.00 16.24 ? 149 THR A O   1 
ATOM   991  C CB  . THR A 1 161 ? 11.742  5.139   5.416   1.00 13.43 ? 149 THR A CB  1 
ATOM   992  O OG1 . THR A 1 161 ? 10.372  4.873   5.064   1.00 13.89 ? 149 THR A OG1 1 
ATOM   993  C CG2 . THR A 1 161 ? 12.073  4.566   6.760   1.00 13.16 ? 149 THR A CG2 1 
ATOM   994  N N   . ALA A 1 162 ? 14.403  6.650   4.765   1.00 16.43 ? 150 ALA A N   1 
ATOM   995  C CA  . ALA A 1 162 ? 15.846  6.786   5.028   1.00 15.69 ? 150 ALA A CA  1 
ATOM   996  C C   . ALA A 1 162 ? 16.157  8.264   5.308   1.00 16.17 ? 150 ALA A C   1 
ATOM   997  O O   . ALA A 1 162 ? 16.996  8.542   6.151   1.00 17.52 ? 150 ALA A O   1 
ATOM   998  C CB  . ALA A 1 162 ? 16.640  6.257   3.875   1.00 16.27 ? 150 ALA A CB  1 
ATOM   999  N N   . ALA A 1 163 ? 15.562  9.168   4.541   1.00 18.59 ? 151 ALA A N   1 
ATOM   1000 C CA  . ALA A 1 163 ? 15.809  10.627  4.684   1.00 20.50 ? 151 ALA A CA  1 
ATOM   1001 C C   . ALA A 1 163 ? 15.393  11.060  6.081   1.00 21.62 ? 151 ALA A C   1 
ATOM   1002 O O   . ALA A 1 163 ? 16.143  11.837  6.734   1.00 21.60 ? 151 ALA A O   1 
ATOM   1003 C CB  . ALA A 1 163 ? 15.076  11.405  3.610   1.00 21.94 ? 151 ALA A CB  1 
ATOM   1004 N N   . VAL A 1 164 ? 14.281  10.544  6.592   1.00 20.60 ? 152 VAL A N   1 
ATOM   1005 C CA  . VAL A 1 164 ? 13.838  10.920  7.958   1.00 19.24 ? 152 VAL A CA  1 
ATOM   1006 C C   . VAL A 1 164 ? 14.784  10.291  8.980   1.00 21.23 ? 152 VAL A C   1 
ATOM   1007 O O   . VAL A 1 164 ? 15.156  10.989  9.927   1.00 20.25 ? 152 VAL A O   1 
ATOM   1008 C CB  . VAL A 1 164 ? 12.350  10.587  8.187   1.00 20.65 ? 152 VAL A CB  1 
ATOM   1009 C CG1 . VAL A 1 164 ? 11.917  10.869  9.617   1.00 20.83 ? 152 VAL A CG1 1 
ATOM   1010 C CG2 . VAL A 1 164 ? 11.504  11.367  7.187   1.00 23.08 ? 152 VAL A CG2 1 
ATOM   1011 N N   . ILE A 1 165 ? 15.203  9.027   8.810   1.00 17.99 ? 153 ILE A N   1 
ATOM   1012 C CA  . ILE A 1 165 ? 16.151  8.421   9.768   1.00 17.74 ? 153 ILE A CA  1 
ATOM   1013 C C   . ILE A 1 165 ? 17.415  9.296   9.769   1.00 19.21 ? 153 ILE A C   1 
ATOM   1014 O O   . ILE A 1 165 ? 17.929  9.572   10.829  1.00 21.14 ? 153 ILE A O   1 
ATOM   1015 C CB  . ILE A 1 165 ? 16.441  6.957   9.387   1.00 16.88 ? 153 ILE A CB  1 
ATOM   1016 C CG1 . ILE A 1 165 ? 15.208  6.079   9.631   1.00 14.54 ? 153 ILE A CG1 1 
ATOM   1017 C CG2 . ILE A 1 165 ? 17.619  6.393   10.126  1.00 16.21 ? 153 ILE A CG2 1 
ATOM   1018 C CD1 . ILE A 1 165 ? 15.326  4.713   8.964   1.00 16.21 ? 153 ILE A CD1 1 
ATOM   1019 N N   . ASP A 1 166 ? 17.900  9.656   8.597   1.00 20.75 ? 154 ASP A N   1 
ATOM   1020 C CA  . ASP A 1 166 ? 19.103  10.517  8.460   1.00 22.68 ? 154 ASP A CA  1 
ATOM   1021 C C   . ASP A 1 166 ? 18.918  11.848  9.216   1.00 23.41 ? 154 ASP A C   1 
ATOM   1022 O O   . ASP A 1 166 ? 19.838  12.231  9.977   1.00 25.33 ? 154 ASP A O   1 
ATOM   1023 C CB  . ASP A 1 166 ? 19.392  10.723  6.985   1.00 22.63 ? 154 ASP A CB  1 
ATOM   1024 C CG  . ASP A 1 166 ? 20.185  9.596   6.405   1.00 26.85 ? 154 ASP A CG  1 
ATOM   1025 O OD1 . ASP A 1 166 ? 20.875  8.902   7.190   1.00 32.10 ? 154 ASP A OD1 1 
ATOM   1026 O OD2 . ASP A 1 166 ? 20.102  9.441   5.172   1.00 30.94 ? 154 ASP A OD2 1 
ATOM   1027 N N   . ALA A 1 167 ? 17.788  12.506  9.060   1.00 23.97 ? 155 ALA A N   1 
ATOM   1028 C CA  . ALA A 1 167 ? 17.448  13.768  9.755   1.00 27.00 ? 155 ALA A CA  1 
ATOM   1029 C C   . ALA A 1 167 ? 17.496  13.527  11.259  1.00 28.36 ? 155 ALA A C   1 
ATOM   1030 O O   . ALA A 1 167 ? 18.073  14.333  11.978  1.00 27.89 ? 155 ALA A O   1 
ATOM   1031 C CB  . ALA A 1 167 ? 16.101  14.256  9.301   1.00 28.03 ? 155 ALA A CB  1 
ATOM   1032 N N   . GLU A 1 168 ? 16.956  12.407  11.731  1.00 23.97 ? 156 GLU A N   1 
ATOM   1033 C CA  . GLU A 1 168 ? 16.934  12.072  13.164  1.00 22.43 ? 156 GLU A CA  1 
ATOM   1034 C C   . GLU A 1 168 ? 18.373  11.848  13.657  1.00 25.64 ? 156 GLU A C   1 
ATOM   1035 O O   . GLU A 1 168 ? 18.669  12.161  14.831  1.00 27.40 ? 156 GLU A O   1 
ATOM   1036 C CB  . GLU A 1 168 ? 16.075  10.829  13.430  1.00 22.75 ? 156 GLU A CB  1 
ATOM   1037 C CG  . GLU A 1 168 ? 14.577  11.046  13.288  1.00 22.43 ? 156 GLU A CG  1 
ATOM   1038 C CD  . GLU A 1 168 ? 14.005  11.955  14.359  1.00 24.47 ? 156 GLU A CD  1 
ATOM   1039 O OE1 . GLU A 1 168 ? 13.656  11.462  15.447  1.00 22.30 ? 156 GLU A OE1 1 
ATOM   1040 O OE2 . GLU A 1 168 ? 14.030  13.161  14.113  1.00 24.73 ? 156 GLU A OE2 1 
ATOM   1041 N N   . ARG A 1 169 ? 19.232  11.253  12.833  1.00 23.04 ? 157 ARG A N   1 
ATOM   1042 C CA  . ARG A 1 169 ? 20.642  11.057  13.210  1.00 22.45 ? 157 ARG A CA  1 
ATOM   1043 C C   . ARG A 1 169 ? 21.325  12.443  13.223  1.00 22.85 ? 157 ARG A C   1 
ATOM   1044 O O   . ARG A 1 169 ? 22.165  12.643  14.114  1.00 26.93 ? 157 ARG A O   1 
ATOM   1045 C CB  . ARG A 1 169 ? 21.302  10.099  12.234  1.00 21.04 ? 157 ARG A CB  1 
ATOM   1046 C CG  . ARG A 1 169 ? 20.756  8.675   12.357  1.00 18.89 ? 157 ARG A CG  1 
ATOM   1047 C CD  . ARG A 1 169 ? 21.293  7.796   11.241  1.00 18.37 ? 157 ARG A CD  1 
ATOM   1048 N NE  . ARG A 1 169 ? 20.845  6.435   11.532  1.00 18.52 ? 157 ARG A NE  1 
ATOM   1049 C CZ  . ARG A 1 169 ? 21.287  5.344   10.895  1.00 18.96 ? 157 ARG A CZ  1 
ATOM   1050 N NH1 . ARG A 1 169 ? 20.865  4.146   11.270  1.00 18.14 ? 157 ARG A NH1 1 
ATOM   1051 N NH2 . ARG A 1 169 ? 22.229  5.452   9.979   1.00 19.78 ? 157 ARG A NH2 1 
ATOM   1052 N N   . ASP A 1 170 ? 21.015  13.291  12.249  1.00 26.53 ? 158 ASP A N   1 
ATOM   1053 C CA  . ASP A 1 170 ? 21.664  14.628  12.080  1.00 30.55 ? 158 ASP A CA  1 
ATOM   1054 C C   . ASP A 1 170 ? 21.359  15.470  13.320  1.00 33.15 ? 158 ASP A C   1 
ATOM   1055 O O   . ASP A 1 170 ? 22.264  16.176  13.775  1.00 36.99 ? 158 ASP A O   1 
ATOM   1056 C CB  . ASP A 1 170 ? 21.207  15.340  10.810  1.00 31.93 ? 158 ASP A CB  1 
ATOM   1057 C CG  . ASP A 1 170 ? 21.836  14.753  9.568   1.00 34.75 ? 158 ASP A CG  1 
ATOM   1058 O OD1 . ASP A 1 170 ? 22.769  13.957  9.723   1.00 40.05 ? 158 ASP A OD1 1 
ATOM   1059 O OD2 . ASP A 1 170 ? 21.374  15.075  8.469   1.00 38.64 ? 158 ASP A OD2 1 
ATOM   1060 N N   . ARG A 1 171 ? 20.176  15.329  13.895  1.00 31.33 ? 159 ARG A N   1 
ATOM   1061 C CA  . ARG A 1 171 ? 19.714  16.131  15.061  1.00 34.18 ? 159 ARG A CA  1 
ATOM   1062 C C   . ARG A 1 171 ? 20.207  15.469  16.360  1.00 32.34 ? 159 ARG A C   1 
ATOM   1063 O O   . ARG A 1 171 ? 20.052  16.067  17.402  1.00 35.96 ? 159 ARG A O   1 
ATOM   1064 C CB  . ARG A 1 171 ? 18.207  16.418  14.910  1.00 34.88 ? 159 ARG A CB  1 
ATOM   1065 C CG  . ARG A 1 171 ? 17.254  15.559  15.735  1.00 40.59 ? 159 ARG A CG  1 
ATOM   1066 C CD  . ARG A 1 171 ? 15.766  15.930  15.593  1.00 44.20 ? 159 ARG A CD  1 
ATOM   1067 N NE  . ARG A 1 171 ? 14.833  14.849  15.987  1.00 43.85 ? 159 ARG A NE  1 
ATOM   1068 C CZ  . ARG A 1 171 ? 14.447  14.546  17.234  1.00 45.15 ? 159 ARG A CZ  1 
ATOM   1069 N NH1 . ARG A 1 171 ? 14.926  15.241  18.247  1.00 48.86 ? 159 ARG A NH1 1 
ATOM   1070 N NH2 . ARG A 1 171 ? 13.614  13.533  17.487  1.00 40.73 ? 159 ARG A NH2 1 
ATOM   1071 N N   . GLY A 1 172 ? 20.812  14.283  16.325  1.00 31.70 ? 160 GLY A N   1 
ATOM   1072 C CA  . GLY A 1 172 ? 21.367  13.605  17.513  1.00 28.64 ? 160 GLY A CA  1 
ATOM   1073 C C   . GLY A 1 172 ? 20.351  12.761  18.261  1.00 29.63 ? 160 GLY A C   1 
ATOM   1074 O O   . GLY A 1 172 ? 20.676  12.264  19.332  1.00 31.89 ? 160 GLY A O   1 
ATOM   1075 N N   . ALA A 1 173 ? 19.137  12.578  17.740  1.00 30.89 ? 161 ALA A N   1 
ATOM   1076 C CA  . ALA A 1 173 ? 18.077  11.778  18.405  1.00 28.52 ? 161 ALA A CA  1 
ATOM   1077 C C   . ALA A 1 173 ? 18.288  10.282  18.109  1.00 27.43 ? 161 ALA A C   1 
ATOM   1078 O O   . ALA A 1 173 ? 18.052  9.430   19.000  1.00 27.39 ? 161 ALA A O   1 
ATOM   1079 C CB  . ALA A 1 173 ? 16.729  12.263  17.924  1.00 30.59 ? 161 ALA A CB  1 
ATOM   1080 N N   . ALA A 1 174 ? 18.765  9.929   16.917  1.00 23.31 ? 162 ALA A N   1 
ATOM   1081 C CA  . ALA A 1 174 ? 18.987  8.502   16.564  1.00 23.43 ? 162 ALA A CA  1 
ATOM   1082 C C   . ALA A 1 174 ? 20.476  8.212   16.393  1.00 21.51 ? 162 ALA A C   1 
ATOM   1083 O O   . ALA A 1 174 ? 21.189  9.024   15.825  1.00 22.46 ? 162 ALA A O   1 
ATOM   1084 C CB  . ALA A 1 174 ? 18.235  8.159   15.303  1.00 22.10 ? 162 ALA A CB  1 
ATOM   1085 N N   . PRO A 1 175 ? 20.948  7.030   16.834  1.00 22.04 ? 163 PRO A N   1 
ATOM   1086 C CA  . PRO A 1 175 ? 22.354  6.655   16.738  1.00 23.65 ? 163 PRO A CA  1 
ATOM   1087 C C   . PRO A 1 175 ? 22.709  6.187   15.330  1.00 28.30 ? 163 PRO A C   1 
ATOM   1088 O O   . PRO A 1 175 ? 21.837  5.683   14.577  1.00 21.82 ? 163 PRO A O   1 
ATOM   1089 C CB  . PRO A 1 175 ? 22.469  5.542   17.770  1.00 23.13 ? 163 PRO A CB  1 
ATOM   1090 C CG  . PRO A 1 175 ? 21.119  4.842   17.647  1.00 23.90 ? 163 PRO A CG  1 
ATOM   1091 C CD  . PRO A 1 175 ? 20.140  5.983   17.487  1.00 21.74 ? 163 PRO A CD  1 
ATOM   1092 N N   . ARG A 1 176 ? 23.969  6.385   14.959  1.00 23.75 ? 164 ARG A N   1 
ATOM   1093 C CA  . ARG A 1 176 ? 24.454  5.923   13.637  1.00 25.70 ? 164 ARG A CA  1 
ATOM   1094 C C   . ARG A 1 176 ? 24.776  4.443   13.744  1.00 24.95 ? 164 ARG A C   1 
ATOM   1095 O O   . ARG A 1 176 ? 25.929  4.077   14.117  1.00 24.39 ? 164 ARG A O   1 
ATOM   1096 C CB  . ARG A 1 176 ? 25.626  6.792   13.143  1.00 27.82 ? 164 ARG A CB  1 
ATOM   1097 C CG  . ARG A 1 176 ? 25.248  8.266   13.041  1.00 33.20 ? 164 ARG A CG  1 
ATOM   1098 C CD  . ARG A 1 176 ? 26.386  9.182   12.574  1.00 37.61 ? 164 ARG A CD  1 
ATOM   1099 N NE  . ARG A 1 176 ? 25.913  10.558  12.421  1.00 39.97 ? 164 ARG A NE  1 
ATOM   1100 C CZ  . ARG A 1 176 ? 25.024  11.009  11.521  1.00 41.03 ? 164 ARG A CZ  1 
ATOM   1101 N NH1 . ARG A 1 176 ? 24.655  12.283  11.540  1.00 42.43 ? 164 ARG A NH1 1 
ATOM   1102 N NH2 . ARG A 1 176 ? 24.509  10.217  10.596  1.00 37.31 ? 164 ARG A NH2 1 
ATOM   1103 N N   . THR A 1 177 ? 23.806  3.591   13.421  1.00 20.19 ? 165 THR A N   1 
ATOM   1104 C CA  . THR A 1 177 ? 23.949  2.130   13.523  1.00 20.68 ? 165 THR A CA  1 
ATOM   1105 C C   . THR A 1 177 ? 24.067  1.588   12.099  1.00 21.74 ? 165 THR A C   1 
ATOM   1106 O O   . THR A 1 177 ? 25.062  1.867   11.412  1.00 22.91 ? 165 THR A O   1 
ATOM   1107 C CB  . THR A 1 177 ? 22.818  1.545   14.387  1.00 20.20 ? 165 THR A CB  1 
ATOM   1108 O OG1 . THR A 1 177 ? 21.589  1.987   13.794  1.00 18.07 ? 165 THR A OG1 1 
ATOM   1109 C CG2 . THR A 1 177 ? 22.888  1.983   15.828  1.00 20.06 ? 165 THR A CG2 1 
ATOM   1110 N N   . LEU A 1 178 ? 23.037  0.914   11.619  1.00 19.17 ? 166 LEU A N   1 
ATOM   1111 C CA  . LEU A 1 178 ? 23.015  0.397   10.245  1.00 17.87 ? 166 LEU A CA  1 
ATOM   1112 C C   . LEU A 1 178 ? 22.993  1.558   9.266   1.00 16.98 ? 166 LEU A C   1 
ATOM   1113 O O   . LEU A 1 178 ? 22.431  2.611   9.552   1.00 18.22 ? 166 LEU A O   1 
ATOM   1114 C CB  . LEU A 1 178 ? 21.702  -0.356  10.006  1.00 17.44 ? 166 LEU A CB  1 
ATOM   1115 C CG  . LEU A 1 178 ? 21.505  -1.643  10.760  1.00 18.30 ? 166 LEU A CG  1 
ATOM   1116 C CD1 . LEU A 1 178 ? 20.199  -2.267  10.315  1.00 18.11 ? 166 LEU A CD1 1 
ATOM   1117 C CD2 . LEU A 1 178 ? 22.704  -2.594  10.591  1.00 18.60 ? 166 LEU A CD2 1 
ATOM   1118 N N   . PRO A 1 179 ? 23.462  1.337   8.027   1.00 17.38 ? 167 PRO A N   1 
ATOM   1119 C CA  . PRO A 1 179 ? 23.143  2.229   6.915   1.00 17.55 ? 167 PRO A CA  1 
ATOM   1120 C C   . PRO A 1 179 ? 21.627  2.510   6.847   1.00 18.39 ? 167 PRO A C   1 
ATOM   1121 O O   . PRO A 1 179 ? 20.823  1.536   6.832   1.00 15.23 ? 167 PRO A O   1 
ATOM   1122 C CB  . PRO A 1 179 ? 23.570  1.449   5.671   1.00 17.16 ? 167 PRO A CB  1 
ATOM   1123 C CG  . PRO A 1 179 ? 24.674  0.529   6.163   1.00 18.54 ? 167 PRO A CG  1 
ATOM   1124 C CD  . PRO A 1 179 ? 24.323  0.216   7.612   1.00 18.29 ? 167 PRO A CD  1 
ATOM   1125 N N   . ALA A 1 180 ? 21.259  3.789   6.786   1.00 16.13 ? 168 ALA A N   1 
ATOM   1126 C CA  . ALA A 1 180 ? 19.842  4.191   6.935   1.00 17.78 ? 168 ALA A CA  1 
ATOM   1127 C C   . ALA A 1 180 ? 19.004  3.548   5.834   1.00 16.69 ? 168 ALA A C   1 
ATOM   1128 O O   . ALA A 1 180 ? 17.810  3.179   6.106   1.00 15.88 ? 168 ALA A O   1 
ATOM   1129 C CB  . ALA A 1 180 ? 19.748  5.689   6.921   1.00 18.26 ? 168 ALA A CB  1 
ATOM   1130 N N   . HIS A 1 181 ? 19.515  3.493   4.603   1.00 14.84 ? 169 HIS A N   1 
ATOM   1131 C CA  . HIS A 1 181 ? 18.725  3.012   3.452   1.00 17.40 ? 169 HIS A CA  1 
ATOM   1132 C C   . HIS A 1 181 ? 18.428  1.498   3.586   1.00 14.86 ? 169 HIS A C   1 
ATOM   1133 O O   . HIS A 1 181 ? 17.341  1.049   3.210   1.00 14.02 ? 169 HIS A O   1 
ATOM   1134 C CB  . HIS A 1 181 ? 19.398  3.431   2.135   1.00 19.67 ? 169 HIS A CB  1 
ATOM   1135 C CG  . HIS A 1 181 ? 18.485  3.240   0.957   1.00 18.35 ? 169 HIS A CG  1 
ATOM   1136 N ND1 . HIS A 1 181 ? 18.383  2.038   0.288   1.00 16.65 ? 169 HIS A ND1 1 
ATOM   1137 C CD2 . HIS A 1 181 ? 17.558  4.068   0.425   1.00 17.55 ? 169 HIS A CD2 1 
ATOM   1138 C CE1 . HIS A 1 181 ? 17.519  2.180   -0.715  1.00 19.18 ? 169 HIS A CE1 1 
ATOM   1139 N NE2 . HIS A 1 181 ? 16.994  3.427   -0.648  1.00 17.19 ? 169 HIS A NE2 1 
ATOM   1140 N N   . GLU A 1 182 ? 19.373  0.731   4.115   1.00 14.73 ? 170 GLU A N   1 
ATOM   1141 C CA  . GLU A 1 182 ? 19.236  -0.734  4.350   1.00 14.40 ? 170 GLU A CA  1 
ATOM   1142 C C   . GLU A 1 182 ? 18.208  -0.972  5.457   1.00 14.55 ? 170 GLU A C   1 
ATOM   1143 O O   . GLU A 1 182 ? 17.347  -1.824  5.284   1.00 13.13 ? 170 GLU A O   1 
ATOM   1144 C CB  . GLU A 1 182 ? 20.617  -1.311  4.650   1.00 15.34 ? 170 GLU A CB  1 
ATOM   1145 C CG  . GLU A 1 182 ? 21.554  -1.178  3.432   1.00 17.05 ? 170 GLU A CG  1 
ATOM   1146 C CD  . GLU A 1 182 ? 23.006  -1.603  3.647   1.00 20.07 ? 170 GLU A CD  1 
ATOM   1147 O OE1 . GLU A 1 182 ? 23.313  -2.126  4.741   1.00 17.89 ? 170 GLU A OE1 1 
ATOM   1148 O OE2 . GLU A 1 182 ? 23.830  -1.334  2.710   1.00 21.47 ? 170 GLU A OE2 1 
ATOM   1149 N N   . LEU A 1 183 ? 18.331  -0.246  6.564   1.00 14.60 ? 171 LEU A N   1 
ATOM   1150 C CA  . LEU A 1 183 ? 17.350  -0.312  7.663   1.00 13.35 ? 171 LEU A CA  1 
ATOM   1151 C C   . LEU A 1 183 ? 15.962  0.039   7.114   1.00 12.34 ? 171 LEU A C   1 
ATOM   1152 O O   . LEU A 1 183 ? 15.026  -0.751  7.356   1.00 14.34 ? 171 LEU A O   1 
ATOM   1153 C CB  . LEU A 1 183 ? 17.793  0.653   8.741   1.00 14.61 ? 171 LEU A CB  1 
ATOM   1154 C CG  . LEU A 1 183 ? 16.834  0.803   9.919   1.00 14.62 ? 171 LEU A CG  1 
ATOM   1155 C CD1 . LEU A 1 183 ? 16.476  -0.571  10.519  1.00 14.05 ? 171 LEU A CD1 1 
ATOM   1156 C CD2 . LEU A 1 183 ? 17.456  1.703   10.973  1.00 16.11 ? 171 LEU A CD2 1 
ATOM   1157 N N   . ALA A 1 184 ? 15.847  1.133   6.364   1.00 12.96 ? 172 ALA A N   1 
ATOM   1158 C CA  . ALA A 1 184 ? 14.575  1.581   5.773   1.00 13.29 ? 172 ALA A CA  1 
ATOM   1159 C C   . ALA A 1 184 ? 14.012  0.479   4.898   1.00 13.48 ? 172 ALA A C   1 
ATOM   1160 O O   . ALA A 1 184 ? 12.807  0.267   4.922   1.00 13.51 ? 172 ALA A O   1 
ATOM   1161 C CB  . ALA A 1 184 ? 14.728  2.872   5.016   1.00 13.72 ? 172 ALA A CB  1 
ATOM   1162 N N   . THR A 1 185 ? 14.840  -0.169  4.071   1.00 12.12 ? 173 THR A N   1 
ATOM   1163 C CA  . THR A 1 185 ? 14.352  -1.189  3.144   1.00 11.93 ? 173 THR A CA  1 
ATOM   1164 C C   . THR A 1 185 ? 13.734  -2.356  3.944   1.00 11.68 ? 173 THR A C   1 
ATOM   1165 O O   . THR A 1 185 ? 12.624  -2.794  3.598   1.00 12.18 ? 173 THR A O   1 
ATOM   1166 C CB  . THR A 1 185 ? 15.478  -1.688  2.214   1.00 13.15 ? 173 THR A CB  1 
ATOM   1167 O OG1 . THR A 1 185 ? 15.974  -0.618  1.416   1.00 12.62 ? 173 THR A OG1 1 
ATOM   1168 C CG2 . THR A 1 185 ? 15.016  -2.780  1.294   1.00 13.41 ? 173 THR A CG2 1 
ATOM   1169 N N   . ALA A 1 186 ? 14.410  -2.858  4.957   1.00 11.32 ? 174 ALA A N   1 
ATOM   1170 C CA  . ALA A 1 186 ? 13.920  -4.026  5.738   1.00 11.85 ? 174 ALA A CA  1 
ATOM   1171 C C   . ALA A 1 186 ? 12.642  -3.630  6.490   1.00 11.57 ? 174 ALA A C   1 
ATOM   1172 O O   . ALA A 1 186 ? 11.712  -4.443  6.544   1.00 11.54 ? 174 ALA A O   1 
ATOM   1173 C CB  . ALA A 1 186 ? 14.957  -4.525  6.752   1.00 11.08 ? 174 ALA A CB  1 
ATOM   1174 N N   . LEU A 1 187 ? 12.576  -2.416  7.039   1.00 11.45 ? 175 LEU A N   1 
ATOM   1175 C CA  . LEU A 1 187 ? 11.353  -2.001  7.779   1.00 11.26 ? 175 LEU A CA  1 
ATOM   1176 C C   . LEU A 1 187 ? 10.170  -1.866  6.810   1.00 12.44 ? 175 LEU A C   1 
ATOM   1177 O O   . LEU A 1 187 ? 9.045   -2.240  7.180   1.00 11.82 ? 175 LEU A O   1 
ATOM   1178 C CB  . LEU A 1 187 ? 11.632  -0.708  8.529   1.00 11.75 ? 175 LEU A CB  1 
ATOM   1179 C CG  . LEU A 1 187 ? 12.623  -0.789  9.696   1.00 11.57 ? 175 LEU A CG  1 
ATOM   1180 C CD1 . LEU A 1 187 ? 12.769  0.617   10.270  1.00 12.93 ? 175 LEU A CD1 1 
ATOM   1181 C CD2 . LEU A 1 187 ? 12.167  -1.756  10.769  1.00 11.03 ? 175 LEU A CD2 1 
ATOM   1182 N N   . ASN A 1 188 ? 10.386  -1.300  5.623   1.00 12.07 ? 176 ASN A N   1 
ATOM   1183 C CA  . ASN A 1 188 ? 9.325   -1.201  4.593   1.00 12.64 ? 176 ASN A CA  1 
ATOM   1184 C C   . ASN A 1 188 ? 8.869   -2.596  4.166   1.00 12.69 ? 176 ASN A C   1 
ATOM   1185 O O   . ASN A 1 188 ? 7.647   -2.785  4.005   1.00 12.63 ? 176 ASN A O   1 
ATOM   1186 C CB  . ASN A 1 188 ? 9.752   -0.332  3.416   1.00 12.13 ? 176 ASN A CB  1 
ATOM   1187 C CG  . ASN A 1 188 ? 9.518   1.148   3.680   1.00 11.07 ? 176 ASN A CG  1 
ATOM   1188 O OD1 . ASN A 1 188 ? 8.580   1.705   3.112   1.00 14.61 ? 176 ASN A OD1 1 
ATOM   1189 N ND2 . ASN A 1 188 ? 10.336  1.792   4.496   1.00 12.42 ? 176 ASN A ND2 1 
ATOM   1190 N N   . LEU A 1 189 ? 9.798   -3.537  3.934   1.00 11.83 ? 177 LEU A N   1 
ATOM   1191 C CA  . LEU A 1 189 ? 9.422   -4.902  3.499   1.00 12.22 ? 177 LEU A CA  1 
ATOM   1192 C C   . LEU A 1 189 ? 8.692   -5.629  4.640   1.00 12.60 ? 177 LEU A C   1 
ATOM   1193 O O   . LEU A 1 189 ? 7.719   -6.375  4.361   1.00 11.78 ? 177 LEU A O   1 
ATOM   1194 C CB  . LEU A 1 189 ? 10.668  -5.667  3.050   1.00 12.61 ? 177 LEU A CB  1 
ATOM   1195 C CG  . LEU A 1 189 ? 11.227  -5.188  1.702   1.00 12.37 ? 177 LEU A CG  1 
ATOM   1196 C CD1 . LEU A 1 189 ? 12.514  -5.947  1.408   1.00 14.11 ? 177 LEU A CD1 1 
ATOM   1197 C CD2 . LEU A 1 189 ? 10.217  -5.372  0.609   1.00 14.26 ? 177 LEU A CD2 1 
ATOM   1198 N N   . MET A 1 190 ? 9.132   -5.418  5.865   1.00 12.56 ? 178 MET A N   1 
ATOM   1199 C CA  . MET A 1 190 ? 8.399   -5.959  7.024   1.00 13.17 ? 178 MET A CA  1 
ATOM   1200 C C   . MET A 1 190 ? 6.937   -5.489  6.981   1.00 12.53 ? 178 MET A C   1 
ATOM   1201 O O   . MET A 1 190 ? 6.005   -6.305  7.139   1.00 12.67 ? 178 MET A O   1 
ATOM   1202 C CB  . MET A 1 190 ? 8.982   -5.501  8.348   1.00 13.67 ? 178 MET A CB  1 
ATOM   1203 C CG  . MET A 1 190 ? 8.161   -6.030  9.530   1.00 12.95 ? 178 MET A CG  1 
ATOM   1204 S SD  . MET A 1 190 ? 8.837   -5.588  11.138  1.00 13.98 ? 178 MET A SD  1 
ATOM   1205 C CE  . MET A 1 190 ? 8.775   -3.799  11.073  1.00 12.42 ? 178 MET A CE  1 
ATOM   1206 N N   . ASN A 1 191 ? 6.727   -4.205  6.751   1.00 11.83 ? 179 ASN A N   1 
ATOM   1207 C CA  . ASN A 1 191 ? 5.358   -3.631  6.813   1.00 12.47 ? 179 ASN A CA  1 
ATOM   1208 C C   . ASN A 1 191 ? 4.549   -4.173  5.672   1.00 12.17 ? 179 ASN A C   1 
ATOM   1209 O O   . ASN A 1 191 ? 3.361   -4.547  5.870   1.00 11.11 ? 179 ASN A O   1 
ATOM   1210 C CB  . ASN A 1 191 ? 5.362   -2.097  6.749   1.00 12.63 ? 179 ASN A CB  1 
ATOM   1211 C CG  . ASN A 1 191 ? 5.775   -1.498  8.084   1.00 14.30 ? 179 ASN A CG  1 
ATOM   1212 O OD1 . ASN A 1 191 ? 6.346   -2.185  8.975   1.00 13.83 ? 179 ASN A OD1 1 
ATOM   1213 N ND2 . ASN A 1 191 ? 5.503   -0.205  8.203   1.00 13.00 ? 179 ASN A ND2 1 
ATOM   1214 N N   . GLU A 1 192 ? 5.147   -4.276  4.489   1.00 11.92 ? 180 GLU A N   1 
ATOM   1215 C CA  . GLU A 1 192 ? 4.433   -4.853  3.334   1.00 12.92 ? 180 GLU A CA  1 
ATOM   1216 C C   . GLU A 1 192 ? 3.916   -6.256  3.694   1.00 14.44 ? 180 GLU A C   1 
ATOM   1217 O O   . GLU A 1 192 ? 2.679   -6.550  3.597   1.00 13.39 ? 180 GLU A O   1 
ATOM   1218 C CB  . GLU A 1 192 ? 5.391   -4.919  2.134   1.00 13.69 ? 180 GLU A CB  1 
ATOM   1219 C CG  . GLU A 1 192 ? 4.744   -5.553  0.948   1.00 14.72 ? 180 GLU A CG  1 
ATOM   1220 C CD  . GLU A 1 192 ? 5.725   -5.911  -0.170  1.00 17.26 ? 180 GLU A CD  1 
ATOM   1221 O OE1 . GLU A 1 192 ? 6.421   -5.043  -0.651  1.00 15.09 ? 180 GLU A OE1 1 
ATOM   1222 O OE2 . GLU A 1 192 ? 5.732   -7.078  -0.595  1.00 21.23 ? 180 GLU A OE2 1 
ATOM   1223 N N   . ARG A 1 193 ? 4.812   -7.150  4.098   1.00 13.02 ? 181 ARG A N   1 
ATOM   1224 C CA  . ARG A 1 193 ? 4.398   -8.533  4.366   1.00 13.17 ? 181 ARG A CA  1 
ATOM   1225 C C   . ARG A 1 193 ? 3.442   -8.620  5.572   1.00 12.77 ? 181 ARG A C   1 
ATOM   1226 O O   . ARG A 1 193 ? 2.427   -9.434  5.499   1.00 12.37 ? 181 ARG A O   1 
ATOM   1227 C CB  . ARG A 1 193 ? 5.630   -9.385  4.567   1.00 14.44 ? 181 ARG A CB  1 
ATOM   1228 C CG  . ARG A 1 193 ? 5.311   -10.857 4.707   1.00 16.14 ? 181 ARG A CG  1 
ATOM   1229 C CD  . ARG A 1 193 ? 5.083   -11.397 3.333   1.00 20.81 ? 181 ARG A CD  1 
ATOM   1230 N NE  . ARG A 1 193 ? 4.562   -12.702 3.560   1.00 28.05 ? 181 ARG A NE  1 
ATOM   1231 C CZ  . ARG A 1 193 ? 3.265   -13.000 3.651   1.00 31.69 ? 181 ARG A CZ  1 
ATOM   1232 N NH1 . ARG A 1 193 ? 2.945   -14.247 3.897   1.00 35.76 ? 181 ARG A NH1 1 
ATOM   1233 N NH2 . ARG A 1 193 ? 2.322   -12.103 3.463   1.00 30.92 ? 181 ARG A NH2 1 
ATOM   1234 N N   . THR A 1 194 ? 3.720   -7.885  6.644   1.00 11.91 ? 182 THR A N   1 
ATOM   1235 C CA  . THR A 1 194 ? 2.987   -8.007  7.912   1.00 12.99 ? 182 THR A CA  1 
ATOM   1236 C C   . THR A 1 194 ? 1.590   -7.357  7.783   1.00 12.85 ? 182 THR A C   1 
ATOM   1237 O O   . THR A 1 194 ? 0.562   -8.019  8.146   1.00 12.94 ? 182 THR A O   1 
ATOM   1238 C CB  . THR A 1 194 ? 3.796   -7.423  9.064   1.00 14.27 ? 182 THR A CB  1 
ATOM   1239 O OG1 . THR A 1 194 ? 5.092   -8.039  9.078   1.00 14.38 ? 182 THR A OG1 1 
ATOM   1240 C CG2 . THR A 1 194 ? 3.078   -7.687  10.364  1.00 13.75 ? 182 THR A CG2 1 
ATOM   1241 N N   . LEU A 1 195 ? 1.499   -6.155  7.205   1.00 11.85 ? 183 LEU A N   1 
ATOM   1242 C CA  . LEU A 1 195 ? 0.172   -5.518  7.009   1.00 13.78 ? 183 LEU A CA  1 
ATOM   1243 C C   . LEU A 1 195 ? -0.677  -6.431  6.148   1.00 13.67 ? 183 LEU A C   1 
ATOM   1244 O O   . LEU A 1 195 ? -1.877  -6.704  6.472   1.00 14.72 ? 183 LEU A O   1 
ATOM   1245 C CB  . LEU A 1 195 ? 0.290   -4.142  6.372   1.00 12.87 ? 183 LEU A CB  1 
ATOM   1246 C CG  . LEU A 1 195 ? 0.842   -3.031  7.261   1.00 13.75 ? 183 LEU A CG  1 
ATOM   1247 C CD1 . LEU A 1 195 ? 1.040   -1.764  6.447   1.00 15.14 ? 183 LEU A CD1 1 
ATOM   1248 C CD2 . LEU A 1 195 ? -0.058  -2.783  8.449   1.00 13.88 ? 183 LEU A CD2 1 
ATOM   1249 N N   . PHE A 1 196 ? -0.154  -6.867  5.012   1.00 14.48 ? 184 PHE A N   1 
ATOM   1250 C CA  . PHE A 1 196 ? -0.981  -7.595  4.021   1.00 14.35 ? 184 PHE A CA  1 
ATOM   1251 C C   . PHE A 1 196 ? -1.344  -8.989  4.556   1.00 15.36 ? 184 PHE A C   1 
ATOM   1252 O O   . PHE A 1 196 ? -2.485  -9.450  4.309   1.00 15.28 ? 184 PHE A O   1 
ATOM   1253 C CB  . PHE A 1 196 ? -0.287  -7.587  2.656   1.00 15.44 ? 184 PHE A CB  1 
ATOM   1254 C CG  . PHE A 1 196 ? -0.071  -6.199  2.103   1.00 15.89 ? 184 PHE A CG  1 
ATOM   1255 C CD1 . PHE A 1 196 ? -0.676  -5.072  2.652   1.00 16.98 ? 184 PHE A CD1 1 
ATOM   1256 C CD2 . PHE A 1 196 ? 0.722   -6.013  0.987   1.00 18.02 ? 184 PHE A CD2 1 
ATOM   1257 C CE1 . PHE A 1 196 ? -0.442  -3.793  2.136   1.00 17.72 ? 184 PHE A CE1 1 
ATOM   1258 C CE2 . PHE A 1 196 ? 0.919   -4.745  0.445   1.00 15.79 ? 184 PHE A CE2 1 
ATOM   1259 C CZ  . PHE A 1 196 ? 0.355   -3.636  1.028   1.00 18.56 ? 184 PHE A CZ  1 
ATOM   1260 N N   . ALA A 1 197 ? -0.457  -9.662  5.291   1.00 14.21 ? 185 ALA A N   1 
ATOM   1261 C CA  . ALA A 1 197 ? -0.845  -10.939 5.933   1.00 16.06 ? 185 ALA A CA  1 
ATOM   1262 C C   . ALA A 1 197 ? -1.977  -10.698 6.952   1.00 14.78 ? 185 ALA A C   1 
ATOM   1263 O O   . ALA A 1 197 ? -2.902  -11.535 7.058   1.00 17.00 ? 185 ALA A O   1 
ATOM   1264 C CB  . ALA A 1 197 ? 0.352   -11.568 6.600   1.00 16.19 ? 185 ALA A CB  1 
ATOM   1265 N N   . SER A 1 198 ? -1.914  -9.607  7.699   1.00 14.93 ? 186 SER A N   1 
ATOM   1266 C CA  . SER A 1 198 ? -2.928  -9.282  8.721   1.00 15.87 ? 186 SER A CA  1 
ATOM   1267 C C   . SER A 1 198 ? -4.253  -9.026  7.987   1.00 16.62 ? 186 SER A C   1 
ATOM   1268 O O   . SER A 1 198 ? -5.317  -9.540  8.444   1.00 17.00 ? 186 SER A O   1 
ATOM   1269 C CB  . SER A 1 198 ? -2.561  -8.095  9.569   1.00 16.24 ? 186 SER A CB  1 
ATOM   1270 O OG  . SER A 1 198 ? -1.482  -8.414  10.451  1.00 21.71 ? 186 SER A OG  1 
ATOM   1271 N N   . PHE A 1 199 ? -4.234  -8.258  6.900   1.00 15.12 ? 187 PHE A N   1 
ATOM   1272 C CA  . PHE A 1 199 ? -5.494  -7.891  6.209   1.00 15.88 ? 187 PHE A CA  1 
ATOM   1273 C C   . PHE A 1 199 ? -6.108  -9.165  5.649   1.00 19.29 ? 187 PHE A C   1 
ATOM   1274 O O   . PHE A 1 199 ? -7.351  -9.307  5.693   1.00 21.76 ? 187 PHE A O   1 
ATOM   1275 C CB  . PHE A 1 199 ? -5.270  -6.900  5.064   1.00 16.03 ? 187 PHE A CB  1 
ATOM   1276 C CG  . PHE A 1 199 ? -4.750  -5.564  5.487   1.00 15.81 ? 187 PHE A CG  1 
ATOM   1277 C CD1 . PHE A 1 199 ? -5.012  -5.057  6.745   1.00 17.84 ? 187 PHE A CD1 1 
ATOM   1278 C CD2 . PHE A 1 199 ? -4.001  -4.799  4.608   1.00 17.50 ? 187 PHE A CD2 1 
ATOM   1279 C CE1 . PHE A 1 199 ? -4.533  -3.815  7.112   1.00 17.07 ? 187 PHE A CE1 1 
ATOM   1280 C CE2 . PHE A 1 199 ? -3.536  -3.559  4.987   1.00 17.01 ? 187 PHE A CE2 1 
ATOM   1281 C CZ  . PHE A 1 199 ? -3.744  -3.103  6.255   1.00 18.40 ? 187 PHE A CZ  1 
ATOM   1282 N N   . ALA A 1 200 ? -5.293  -10.072 5.138   1.00 18.61 ? 188 ALA A N   1 
ATOM   1283 C CA  . ALA A 1 200 ? -5.803  -11.312 4.520   1.00 23.63 ? 188 ALA A CA  1 
ATOM   1284 C C   . ALA A 1 200 ? -6.169  -12.338 5.590   1.00 22.82 ? 188 ALA A C   1 
ATOM   1285 O O   . ALA A 1 200 ? -6.729  -13.378 5.199   1.00 28.46 ? 188 ALA A O   1 
ATOM   1286 C CB  . ALA A 1 200 ? -4.841  -11.812 3.464   1.00 23.81 ? 188 ALA A CB  1 
ATOM   1287 N N   . GLY A 1 201 ? -5.938  -12.091 6.868   1.00 22.55 ? 189 GLY A N   1 
ATOM   1288 C CA  . GLY A 1 201 ? -6.081  -13.117 7.924   1.00 25.07 ? 189 GLY A CA  1 
ATOM   1289 C C   . GLY A 1 201 ? -5.256  -14.371 7.650   1.00 29.26 ? 189 GLY A C   1 
ATOM   1290 O O   . GLY A 1 201 ? -5.700  -15.498 8.053   1.00 27.40 ? 189 GLY A O   1 
ATOM   1291 N N   . GLU A 1 202 ? -4.045  -14.226 7.094   1.00 23.08 ? 190 GLU A N   1 
ATOM   1292 C CA  . GLU A 1 202 ? -3.163  -15.395 6.823   1.00 23.54 ? 190 GLU A CA  1 
ATOM   1293 C C   . GLU A 1 202 ? -2.828  -16.132 8.109   1.00 22.29 ? 190 GLU A C   1 
ATOM   1294 O O   . GLU A 1 202 ? -2.842  -15.535 9.196   1.00 19.16 ? 190 GLU A O   1 
ATOM   1295 C CB  . GLU A 1 202 ? -1.850  -14.987 6.163   1.00 22.17 ? 190 GLU A CB  1 
ATOM   1296 C CG  . GLU A 1 202 ? -2.033  -14.474 4.777   1.00 25.45 ? 190 GLU A CG  1 
ATOM   1297 C CD  . GLU A 1 202 ? -0.709  -14.181 4.088   1.00 27.59 ? 190 GLU A CD  1 
ATOM   1298 O OE1 . GLU A 1 202 ? 0.318   -14.690 4.546   1.00 25.56 ? 190 GLU A OE1 1 
ATOM   1299 O OE2 . GLU A 1 202 ? -0.735  -13.433 3.111   1.00 32.56 ? 190 GLU A OE2 1 
ATOM   1300 N N   . GLN A 1 203 ? -2.484  -17.421 8.004   1.00 22.20 ? 191 GLN A N   1 
ATOM   1301 C CA  . GLN A 1 203 ? -1.847  -18.118 9.144   1.00 23.65 ? 191 GLN A CA  1 
ATOM   1302 C C   . GLN A 1 203 ? -0.418  -18.423 8.712   1.00 23.33 ? 191 GLN A C   1 
ATOM   1303 O O   . GLN A 1 203 ? -0.146  -19.144 7.736   1.00 24.67 ? 191 GLN A O   1 
ATOM   1304 C CB  . GLN A 1 203 ? -2.646  -19.321 9.647   1.00 33.46 ? 191 GLN A CB  1 
ATOM   1305 C CG  . GLN A 1 203 ? -2.296  -19.652 11.103  1.00 42.94 ? 191 GLN A CG  1 
ATOM   1306 C CD  . GLN A 1 203 ? -3.409  -20.311 11.879  1.00 52.05 ? 191 GLN A CD  1 
ATOM   1307 O OE1 . GLN A 1 203 ? -3.228  -21.378 12.464  1.00 54.77 ? 191 GLN A OE1 1 
ATOM   1308 N NE2 . GLN A 1 203 ? -4.559  -19.662 11.916  1.00 59.17 ? 191 GLN A NE2 1 
ATOM   1309 N N   . PRO A 1 204 ? 0.582   -17.780 9.327   1.00 18.93 ? 192 PRO A N   1 
ATOM   1310 C CA  . PRO A 1 204 ? 0.422   -16.893 10.480  1.00 18.44 ? 192 PRO A CA  1 
ATOM   1311 C C   . PRO A 1 204 ? 0.198   -15.420 10.115  1.00 16.76 ? 192 PRO A C   1 
ATOM   1312 O O   . PRO A 1 204 ? 0.654   -14.948 9.058   1.00 17.55 ? 192 PRO A O   1 
ATOM   1313 C CB  . PRO A 1 204 ? 1.811   -17.048 11.120  1.00 21.75 ? 192 PRO A CB  1 
ATOM   1314 C CG  . PRO A 1 204 ? 2.730   -17.119 9.954   1.00 21.24 ? 192 PRO A CG  1 
ATOM   1315 C CD  . PRO A 1 204 ? 1.988   -17.915 8.901   1.00 22.00 ? 192 PRO A CD  1 
ATOM   1316 N N   . SER A 1 205 ? -0.341  -14.638 11.064  1.00 15.55 ? 193 SER A N   1 
ATOM   1317 C CA  . SER A 1 205 ? -0.403  -13.168 10.919  1.00 14.68 ? 193 SER A CA  1 
ATOM   1318 C C   . SER A 1 205 ? -0.570  -12.547 12.295  1.00 16.59 ? 193 SER A C   1 
ATOM   1319 O O   . SER A 1 205 ? -1.048  -13.223 13.186  1.00 15.71 ? 193 SER A O   1 
ATOM   1320 C CB  . SER A 1 205 ? -1.482  -12.755 9.921   1.00 15.51 ? 193 SER A CB  1 
ATOM   1321 O OG  . SER A 1 205 ? -2.760  -13.195 10.358  1.00 15.38 ? 193 SER A OG  1 
ATOM   1322 N N   . VAL A 1 206 ? -0.182  -11.298 12.436  1.00 15.79 ? 194 VAL A N   1 
ATOM   1323 C CA  . VAL A 1 206 ? -0.524  -10.469 13.604  1.00 15.92 ? 194 VAL A CA  1 
ATOM   1324 C C   . VAL A 1 206 ? -1.993  -10.103 13.446  1.00 16.01 ? 194 VAL A C   1 
ATOM   1325 O O   . VAL A 1 206 ? -2.429  -9.720  12.361  1.00 14.26 ? 194 VAL A O   1 
ATOM   1326 C CB  . VAL A 1 206 ? 0.358   -9.219  13.641  1.00 15.92 ? 194 VAL A CB  1 
ATOM   1327 C CG1 . VAL A 1 206 ? 0.017   -8.310  14.796  1.00 15.47 ? 194 VAL A CG1 1 
ATOM   1328 C CG2 . VAL A 1 206 ? 1.837   -9.595  13.708  1.00 16.43 ? 194 VAL A CG2 1 
ATOM   1329 N N   . PRO A 1 207 ? -2.815  -10.192 14.504  1.00 15.95 ? 195 PRO A N   1 
ATOM   1330 C CA  . PRO A 1 207 ? -4.193  -9.747  14.401  1.00 16.73 ? 195 PRO A CA  1 
ATOM   1331 C C   . PRO A 1 207 ? -4.216  -8.313  13.916  1.00 16.18 ? 195 PRO A C   1 
ATOM   1332 O O   . PRO A 1 207 ? -3.402  -7.490  14.347  1.00 14.64 ? 195 PRO A O   1 
ATOM   1333 C CB  . PRO A 1 207 ? -4.725  -9.824  15.852  1.00 17.91 ? 195 PRO A CB  1 
ATOM   1334 C CG  . PRO A 1 207 ? -3.843  -10.881 16.473  1.00 20.47 ? 195 PRO A CG  1 
ATOM   1335 C CD  . PRO A 1 207 ? -2.481  -10.726 15.820  1.00 18.92 ? 195 PRO A CD  1 
ATOM   1336 N N   . GLU A 1 208 ? -5.208  -7.975  13.115  1.00 14.87 ? 196 GLU A N   1 
ATOM   1337 C CA  . GLU A 1 208 ? -5.316  -6.623  12.546  1.00 16.22 ? 196 GLU A CA  1 
ATOM   1338 C C   . GLU A 1 208 ? -5.374  -5.548  13.627  1.00 16.56 ? 196 GLU A C   1 
ATOM   1339 O O   . GLU A 1 208 ? -4.728  -4.505  13.496  1.00 13.89 ? 196 GLU A O   1 
ATOM   1340 C CB  . GLU A 1 208 ? -6.540  -6.630  11.623  1.00 20.46 ? 196 GLU A CB  1 
ATOM   1341 C CG  . GLU A 1 208 ? -6.569  -5.434  10.763  1.00 22.92 ? 196 GLU A CG  1 
ATOM   1342 C CD  . GLU A 1 208 ? -7.667  -5.470  9.688   1.00 27.16 ? 196 GLU A CD  1 
ATOM   1343 O OE1 . GLU A 1 208 ? -8.286  -6.526  9.475   1.00 33.72 ? 196 GLU A OE1 1 
ATOM   1344 O OE2 . GLU A 1 208 ? -7.860  -4.443  9.078   1.00 32.48 ? 196 GLU A OE2 1 
ATOM   1345 N N   . ALA A 1 209 ? -6.038  -5.819  14.758  1.00 15.72 ? 197 ALA A N   1 
ATOM   1346 C CA  . ALA A 1 209 ? -6.139  -4.895  15.892  1.00 16.12 ? 197 ALA A CA  1 
ATOM   1347 C C   . ALA A 1 209 ? -4.807  -4.744  16.623  1.00 16.16 ? 197 ALA A C   1 
ATOM   1348 O O   . ALA A 1 209 ? -4.779  -3.909  17.491  1.00 17.03 ? 197 ALA A O   1 
ATOM   1349 C CB  . ALA A 1 209 ? -7.215  -5.415  16.855  1.00 18.38 ? 197 ALA A CB  1 
ATOM   1350 N N   . ARG A 1 210 ? -3.758  -5.513  16.327  1.00 14.10 ? 198 ARG A N   1 
ATOM   1351 C CA  . ARG A 1 210 ? -2.454  -5.434  17.049  1.00 14.78 ? 198 ARG A CA  1 
ATOM   1352 C C   . ARG A 1 210 ? -1.333  -4.996  16.085  1.00 14.13 ? 198 ARG A C   1 
ATOM   1353 O O   . ARG A 1 210 ? -0.208  -4.744  16.542  1.00 12.86 ? 198 ARG A O   1 
ATOM   1354 C CB  . ARG A 1 210 ? -2.141  -6.785  17.701  1.00 16.27 ? 198 ARG A CB  1 
ATOM   1355 C CG  . ARG A 1 210 ? -3.028  -7.129  18.891  1.00 17.48 ? 198 ARG A CG  1 
ATOM   1356 C CD  . ARG A 1 210 ? -2.868  -6.258  20.116  1.00 20.75 ? 198 ARG A CD  1 
ATOM   1357 N NE  . ARG A 1 210 ? -1.457  -6.084  20.396  1.00 21.35 ? 198 ARG A NE  1 
ATOM   1358 C CZ  . ARG A 1 210 ? -0.906  -4.947  20.819  1.00 22.15 ? 198 ARG A CZ  1 
ATOM   1359 N NH1 . ARG A 1 210 ? -1.685  -3.921  21.130  1.00 21.11 ? 198 ARG A NH1 1 
ATOM   1360 N NH2 . ARG A 1 210 ? 0.406   -4.848  20.988  1.00 20.18 ? 198 ARG A NH2 1 
ATOM   1361 N N   . VAL A 1 211 ? -1.598  -4.987  14.791  1.00 13.19 ? 199 VAL A N   1 
ATOM   1362 C CA  . VAL A 1 211 ? -0.491  -4.893  13.807  1.00 14.15 ? 199 VAL A CA  1 
ATOM   1363 C C   . VAL A 1 211 ? 0.109   -3.474  13.847  1.00 13.66 ? 199 VAL A C   1 
ATOM   1364 O O   . VAL A 1 211 ? 1.339   -3.342  13.777  1.00 13.74 ? 199 VAL A O   1 
ATOM   1365 C CB  . VAL A 1 211 ? -0.936  -5.348  12.406  1.00 14.23 ? 199 VAL A CB  1 
ATOM   1366 C CG1 . VAL A 1 211 ? -1.871  -4.370  11.746  1.00 15.78 ? 199 VAL A CG1 1 
ATOM   1367 C CG2 . VAL A 1 211 ? 0.315   -5.583  11.568  1.00 15.29 ? 199 VAL A CG2 1 
ATOM   1368 N N   . LEU A 1 212 ? -0.675  -2.411  14.047  1.00 15.59 ? 200 LEU A N   1 
ATOM   1369 C CA  . LEU A 1 212 ? -0.036  -1.070  14.053  1.00 15.14 ? 200 LEU A CA  1 
ATOM   1370 C C   . LEU A 1 212 ? 0.937   -0.959  15.230  1.00 16.43 ? 200 LEU A C   1 
ATOM   1371 O O   . LEU A 1 212 ? 2.116   -0.510  15.053  1.00 15.07 ? 200 LEU A O   1 
ATOM   1372 C CB  . LEU A 1 212 ? -1.131  0.006   14.072  1.00 17.17 ? 200 LEU A CB  1 
ATOM   1373 C CG  . LEU A 1 212 ? -0.650  1.442   13.979  1.00 18.68 ? 200 LEU A CG  1 
ATOM   1374 C CD1 . LEU A 1 212 ? 0.126   1.687   12.696  1.00 18.28 ? 200 LEU A CD1 1 
ATOM   1375 C CD2 . LEU A 1 212 ? -1.868  2.369   14.065  1.00 20.87 ? 200 LEU A CD2 1 
ATOM   1376 N N   . ASP A 1 213 ? 0.509   -1.363  16.439  1.00 15.34 ? 201 ASP A N   1 
ATOM   1377 C CA  . ASP A 1 213 ? 1.350   -1.232  17.645  1.00 16.47 ? 201 ASP A CA  1 
ATOM   1378 C C   . ASP A 1 213 ? 2.615   -2.104  17.459  1.00 14.30 ? 201 ASP A C   1 
ATOM   1379 O O   . ASP A 1 213 ? 3.722   -1.730  17.930  1.00 13.07 ? 201 ASP A O   1 
ATOM   1380 C CB  . ASP A 1 213 ? 0.583   -1.693  18.895  1.00 19.39 ? 201 ASP A CB  1 
ATOM   1381 C CG  . ASP A 1 213 ? -0.344  -0.679  19.587  1.00 25.26 ? 201 ASP A CG  1 
ATOM   1382 O OD1 . ASP A 1 213 ? -0.302  0.481   19.241  1.00 21.30 ? 201 ASP A OD1 1 
ATOM   1383 O OD2 . ASP A 1 213 ? -1.106  -1.108  20.534  1.00 25.11 ? 201 ASP A OD2 1 
ATOM   1384 N N   . THR A 1 214 ? 2.440   -3.255  16.825  1.00 13.78 ? 202 THR A N   1 
ATOM   1385 C CA  . THR A 1 214 ? 3.548   -4.211  16.635  1.00 12.87 ? 202 THR A CA  1 
ATOM   1386 C C   . THR A 1 214 ? 4.615   -3.539  15.768  1.00 12.55 ? 202 THR A C   1 
ATOM   1387 O O   . THR A 1 214 ? 5.840   -3.503  16.120  1.00 12.68 ? 202 THR A O   1 
ATOM   1388 C CB  . THR A 1 214 ? 3.023   -5.511  16.040  1.00 13.96 ? 202 THR A CB  1 
ATOM   1389 O OG1 . THR A 1 214 ? 2.035   -6.090  16.904  1.00 14.35 ? 202 THR A OG1 1 
ATOM   1390 C CG2 . THR A 1 214 ? 4.169   -6.482  15.835  1.00 13.65 ? 202 THR A CG2 1 
ATOM   1391 N N   . LEU A 1 215 ? 4.192   -3.022  14.635  1.00 12.68 ? 203 LEU A N   1 
ATOM   1392 C CA  . LEU A 1 215 ? 5.154   -2.403  13.694  1.00 12.69 ? 203 LEU A CA  1 
ATOM   1393 C C   . LEU A 1 215 ? 5.758   -1.141  14.256  1.00 13.32 ? 203 LEU A C   1 
ATOM   1394 O O   . LEU A 1 215 ? 6.949   -0.955  14.093  1.00 12.49 ? 203 LEU A O   1 
ATOM   1395 C CB  . LEU A 1 215 ? 4.449   -2.153  12.358  1.00 12.31 ? 203 LEU A CB  1 
ATOM   1396 C CG  . LEU A 1 215 ? 3.896   -3.407  11.693  1.00 12.33 ? 203 LEU A CG  1 
ATOM   1397 C CD1 . LEU A 1 215 ? 3.039   -3.022  10.497  1.00 13.47 ? 203 LEU A CD1 1 
ATOM   1398 C CD2 . LEU A 1 215 ? 5.026   -4.314  11.246  1.00 12.42 ? 203 LEU A CD2 1 
ATOM   1399 N N   . VAL A 1 216 ? 4.997   -0.322  14.964  1.00 13.31 ? 204 VAL A N   1 
ATOM   1400 C CA  . VAL A 1 216 ? 5.575   0.910   15.536  1.00 13.39 ? 204 VAL A CA  1 
ATOM   1401 C C   . VAL A 1 216 ? 6.688   0.530   16.510  1.00 12.98 ? 204 VAL A C   1 
ATOM   1402 O O   . VAL A 1 216 ? 7.756   1.179   16.528  1.00 12.66 ? 204 VAL A O   1 
ATOM   1403 C CB  . VAL A 1 216 ? 4.479   1.744   16.213  1.00 13.99 ? 204 VAL A CB  1 
ATOM   1404 C CG1 . VAL A 1 216 ? 5.136   2.827   17.025  1.00 16.60 ? 204 VAL A CG1 1 
ATOM   1405 C CG2 . VAL A 1 216 ? 3.484   2.295   15.196  1.00 13.68 ? 204 VAL A CG2 1 
ATOM   1406 N N   . HIS A 1 217 ? 6.484   -0.488  17.311  1.00 12.54 ? 205 HIS A N   1 
ATOM   1407 C CA  . HIS A 1 217 ? 7.494   -0.904  18.303  1.00 14.18 ? 205 HIS A CA  1 
ATOM   1408 C C   . HIS A 1 217 ? 8.813   -1.240  17.591  1.00 13.74 ? 205 HIS A C   1 
ATOM   1409 O O   . HIS A 1 217 ? 9.900   -0.823  18.011  1.00 12.80 ? 205 HIS A O   1 
ATOM   1410 C CB  . HIS A 1 217 ? 7.034   -2.120  19.078  1.00 13.73 ? 205 HIS A CB  1 
ATOM   1411 C CG  . HIS A 1 217 ? 8.133   -2.734  19.901  1.00 14.27 ? 205 HIS A CG  1 
ATOM   1412 N ND1 . HIS A 1 217 ? 8.455   -2.273  21.181  1.00 16.18 ? 205 HIS A ND1 1 
ATOM   1413 C CD2 . HIS A 1 217 ? 9.005   -3.711  19.641  1.00 13.60 ? 205 HIS A CD2 1 
ATOM   1414 C CE1 . HIS A 1 217 ? 9.456   -2.976  21.673  1.00 15.47 ? 205 HIS A CE1 1 
ATOM   1415 N NE2 . HIS A 1 217 ? 9.815   -3.892  20.758  1.00 14.64 ? 205 HIS A NE2 1 
ATOM   1416 N N   . ILE A 1 218 ? 8.704   -2.029  16.556  1.00 13.07 ? 206 ILE A N   1 
ATOM   1417 C CA  . ILE A 1 218 ? 9.903   -2.535  15.832  1.00 13.20 ? 206 ILE A CA  1 
ATOM   1418 C C   . ILE A 1 218 ? 10.592  -1.359  15.132  1.00 12.49 ? 206 ILE A C   1 
ATOM   1419 O O   . ILE A 1 218 ? 11.824  -1.320  15.120  1.00 13.89 ? 206 ILE A O   1 
ATOM   1420 C CB  . ILE A 1 218 ? 9.513   -3.705  14.902  1.00 12.55 ? 206 ILE A CB  1 
ATOM   1421 C CG1 . ILE A 1 218 ? 8.980   -4.878  15.727  1.00 13.42 ? 206 ILE A CG1 1 
ATOM   1422 C CG2 . ILE A 1 218 ? 10.716  -4.163  14.079  1.00 12.38 ? 206 ILE A CG2 1 
ATOM   1423 C CD1 . ILE A 1 218 ? 8.322   -5.969  14.888  1.00 13.81 ? 206 ILE A CD1 1 
ATOM   1424 N N   . TRP A 1 219 ? 9.821   -0.433  14.551  1.00 12.91 ? 207 TRP A N   1 
ATOM   1425 C CA  . TRP A 1 219 ? 10.385  0.752   13.847  1.00 13.01 ? 207 TRP A CA  1 
ATOM   1426 C C   . TRP A 1 219 ? 11.117  1.584   14.895  1.00 14.56 ? 207 TRP A C   1 
ATOM   1427 O O   . TRP A 1 219 ? 12.314  1.887   14.731  1.00 13.35 ? 207 TRP A O   1 
ATOM   1428 C CB  . TRP A 1 219 ? 9.320   1.559   13.121  1.00 12.15 ? 207 TRP A CB  1 
ATOM   1429 C CG  . TRP A 1 219 ? 8.970   1.014   11.772  1.00 11.91 ? 207 TRP A CG  1 
ATOM   1430 C CD1 . TRP A 1 219 ? 8.500   -0.240  11.466  1.00 11.55 ? 207 TRP A CD1 1 
ATOM   1431 C CD2 . TRP A 1 219 ? 8.972   1.746   10.546  1.00 12.28 ? 207 TRP A CD2 1 
ATOM   1432 N NE1 . TRP A 1 219 ? 8.257   -0.331  10.127  1.00 11.88 ? 207 TRP A NE1 1 
ATOM   1433 C CE2 . TRP A 1 219 ? 8.546   0.871   9.541   1.00 11.49 ? 207 TRP A CE2 1 
ATOM   1434 C CE3 . TRP A 1 219 ? 9.350   3.052   10.189  1.00 11.85 ? 207 TRP A CE3 1 
ATOM   1435 C CZ2 . TRP A 1 219 ? 8.447   1.251   8.202   1.00 12.48 ? 207 TRP A CZ2 1 
ATOM   1436 C CZ3 . TRP A 1 219 ? 9.259   3.422   8.874   1.00 13.42 ? 207 TRP A CZ3 1 
ATOM   1437 C CH2 . TRP A 1 219 ? 8.858   2.528   7.886   1.00 12.47 ? 207 TRP A CH2 1 
ATOM   1438 N N   . VAL A 1 220 ? 10.443  1.912   15.992  1.00 14.52 ? 208 VAL A N   1 
ATOM   1439 C CA  . VAL A 1 220 ? 11.068  2.854   16.964  1.00 15.47 ? 208 VAL A CA  1 
ATOM   1440 C C   . VAL A 1 220 ? 12.286  2.221   17.652  1.00 15.43 ? 208 VAL A C   1 
ATOM   1441 O O   . VAL A 1 220 ? 13.328  2.901   17.765  1.00 15.56 ? 208 VAL A O   1 
ATOM   1442 C CB  . VAL A 1 220 ? 9.998   3.330   17.970  1.00 18.50 ? 208 VAL A CB  1 
ATOM   1443 C CG1 . VAL A 1 220 ? 10.632  4.061   19.143  1.00 24.58 ? 208 VAL A CG1 1 
ATOM   1444 C CG2 . VAL A 1 220 ? 8.988   4.183   17.248  1.00 19.49 ? 208 VAL A CG2 1 
ATOM   1445 N N   . THR A 1 221 ? 12.226  0.955   18.050  1.00 14.56 ? 209 THR A N   1 
ATOM   1446 C CA  . THR A 1 221 ? 13.390  0.345   18.717  1.00 15.92 ? 209 THR A CA  1 
ATOM   1447 C C   . THR A 1 221 ? 14.557  0.208   17.742  1.00 15.82 ? 209 THR A C   1 
ATOM   1448 O O   . THR A 1 221 ? 15.730  0.401   18.170  1.00 15.39 ? 209 THR A O   1 
ATOM   1449 C CB  . THR A 1 221 ? 13.034  -0.985  19.359  1.00 16.17 ? 209 THR A CB  1 
ATOM   1450 O OG1 . THR A 1 221 ? 12.406  -1.852  18.413  1.00 15.30 ? 209 THR A OG1 1 
ATOM   1451 C CG2 . THR A 1 221 ? 12.158  -0.753  20.570  1.00 16.36 ? 209 THR A CG2 1 
ATOM   1452 N N   . SER A 1 222 ? 14.290  -0.130  16.498  1.00 13.31 ? 210 SER A N   1 
ATOM   1453 C CA  . SER A 1 222 ? 15.381  -0.381  15.531  1.00 13.14 ? 210 SER A CA  1 
ATOM   1454 C C   . SER A 1 222 ? 15.978  0.950   15.062  1.00 13.91 ? 210 SER A C   1 
ATOM   1455 O O   . SER A 1 222 ? 17.182  0.984   14.747  1.00 15.20 ? 210 SER A O   1 
ATOM   1456 C CB  . SER A 1 222 ? 14.928  -1.267  14.418  1.00 14.85 ? 210 SER A CB  1 
ATOM   1457 O OG  . SER A 1 222 ? 14.030  -0.610  13.568  1.00 14.91 ? 210 SER A OG  1 
ATOM   1458 N N   . ILE A 1 223 ? 15.200  2.028   15.022  1.00 13.80 ? 211 ILE A N   1 
ATOM   1459 C CA  . ILE A 1 223 ? 15.684  3.370   14.574  1.00 14.60 ? 211 ILE A CA  1 
ATOM   1460 C C   . ILE A 1 223 ? 16.438  4.044   15.719  1.00 16.88 ? 211 ILE A C   1 
ATOM   1461 O O   . ILE A 1 223 ? 17.476  4.690   15.452  1.00 15.73 ? 211 ILE A O   1 
ATOM   1462 C CB  . ILE A 1 223 ? 14.538  4.202   13.994  1.00 15.32 ? 211 ILE A CB  1 
ATOM   1463 C CG1 . ILE A 1 223 ? 14.042  3.592   12.680  1.00 14.39 ? 211 ILE A CG1 1 
ATOM   1464 C CG2 . ILE A 1 223 ? 14.941  5.667   13.806  1.00 15.80 ? 211 ILE A CG2 1 
ATOM   1465 C CD1 . ILE A 1 223 ? 12.738  4.194   12.155  1.00 15.31 ? 211 ILE A CD1 1 
ATOM   1466 N N   . TYR A 1 224 ? 15.984  3.890   16.957  1.00 16.17 ? 212 TYR A N   1 
ATOM   1467 C CA  . TYR A 1 224 ? 16.590  4.681   18.067  1.00 16.97 ? 212 TYR A CA  1 
ATOM   1468 C C   . TYR A 1 224 ? 17.486  3.818   18.944  1.00 19.57 ? 212 TYR A C   1 
ATOM   1469 O O   . TYR A 1 224 ? 18.196  4.403   19.801  1.00 18.99 ? 212 TYR A O   1 
ATOM   1470 C CB  . TYR A 1 224 ? 15.477  5.421   18.820  1.00 18.10 ? 212 TYR A CB  1 
ATOM   1471 C CG  . TYR A 1 224 ? 14.751  6.435   17.978  1.00 18.29 ? 212 TYR A CG  1 
ATOM   1472 C CD1 . TYR A 1 224 ? 15.254  7.716   17.754  1.00 17.52 ? 212 TYR A CD1 1 
ATOM   1473 C CD2 . TYR A 1 224 ? 13.529  6.123   17.391  1.00 16.56 ? 212 TYR A CD2 1 
ATOM   1474 C CE1 . TYR A 1 224 ? 14.628  8.606   16.906  1.00 15.71 ? 212 TYR A CE1 1 
ATOM   1475 C CE2 . TYR A 1 224 ? 12.880  7.014   16.568  1.00 17.32 ? 212 TYR A CE2 1 
ATOM   1476 C CZ  . TYR A 1 224 ? 13.399  8.283   16.360  1.00 17.00 ? 212 TYR A CZ  1 
ATOM   1477 O OH  . TYR A 1 224 ? 12.751  9.136   15.525  1.00 18.40 ? 212 TYR A OH  1 
ATOM   1478 N N   . GLY A 1 225 ? 17.505  2.494   18.768  1.00 19.46 ? 213 GLY A N   1 
ATOM   1479 C CA  . GLY A 1 225 ? 18.223  1.557   19.638  1.00 21.15 ? 213 GLY A CA  1 
ATOM   1480 C C   . GLY A 1 225 ? 19.705  1.483   19.285  1.00 23.74 ? 213 GLY A C   1 
ATOM   1481 O O   . GLY A 1 225 ? 20.033  1.465   18.094  1.00 25.77 ? 213 GLY A O   1 
ATOM   1482 N N   . GLU A 1 226 ? 20.573  1.474   20.297  1.00 34.41 ? 214 GLU A N   1 
ATOM   1483 C CA  . GLU A 1 226 ? 22.060  1.347   20.149  1.00 37.79 ? 214 GLU A CA  1 
ATOM   1484 C C   . GLU A 1 226 ? 22.388  -0.074  19.732  1.00 40.24 ? 214 GLU A C   1 
ATOM   1485 O O   . GLU A 1 226 ? 22.050  -0.759  20.681  1.00 38.95 ? 214 GLU A O   1 
ATOM   1486 C CB  . GLU A 1 226 ? 22.733  1.589   21.489  1.00 44.81 ? 214 GLU A CB  1 
ATOM   1487 C CG  . GLU A 1 226 ? 22.369  2.923   22.098  1.00 48.15 ? 214 GLU A CG  1 
ATOM   1488 C CD  . GLU A 1 226 ? 23.027  4.091   21.406  1.00 57.12 ? 214 GLU A CD  1 
ATOM   1489 O OE1 . GLU A 1 226 ? 24.059  3.867   20.714  1.00 56.34 ? 214 GLU A OE1 1 
ATOM   1490 O OE2 . GLU A 1 226 ? 22.516  5.214   21.570  1.00 56.69 ? 214 GLU A OE2 1 
HETATM 1491 C C4  . GJ5 B 2 .   ? 7.034   9.340   9.602   1.00 22.35 ? 301 GJ5 A C4  1 
HETATM 1492 C C14 . GJ5 B 2 .   ? 5.507   1.659   5.196   1.00 14.38 ? 301 GJ5 A C14 1 
HETATM 1493 C C5  . GJ5 B 2 .   ? 7.476   8.539   8.413   1.00 20.90 ? 301 GJ5 A C5  1 
HETATM 1494 C C6  . GJ5 B 2 .   ? 7.380   6.771   6.986   1.00 17.23 ? 301 GJ5 A C6  1 
HETATM 1495 C C11 . GJ5 B 2 .   ? 6.014   2.987   5.600   1.00 14.63 ? 301 GJ5 A C11 1 
HETATM 1496 C C7  . GJ5 B 2 .   ? 8.458   7.452   6.429   1.00 18.86 ? 301 GJ5 A C7  1 
HETATM 1497 C C8  . GJ5 B 2 .   ? 6.892   5.484   6.462   1.00 15.26 ? 301 GJ5 A C8  1 
HETATM 1498 C C9  . GJ5 B 2 .   ? 7.185   5.061   5.195   1.00 15.63 ? 301 GJ5 A C9  1 
HETATM 1499 C C10 . GJ5 B 2 .   ? 6.778   3.795   4.728   1.00 14.46 ? 301 GJ5 A C10 1 
HETATM 1500 C C12 . GJ5 B 2 .   ? 5.732   3.411   6.895   1.00 15.09 ? 301 GJ5 A C12 1 
HETATM 1501 C C13 . GJ5 B 2 .   ? 6.182   4.642   7.315   1.00 15.42 ? 301 GJ5 A C13 1 
HETATM 1502 N N1  . GJ5 B 2 .   ? 6.832   7.408   8.035   1.00 18.97 ? 301 GJ5 A N1  1 
HETATM 1503 N N2  . GJ5 B 2 .   ? 6.005   1.135   4.056   1.00 14.30 ? 301 GJ5 A N2  1 
HETATM 1504 C C3  . GJ5 B 2 .   ? 5.444   10.604  8.136   1.00 26.63 ? 301 GJ5 A C3  1 
HETATM 1505 C C1  . GJ5 B 2 .   ? 6.168   11.677  10.185  1.00 28.37 ? 301 GJ5 A C1  1 
HETATM 1506 C C2  . GJ5 B 2 .   ? 6.591   10.704  9.095   1.00 25.08 ? 301 GJ5 A C2  1 
HETATM 1507 S S1  . GJ5 B 2 .   ? 8.776   8.900   7.323   1.00 21.64 ? 301 GJ5 A S1  1 
HETATM 1508 O O1  . GJ5 B 2 .   ? 4.592   1.071   5.875   1.00 15.75 ? 301 GJ5 A O1  1 
HETATM 1509 C C15 . GJ5 B 2 .   ? 5.423   -0.101  3.510   1.00 14.56 ? 301 GJ5 A C15 1 
HETATM 1510 C C16 . GJ5 B 2 .   ? 4.170   0.201   2.690   1.00 14.85 ? 301 GJ5 A C16 1 
HETATM 1511 C C17 . GJ5 B 2 .   ? 3.337   -1.025  2.379   1.00 20.00 ? 301 GJ5 A C17 1 
HETATM 1512 F F1  . GJ5 B 2 .   ? 2.978   -1.577  3.509   1.00 20.98 ? 301 GJ5 A F1  1 
HETATM 1513 F F2  . GJ5 B 2 .   ? 2.282   -0.718  1.642   1.00 24.68 ? 301 GJ5 A F2  1 
HETATM 1514 F F3  . GJ5 B 2 .   ? 4.053   -1.929  1.732   1.00 17.31 ? 301 GJ5 A F3  1 
HETATM 1515 O O   . HOH C 3 .   ? 3.959   -15.829 5.191   1.00 27.92 ? 401 HOH A O   1 
HETATM 1516 O O   . HOH C 3 .   ? -1.317  -4.142  -3.257  1.00 38.52 ? 402 HOH A O   1 
HETATM 1517 O O   . HOH C 3 .   ? 1.200   6.195   -10.622 1.00 34.76 ? 403 HOH A O   1 
HETATM 1518 O O   . HOH C 3 .   ? 16.662  9.003   1.273   1.00 25.70 ? 404 HOH A O   1 
HETATM 1519 O O   . HOH C 3 .   ? -2.651  -11.240 -2.450  1.00 23.19 ? 405 HOH A O   1 
HETATM 1520 O O   . HOH C 3 .   ? 20.306  7.630   3.391   1.00 29.52 ? 406 HOH A O   1 
HETATM 1521 O O   . HOH C 3 .   ? 23.125  10.711  15.725  1.00 33.69 ? 407 HOH A O   1 
HETATM 1522 O O   . HOH C 3 .   ? -3.304  -6.018  -13.480 1.00 29.73 ? 408 HOH A O   1 
HETATM 1523 O O   . HOH C 3 .   ? 10.597  5.430   -7.226  1.00 23.95 ? 409 HOH A O   1 
HETATM 1524 O O   . HOH C 3 .   ? -1.594  -5.612  -15.616 1.00 34.93 ? 410 HOH A O   1 
HETATM 1525 O O   . HOH C 3 .   ? 22.455  -2.761  7.110   1.00 19.84 ? 411 HOH A O   1 
HETATM 1526 O O   . HOH C 3 .   ? 1.695   -15.589 6.567   1.00 21.58 ? 412 HOH A O   1 
HETATM 1527 O O   . HOH C 3 .   ? 7.226   -5.268  -7.567  1.00 26.98 ? 413 HOH A O   1 
HETATM 1528 O O   . HOH C 3 .   ? 3.667   0.274   -13.993 1.00 30.86 ? 414 HOH A O   1 
HETATM 1529 O O   . HOH C 3 .   ? 19.599  2.171   15.510  1.00 16.88 ? 415 HOH A O   1 
HETATM 1530 O O   . HOH C 3 .   ? -22.723 -1.649  -27.441 1.00 20.14 ? 416 HOH A O   1 
HETATM 1531 O O   . HOH C 3 .   ? 22.938  -0.206  0.491   0.50 14.69 ? 417 HOH A O   1 
HETATM 1532 O O   . HOH C 3 .   ? 17.787  13.600  5.566   1.00 31.93 ? 418 HOH A O   1 
HETATM 1533 O O   . HOH C 3 .   ? -10.656 -3.054  -2.086  1.00 23.11 ? 419 HOH A O   1 
HETATM 1534 O O   . HOH C 3 .   ? 25.705  7.548   16.677  1.00 31.96 ? 420 HOH A O   1 
HETATM 1535 O O   . HOH C 3 .   ? 19.386  4.994   13.556  1.00 16.89 ? 421 HOH A O   1 
HETATM 1536 O O   . HOH C 3 .   ? 16.047  -0.717  -1.308  1.00 23.34 ? 422 HOH A O   1 
HETATM 1537 O O   . HOH C 3 .   ? -22.581 0.191   -24.067 1.00 30.65 ? 423 HOH A O   1 
HETATM 1538 O O   . HOH C 3 .   ? 3.711   0.233   19.830  1.00 20.65 ? 424 HOH A O   1 
HETATM 1539 O O   . HOH C 3 .   ? -3.563  -2.310  14.641  1.00 14.83 ? 425 HOH A O   1 
HETATM 1540 O O   . HOH C 3 .   ? -4.492  10.777  0.120   1.00 29.03 ? 426 HOH A O   1 
HETATM 1541 O O   . HOH C 3 .   ? 4.453   -9.250  0.529   1.00 22.69 ? 427 HOH A O   1 
HETATM 1542 O O   . HOH C 3 .   ? -5.103  -10.487 -8.983  1.00 26.47 ? 428 HOH A O   1 
HETATM 1543 O O   . HOH C 3 .   ? 6.048   1.462   20.526  1.00 31.45 ? 429 HOH A O   1 
HETATM 1544 O O   . HOH C 3 .   ? 2.275   -8.992  -0.978  1.00 34.06 ? 430 HOH A O   1 
HETATM 1545 O O   . HOH C 3 .   ? 0.774   -10.110 10.070  1.00 17.63 ? 431 HOH A O   1 
HETATM 1546 O O   . HOH C 3 .   ? 14.845  3.753   -2.469  1.00 17.80 ? 432 HOH A O   1 
HETATM 1547 O O   . HOH C 3 .   ? 1.346   -2.744  22.637  1.00 25.81 ? 433 HOH A O   1 
HETATM 1548 O O   . HOH C 3 .   ? -3.700  -8.619  1.855   1.00 20.65 ? 434 HOH A O   1 
HETATM 1549 O O   . HOH C 3 .   ? -2.835  -18.508 5.376   1.00 34.13 ? 435 HOH A O   1 
HETATM 1550 O O   . HOH C 3 .   ? 23.341  5.760   6.742   1.00 26.78 ? 436 HOH A O   1 
HETATM 1551 O O   . HOH C 3 .   ? -2.226  -1.965  17.092  1.00 15.04 ? 437 HOH A O   1 
HETATM 1552 O O   . HOH C 3 .   ? -1.960  8.801   10.119  1.00 23.35 ? 438 HOH A O   1 
HETATM 1553 O O   . HOH C 3 .   ? -8.015  -9.851  2.103   1.00 31.61 ? 439 HOH A O   1 
HETATM 1554 O O   . HOH C 3 .   ? -6.249  -7.916  1.848   1.00 21.05 ? 440 HOH A O   1 
HETATM 1555 O O   . HOH C 3 .   ? -11.492 -3.203  2.605   1.00 26.29 ? 441 HOH A O   1 
HETATM 1556 O O   . HOH C 3 .   ? -8.115  -7.958  14.833  1.00 17.94 ? 442 HOH A O   1 
HETATM 1557 O O   . HOH C 3 .   ? 8.263   8.449   21.759  1.00 29.67 ? 443 HOH A O   1 
HETATM 1558 O O   . HOH C 3 .   ? -12.112 -4.219  -0.039  1.00 30.93 ? 444 HOH A O   1 
HETATM 1559 O O   . HOH C 3 .   ? 10.358  12.253  21.291  1.00 37.79 ? 445 HOH A O   1 
HETATM 1560 O O   . HOH C 3 .   ? -0.362  -12.058 -3.300  1.00 35.26 ? 446 HOH A O   1 
HETATM 1561 O O   . HOH C 3 .   ? -3.789  13.127  1.156   1.00 37.68 ? 447 HOH A O   1 
HETATM 1562 O O   . HOH C 3 .   ? -24.214 -3.869  -27.458 1.00 24.54 ? 448 HOH A O   1 
HETATM 1563 O O   . HOH C 3 .   ? 5.334   -11.726 -0.111  0.50 26.69 ? 449 HOH A O   1 
HETATM 1564 O O   . HOH C 3 .   ? 14.941  1.039   -2.996  1.00 22.05 ? 450 HOH A O   1 
HETATM 1565 O O   . HOH C 3 .   ? 0.404   -10.065 0.141   1.00 29.96 ? 451 HOH A O   1 
HETATM 1566 O O   . HOH C 3 .   ? -5.163  -0.187  15.041  1.00 29.74 ? 452 HOH A O   1 
HETATM 1567 O O   . HOH C 3 .   ? -3.684  -8.855  -13.381 1.00 37.47 ? 453 HOH A O   1 
# 
